data_2AMF
#
_entry.id   2AMF
#
_cell.length_a   171.822
_cell.length_b   109.960
_cell.length_c   84.158
_cell.angle_alpha   90.00
_cell.angle_beta   95.38
_cell.angle_gamma   90.00
#
_symmetry.space_group_name_H-M   'C 1 2 1'
#
loop_
_entity.id
_entity.type
_entity.pdbx_description
1 polymer '1-Pyrroline-5-Carboxylate reductase'
2 non-polymer 'SODIUM ION'
3 non-polymer PROLINE
4 water water
#
_entity_poly.entity_id   1
_entity_poly.type   'polypeptide(L)'
_entity_poly.pdbx_seq_one_letter_code
;SNAMKIGIIGVGKMASAIIKGLKQTPHELIISGSSLERSKEIAEQLALPYAMSHQDLIDQVDLVILGIKPQLFETVLKPL
HFKQPIISMAAGISLQRLATFVGQDLPLLRIMPNMNAQILQSSTALTGNALVSQELQARVRDLTDSFGSTFDISEKDFDT
FTALAGSSPAYIYLFIEALAKAGVKNGIPKAKALEIVTQTVLASASNLKTSSQSPHDFIDAICSPGGTTIAGLMELERLG
LTATVSSAIDKTIDKAKSL
;
_entity_poly.pdbx_strand_id   A,B,C,D,E
#
loop_
_chem_comp.id
_chem_comp.type
_chem_comp.name
_chem_comp.formula
NA non-polymer 'SODIUM ION' 'Na 1'
#
# COMPACT_ATOMS: atom_id res chain seq x y z
N ALA A 3 -2.72 -39.47 -27.41
CA ALA A 3 -3.83 -38.58 -26.99
C ALA A 3 -4.65 -39.18 -25.85
N MET A 4 -4.14 -39.04 -24.63
CA MET A 4 -4.76 -39.67 -23.46
C MET A 4 -6.03 -38.96 -23.00
N LYS A 5 -6.70 -39.58 -22.03
CA LYS A 5 -7.89 -39.02 -21.42
C LYS A 5 -7.53 -38.53 -20.02
N ILE A 6 -7.88 -37.27 -19.74
CA ILE A 6 -7.53 -36.64 -18.47
C ILE A 6 -8.76 -36.26 -17.65
N GLY A 7 -8.74 -36.63 -16.38
CA GLY A 7 -9.81 -36.31 -15.45
C GLY A 7 -9.38 -35.36 -14.35
N ILE A 8 -10.21 -34.35 -14.11
CA ILE A 8 -9.95 -33.37 -13.07
C ILE A 8 -10.97 -33.52 -11.96
N ILE A 9 -10.47 -33.83 -10.76
CA ILE A 9 -11.28 -33.91 -9.55
C ILE A 9 -11.14 -32.63 -8.73
N GLY A 10 -12.26 -31.94 -8.52
CA GLY A 10 -12.27 -30.64 -7.88
C GLY A 10 -11.95 -29.57 -8.91
N VAL A 11 -12.88 -28.64 -9.10
CA VAL A 11 -12.71 -27.59 -10.11
C VAL A 11 -13.11 -26.22 -9.53
N GLY A 12 -12.16 -25.61 -8.82
CA GLY A 12 -12.31 -24.26 -8.33
C GLY A 12 -11.62 -23.36 -9.32
N LYS A 13 -11.21 -22.18 -8.88
CA LYS A 13 -10.65 -21.17 -9.82
C LYS A 13 -9.32 -21.57 -10.47
N MET A 14 -8.39 -22.13 -9.69
CA MET A 14 -7.10 -22.57 -10.24
C MET A 14 -7.29 -23.68 -11.27
N ALA A 15 -8.04 -24.71 -10.91
CA ALA A 15 -8.34 -25.82 -11.83
C ALA A 15 -9.04 -25.35 -13.11
N SER A 16 -10.00 -24.42 -12.97
CA SER A 16 -10.68 -23.82 -14.12
C SER A 16 -9.71 -23.10 -15.05
N ALA A 17 -8.79 -22.33 -14.46
CA ALA A 17 -7.82 -21.54 -15.23
C ALA A 17 -6.89 -22.42 -16.06
N ILE A 18 -6.70 -23.65 -15.61
CA ILE A 18 -5.79 -24.61 -16.21
C ILE A 18 -6.42 -25.35 -17.42
N ILE A 19 -7.73 -25.60 -17.31
CA ILE A 19 -8.51 -26.24 -18.36
C ILE A 19 -8.51 -25.52 -19.70
N LYS A 20 -8.58 -24.20 -19.67
CA LYS A 20 -8.48 -23.38 -20.89
C LYS A 20 -7.26 -23.76 -21.75
N GLY A 21 -6.11 -23.92 -21.09
CA GLY A 21 -4.89 -24.40 -21.69
C GLY A 21 -4.91 -25.87 -22.08
N LEU A 22 -5.50 -26.72 -21.23
CA LEU A 22 -5.63 -28.16 -21.55
C LEU A 22 -6.54 -28.42 -22.76
N LYS A 23 -7.49 -27.51 -22.99
CA LYS A 23 -8.37 -27.58 -24.17
C LYS A 23 -7.62 -27.43 -25.48
N GLN A 24 -6.47 -26.76 -25.42
CA GLN A 24 -5.64 -26.58 -26.61
C GLN A 24 -4.61 -27.71 -26.78
N THR A 25 -4.72 -28.76 -25.96
CA THR A 25 -3.95 -29.98 -26.19
C THR A 25 -4.82 -31.01 -26.95
N PRO A 26 -4.20 -32.06 -27.53
CA PRO A 26 -4.99 -33.10 -28.21
C PRO A 26 -5.82 -33.97 -27.27
N HIS A 27 -5.64 -33.80 -25.97
CA HIS A 27 -6.23 -34.72 -24.99
C HIS A 27 -7.71 -34.50 -24.75
N GLU A 28 -8.38 -35.56 -24.35
CA GLU A 28 -9.79 -35.50 -24.00
C GLU A 28 -9.89 -35.29 -22.51
N LEU A 29 -10.84 -34.45 -22.12
CA LEU A 29 -10.95 -34.02 -20.74
C LEU A 29 -12.30 -34.36 -20.15
N ILE A 30 -12.31 -34.61 -18.85
CA ILE A 30 -13.55 -34.82 -18.10
C ILE A 30 -13.33 -34.31 -16.67
N ILE A 31 -14.40 -33.77 -16.08
CA ILE A 31 -14.32 -33.14 -14.76
C ILE A 31 -15.27 -33.78 -13.74
N SER A 32 -14.95 -33.63 -12.46
CA SER A 32 -15.80 -34.13 -11.39
C SER A 32 -15.70 -33.15 -10.23
N GLY A 33 -16.83 -32.53 -9.87
CA GLY A 33 -16.90 -31.56 -8.79
C GLY A 33 -17.33 -32.11 -7.44
N SER A 34 -17.63 -31.21 -6.49
CA SER A 34 -17.97 -31.58 -5.11
C SER A 34 -19.39 -32.15 -4.92
N SER A 35 -20.25 -31.95 -5.93
CA SER A 35 -21.55 -32.62 -6.02
C SER A 35 -21.87 -32.81 -7.49
N LEU A 36 -22.91 -33.59 -7.78
CA LEU A 36 -23.35 -33.77 -9.17
C LEU A 36 -23.88 -32.47 -9.79
N GLU A 37 -24.57 -31.67 -8.97
CA GLU A 37 -25.11 -30.41 -9.42
C GLU A 37 -23.99 -29.43 -9.73
N ARG A 38 -23.01 -29.36 -8.81
CA ARG A 38 -21.84 -28.51 -9.01
C ARG A 38 -21.05 -28.96 -10.22
N SER A 39 -20.86 -30.27 -10.37
CA SER A 39 -20.26 -30.86 -11.58
C SER A 39 -20.90 -30.38 -12.89
N LYS A 40 -22.22 -30.44 -12.96
CA LYS A 40 -22.99 -29.98 -14.13
C LYS A 40 -22.79 -28.49 -14.39
N GLU A 41 -22.91 -27.69 -13.32
CA GLU A 41 -22.73 -26.24 -13.38
C GLU A 41 -21.42 -25.87 -14.05
N ILE A 42 -20.33 -26.45 -13.55
CA ILE A 42 -18.99 -26.15 -14.03
C ILE A 42 -18.71 -26.74 -15.40
N ALA A 43 -19.14 -27.99 -15.61
CA ALA A 43 -19.09 -28.63 -16.93
C ALA A 43 -19.80 -27.79 -18.01
N GLU A 44 -20.95 -27.20 -17.66
CA GLU A 44 -21.67 -26.29 -18.56
C GLU A 44 -20.78 -25.13 -19.01
N GLN A 45 -20.25 -24.39 -18.05
CA GLN A 45 -19.50 -23.20 -18.41
C GLN A 45 -18.13 -23.46 -19.07
N LEU A 46 -17.60 -24.66 -18.89
CA LEU A 46 -16.34 -25.04 -19.56
C LEU A 46 -16.56 -25.79 -20.89
N ALA A 47 -17.80 -26.17 -21.17
CA ALA A 47 -18.15 -26.97 -22.35
C ALA A 47 -17.35 -28.28 -22.40
N LEU A 48 -17.38 -28.99 -21.29
CA LEU A 48 -16.71 -30.28 -21.16
C LEU A 48 -17.67 -31.29 -20.55
N PRO A 49 -17.47 -32.60 -20.85
CA PRO A 49 -18.24 -33.64 -20.17
C PRO A 49 -17.91 -33.73 -18.69
N TYR A 50 -18.85 -34.23 -17.91
CA TYR A 50 -18.59 -34.55 -16.51
C TYR A 50 -18.95 -36.00 -16.18
N ALA A 51 -18.44 -36.46 -15.04
CA ALA A 51 -18.61 -37.82 -14.58
C ALA A 51 -19.67 -37.91 -13.47
N MET A 52 -20.15 -39.12 -13.21
CA MET A 52 -21.21 -39.35 -12.22
C MET A 52 -20.70 -39.39 -10.78
N SER A 53 -19.40 -39.63 -10.64
CA SER A 53 -18.74 -39.66 -9.34
C SER A 53 -17.24 -39.60 -9.59
N HIS A 54 -16.48 -39.36 -8.52
CA HIS A 54 -15.03 -39.39 -8.64
C HIS A 54 -14.53 -40.75 -9.17
N GLN A 55 -15.05 -41.85 -8.61
CA GLN A 55 -14.67 -43.20 -9.06
C GLN A 55 -14.98 -43.46 -10.53
N ASP A 56 -16.14 -43.00 -10.97
CA ASP A 56 -16.52 -43.11 -12.39
C ASP A 56 -15.52 -42.39 -13.31
N LEU A 57 -15.03 -41.24 -12.84
CA LEU A 57 -13.93 -40.50 -13.49
C LEU A 57 -12.67 -41.35 -13.50
N ILE A 58 -12.30 -41.88 -12.34
CA ILE A 58 -11.07 -42.66 -12.20
C ILE A 58 -11.07 -43.88 -13.14
N ASP A 59 -12.23 -44.54 -13.24
CA ASP A 59 -12.39 -45.73 -14.07
C ASP A 59 -12.16 -45.54 -15.58
N GLN A 60 -12.29 -44.32 -16.10
CA GLN A 60 -12.17 -44.08 -17.54
C GLN A 60 -10.96 -43.27 -18.04
N VAL A 61 -10.08 -42.93 -17.12
CA VAL A 61 -9.14 -41.85 -17.34
C VAL A 61 -7.69 -42.35 -17.20
N ASP A 62 -6.79 -41.79 -18.00
CA ASP A 62 -5.37 -42.20 -18.02
C ASP A 62 -4.52 -41.44 -17.02
N LEU A 63 -5.00 -40.27 -16.62
CA LEU A 63 -4.27 -39.34 -15.78
C LEU A 63 -5.29 -38.55 -14.96
N VAL A 64 -5.03 -38.39 -13.66
CA VAL A 64 -5.90 -37.58 -12.79
C VAL A 64 -5.19 -36.30 -12.32
N ILE A 65 -5.92 -35.18 -12.40
CA ILE A 65 -5.47 -33.90 -11.84
C ILE A 65 -6.37 -33.58 -10.65
N LEU A 66 -5.74 -33.37 -9.50
CA LEU A 66 -6.45 -32.96 -8.29
C LEU A 66 -6.49 -31.42 -8.15
N GLY A 67 -7.68 -30.86 -8.24
CA GLY A 67 -7.89 -29.42 -8.09
C GLY A 67 -8.66 -29.03 -6.82
N ILE A 68 -8.74 -29.98 -5.87
CA ILE A 68 -9.34 -29.73 -4.55
C ILE A 68 -8.31 -29.09 -3.64
N LYS A 69 -8.80 -28.39 -2.61
CA LYS A 69 -7.92 -27.72 -1.65
C LYS A 69 -7.22 -28.75 -0.74
N PRO A 70 -5.99 -28.43 -0.28
CA PRO A 70 -5.19 -29.37 0.50
C PRO A 70 -5.90 -30.02 1.70
N GLN A 71 -6.74 -29.26 2.40
CA GLN A 71 -7.37 -29.77 3.63
C GLN A 71 -8.50 -30.76 3.38
N LEU A 72 -8.83 -30.98 2.11
CA LEU A 72 -9.84 -31.94 1.70
C LEU A 72 -9.22 -33.24 1.18
N PHE A 73 -7.89 -33.32 1.08
CA PHE A 73 -7.21 -34.47 0.49
C PHE A 73 -7.57 -35.79 1.20
N GLU A 74 -7.29 -35.86 2.49
CA GLU A 74 -7.56 -37.04 3.30
C GLU A 74 -9.01 -37.52 3.18
N THR A 75 -9.98 -36.63 3.42
CA THR A 75 -11.39 -36.98 3.33
C THR A 75 -11.84 -37.42 1.95
N VAL A 76 -11.51 -36.63 0.92
CA VAL A 76 -12.00 -36.89 -0.44
C VAL A 76 -11.33 -38.10 -1.09
N LEU A 77 -10.04 -38.27 -0.81
CA LEU A 77 -9.23 -39.25 -1.51
C LEU A 77 -9.26 -40.67 -0.93
N LYS A 78 -9.42 -40.78 0.38
CA LYS A 78 -9.29 -42.09 1.05
C LYS A 78 -10.30 -43.18 0.61
N PRO A 79 -11.59 -42.84 0.41
CA PRO A 79 -12.53 -43.84 -0.13
C PRO A 79 -12.39 -44.17 -1.62
N LEU A 80 -11.48 -43.50 -2.33
CA LEU A 80 -11.33 -43.70 -3.77
C LEU A 80 -10.25 -44.72 -4.09
N HIS A 81 -10.34 -45.32 -5.28
CA HIS A 81 -9.37 -46.34 -5.70
C HIS A 81 -8.72 -45.92 -7.00
N PHE A 82 -7.53 -45.33 -6.90
CA PHE A 82 -6.84 -44.80 -8.09
C PHE A 82 -6.08 -45.88 -8.83
N LYS A 83 -5.95 -45.71 -10.14
CA LYS A 83 -5.29 -46.71 -10.96
C LYS A 83 -4.55 -46.11 -12.15
N GLN A 84 -4.01 -44.91 -11.94
CA GLN A 84 -3.28 -44.16 -12.97
C GLN A 84 -2.39 -43.14 -12.26
N PRO A 85 -1.44 -42.53 -13.00
CA PRO A 85 -0.71 -41.42 -12.38
C PRO A 85 -1.62 -40.26 -11.87
N ILE A 86 -1.16 -39.57 -10.82
CA ILE A 86 -1.89 -38.42 -10.27
C ILE A 86 -1.02 -37.14 -10.24
N ILE A 87 -1.63 -36.02 -10.64
CA ILE A 87 -1.01 -34.69 -10.47
C ILE A 87 -1.79 -33.89 -9.43
N SER A 88 -1.10 -33.51 -8.36
CA SER A 88 -1.59 -32.59 -7.33
C SER A 88 -1.13 -31.17 -7.62
N MET A 89 -2.05 -30.20 -7.54
CA MET A 89 -1.62 -28.80 -7.57
C MET A 89 -1.60 -28.14 -6.18
N ALA A 90 -1.80 -28.94 -5.13
CA ALA A 90 -2.03 -28.44 -3.77
C ALA A 90 -0.76 -27.95 -3.08
N ALA A 91 -0.85 -26.78 -2.48
CA ALA A 91 0.20 -26.26 -1.63
C ALA A 91 0.32 -27.12 -0.39
N GLY A 92 1.55 -27.27 0.11
CA GLY A 92 1.76 -27.85 1.42
C GLY A 92 1.79 -29.36 1.58
N ILE A 93 1.30 -30.10 0.59
CA ILE A 93 1.15 -31.55 0.71
C ILE A 93 2.21 -32.30 -0.10
N SER A 94 3.14 -32.93 0.60
CA SER A 94 4.23 -33.63 -0.03
C SER A 94 3.77 -34.82 -0.87
N LEU A 95 4.63 -35.24 -1.80
CA LEU A 95 4.38 -36.42 -2.61
C LEU A 95 4.30 -37.65 -1.72
N GLN A 96 5.10 -37.66 -0.67
CA GLN A 96 5.10 -38.74 0.32
C GLN A 96 3.76 -38.86 1.02
N ARG A 97 3.18 -37.72 1.40
CA ARG A 97 1.87 -37.67 2.04
C ARG A 97 0.76 -38.05 1.08
N LEU A 98 0.89 -37.63 -0.18
CA LEU A 98 -0.06 -38.01 -1.20
C LEU A 98 -0.08 -39.54 -1.37
N ALA A 99 1.09 -40.17 -1.45
CA ALA A 99 1.22 -41.64 -1.54
C ALA A 99 0.50 -42.36 -0.41
N THR A 100 0.53 -41.76 0.78
CA THR A 100 -0.18 -42.24 1.95
C THR A 100 -1.70 -42.28 1.71
N PHE A 101 -2.22 -41.30 0.97
CA PHE A 101 -3.65 -41.17 0.67
C PHE A 101 -4.11 -42.05 -0.50
N VAL A 102 -3.26 -42.23 -1.51
CA VAL A 102 -3.67 -42.86 -2.78
C VAL A 102 -3.01 -44.19 -3.14
N GLY A 103 -1.85 -44.47 -2.54
CA GLY A 103 -1.11 -45.67 -2.89
C GLY A 103 0.39 -45.47 -3.07
N GLN A 104 1.14 -46.53 -2.76
CA GLN A 104 2.58 -46.58 -2.90
C GLN A 104 3.00 -47.09 -4.27
N ASP A 105 2.02 -47.46 -5.10
CA ASP A 105 2.32 -48.10 -6.38
C ASP A 105 2.07 -47.20 -7.58
N LEU A 106 1.76 -45.93 -7.32
CA LEU A 106 1.40 -45.00 -8.38
C LEU A 106 2.47 -43.94 -8.58
N PRO A 107 2.75 -43.57 -9.83
CA PRO A 107 3.58 -42.39 -10.05
C PRO A 107 2.78 -41.14 -9.67
N LEU A 108 3.39 -40.26 -8.89
CA LEU A 108 2.73 -39.02 -8.47
C LEU A 108 3.57 -37.81 -8.81
N LEU A 109 2.89 -36.77 -9.29
CA LEU A 109 3.51 -35.50 -9.63
C LEU A 109 2.86 -34.35 -8.86
N ARG A 110 3.69 -33.37 -8.51
CA ARG A 110 3.17 -32.11 -8.02
C ARG A 110 3.39 -31.03 -9.07
N ILE A 111 2.41 -30.12 -9.17
CA ILE A 111 2.62 -28.84 -9.84
C ILE A 111 2.30 -27.66 -8.90
N MET A 112 2.89 -26.51 -9.18
CA MET A 112 2.48 -25.29 -8.53
C MET A 112 2.34 -24.21 -9.59
N PRO A 113 1.11 -24.04 -10.12
CA PRO A 113 0.76 -22.99 -11.08
C PRO A 113 0.33 -21.71 -10.37
N ASN A 114 -0.05 -20.69 -11.14
CA ASN A 114 -0.71 -19.53 -10.58
C ASN A 114 -1.84 -19.09 -11.48
N MET A 115 -2.57 -18.05 -11.05
CA MET A 115 -3.79 -17.58 -11.73
C MET A 115 -3.52 -17.04 -13.14
N ASN A 116 -2.25 -16.78 -13.45
CA ASN A 116 -1.86 -16.34 -14.80
C ASN A 116 -2.05 -17.41 -15.89
N ALA A 117 -2.31 -18.64 -15.47
CA ALA A 117 -2.77 -19.69 -16.34
C ALA A 117 -3.99 -19.25 -17.16
N GLN A 118 -4.82 -18.34 -16.59
CA GLN A 118 -5.97 -17.74 -17.31
C GLN A 118 -5.64 -17.13 -18.67
N ILE A 119 -4.43 -16.59 -18.80
CA ILE A 119 -3.99 -16.04 -20.08
C ILE A 119 -2.83 -16.88 -20.63
N LEU A 120 -2.72 -18.12 -20.16
CA LEU A 120 -1.68 -19.06 -20.58
C LEU A 120 -0.24 -18.58 -20.23
N GLN A 121 -0.10 -17.84 -19.12
CA GLN A 121 1.20 -17.33 -18.67
C GLN A 121 1.52 -17.66 -17.22
N SER A 122 1.12 -18.86 -16.81
CA SER A 122 1.48 -19.36 -15.49
C SER A 122 2.99 -19.55 -15.36
N SER A 123 3.50 -19.39 -14.16
CA SER A 123 4.84 -19.85 -13.83
C SER A 123 4.69 -21.06 -12.91
N THR A 124 4.84 -22.26 -13.48
CA THR A 124 4.43 -23.51 -12.85
C THR A 124 5.62 -24.41 -12.52
N ALA A 125 5.76 -24.77 -11.26
CA ALA A 125 6.79 -25.70 -10.81
C ALA A 125 6.28 -27.11 -11.08
N LEU A 126 7.20 -28.01 -11.45
CA LEU A 126 6.88 -29.43 -11.70
C LEU A 126 7.88 -30.36 -11.02
N THR A 127 7.37 -31.41 -10.36
CA THR A 127 8.25 -32.45 -9.77
C THR A 127 7.50 -33.76 -9.64
N GLY A 128 8.23 -34.86 -9.53
CA GLY A 128 7.63 -36.20 -9.49
C GLY A 128 8.31 -37.11 -8.50
N ASN A 129 7.60 -38.13 -8.04
CA ASN A 129 8.20 -39.14 -7.16
C ASN A 129 9.07 -40.14 -7.93
N ALA A 130 9.57 -41.17 -7.24
CA ALA A 130 10.51 -42.12 -7.85
C ALA A 130 9.88 -42.95 -8.96
N LEU A 131 8.57 -43.16 -8.87
CA LEU A 131 7.82 -43.92 -9.88
C LEU A 131 7.55 -43.18 -11.18
N VAL A 132 7.91 -41.91 -11.24
CA VAL A 132 7.65 -41.12 -12.44
C VAL A 132 8.77 -41.33 -13.48
N SER A 133 8.46 -42.07 -14.54
CA SER A 133 9.40 -42.24 -15.66
C SER A 133 9.71 -40.87 -16.27
N GLN A 134 10.82 -40.78 -16.99
CA GLN A 134 11.10 -39.56 -17.74
C GLN A 134 10.10 -39.37 -18.87
N GLU A 135 9.51 -40.48 -19.30
CA GLU A 135 8.45 -40.47 -20.31
C GLU A 135 7.23 -39.71 -19.76
N LEU A 136 6.79 -40.08 -18.56
CA LEU A 136 5.61 -39.48 -17.95
C LEU A 136 5.85 -38.01 -17.58
N GLN A 137 6.99 -37.71 -16.97
CA GLN A 137 7.35 -36.35 -16.62
C GLN A 137 7.33 -35.41 -17.84
N ALA A 138 7.79 -35.91 -18.98
CA ALA A 138 7.76 -35.18 -20.25
C ALA A 138 6.34 -34.85 -20.73
N ARG A 139 5.45 -35.84 -20.68
CA ARG A 139 4.06 -35.68 -21.08
C ARG A 139 3.35 -34.67 -20.17
N VAL A 140 3.72 -34.66 -18.89
CA VAL A 140 3.13 -33.72 -17.94
C VAL A 140 3.69 -32.33 -18.19
N ARG A 141 4.98 -32.24 -18.50
CA ARG A 141 5.60 -30.96 -18.87
C ARG A 141 4.89 -30.33 -20.06
N ASP A 142 4.53 -31.16 -21.05
CA ASP A 142 3.72 -30.72 -22.19
C ASP A 142 2.38 -30.13 -21.74
N LEU A 143 1.78 -30.73 -20.72
CA LEU A 143 0.54 -30.21 -20.11
C LEU A 143 0.73 -28.86 -19.44
N THR A 144 1.78 -28.72 -18.63
CA THR A 144 2.05 -27.47 -17.94
C THR A 144 2.42 -26.35 -18.92
N ASP A 145 3.20 -26.68 -19.95
CA ASP A 145 3.58 -25.69 -20.97
C ASP A 145 2.37 -25.15 -21.75
N SER A 146 1.26 -25.89 -21.74
CA SER A 146 0.05 -25.42 -22.42
C SER A 146 -0.61 -24.20 -21.76
N PHE A 147 -0.28 -23.92 -20.49
CA PHE A 147 -0.86 -22.75 -19.83
C PHE A 147 0.19 -21.83 -19.21
N GLY A 148 1.40 -21.85 -19.76
CA GLY A 148 2.47 -20.95 -19.33
C GLY A 148 3.84 -21.57 -19.46
N SER A 149 4.75 -21.21 -18.56
CA SER A 149 6.09 -21.82 -18.54
C SER A 149 6.19 -22.88 -17.44
N THR A 150 7.24 -23.70 -17.52
CA THR A 150 7.44 -24.77 -16.56
C THR A 150 8.85 -24.71 -15.95
N PHE A 151 8.92 -24.93 -14.64
CA PHE A 151 10.18 -24.88 -13.91
C PHE A 151 10.43 -26.22 -13.24
N ASP A 152 11.57 -26.81 -13.56
CA ASP A 152 11.94 -28.10 -12.84
CA ASP A 152 12.07 -28.04 -12.95
C ASP A 152 12.49 -27.66 -11.54
N ILE A 153 11.68 -27.99 -10.55
CA ILE A 153 11.90 -27.52 -9.18
C ILE A 153 11.89 -28.71 -8.23
N SER A 154 13.01 -28.92 -7.52
CA SER A 154 13.07 -30.01 -6.58
C SER A 154 12.04 -29.79 -5.46
N GLU A 155 11.49 -30.88 -4.92
CA GLU A 155 10.34 -30.80 -4.01
C GLU A 155 10.65 -30.04 -2.74
N LYS A 156 11.90 -30.10 -2.29
CA LYS A 156 12.30 -29.31 -1.13
C LYS A 156 12.12 -27.79 -1.35
N ASP A 157 12.11 -27.35 -2.60
CA ASP A 157 11.93 -25.93 -2.93
C ASP A 157 10.49 -25.53 -3.26
N PHE A 158 9.56 -26.47 -3.14
CA PHE A 158 8.16 -26.20 -3.55
C PHE A 158 7.41 -25.14 -2.74
N ASP A 159 7.59 -25.15 -1.42
CA ASP A 159 6.92 -24.19 -0.54
C ASP A 159 7.41 -22.78 -0.81
N THR A 160 8.71 -22.63 -1.04
CA THR A 160 9.28 -21.34 -1.47
C THR A 160 8.73 -20.93 -2.81
N PHE A 161 8.75 -21.84 -3.79
CA PHE A 161 8.16 -21.53 -5.11
C PHE A 161 6.67 -21.19 -5.01
N THR A 162 5.94 -21.86 -4.11
CA THR A 162 4.54 -21.52 -3.86
C THR A 162 4.36 -20.02 -3.50
N ALA A 163 5.29 -19.52 -2.70
CA ALA A 163 5.26 -18.14 -2.25
C ALA A 163 5.70 -17.21 -3.36
N LEU A 164 6.83 -17.53 -4.00
CA LEU A 164 7.40 -16.70 -5.05
C LEU A 164 6.55 -16.58 -6.29
N ALA A 165 5.78 -17.64 -6.61
CA ALA A 165 5.04 -17.66 -7.88
C ALA A 165 3.53 -17.91 -7.78
N GLY A 166 3.12 -18.74 -6.82
CA GLY A 166 1.69 -19.07 -6.66
C GLY A 166 0.94 -17.99 -5.92
N SER A 167 1.54 -17.53 -4.81
CA SER A 167 0.93 -16.51 -3.96
C SER A 167 1.27 -15.08 -4.37
N SER A 168 2.41 -14.89 -5.03
CA SER A 168 2.88 -13.54 -5.31
C SER A 168 1.98 -12.67 -6.19
N PRO A 169 1.23 -13.27 -7.17
CA PRO A 169 0.34 -12.38 -7.94
C PRO A 169 -0.56 -11.52 -7.05
N ALA A 170 -1.05 -12.07 -5.95
CA ALA A 170 -1.88 -11.32 -4.99
C ALA A 170 -1.06 -10.23 -4.31
N TYR A 171 0.21 -10.50 -4.04
CA TYR A 171 1.05 -9.47 -3.43
C TYR A 171 1.36 -8.37 -4.44
N ILE A 172 1.56 -8.78 -5.69
CA ILE A 172 1.76 -7.89 -6.81
C ILE A 172 0.55 -6.99 -6.99
N TYR A 173 -0.65 -7.57 -6.95
CA TYR A 173 -1.90 -6.81 -7.05
C TYR A 173 -2.08 -5.83 -5.90
N LEU A 174 -1.73 -6.25 -4.68
CA LEU A 174 -1.79 -5.31 -3.54
C LEU A 174 -0.85 -4.12 -3.76
N PHE A 175 0.32 -4.38 -4.29
CA PHE A 175 1.28 -3.34 -4.58
C PHE A 175 0.77 -2.32 -5.60
N ILE A 176 0.29 -2.81 -6.74
CA ILE A 176 -0.31 -2.01 -7.81
C ILE A 176 -1.48 -1.19 -7.27
N GLU A 177 -2.35 -1.85 -6.51
CA GLU A 177 -3.48 -1.20 -5.84
C GLU A 177 -3.03 -0.08 -4.90
N ALA A 178 -1.92 -0.28 -4.18
CA ALA A 178 -1.43 0.76 -3.27
C ALA A 178 -0.97 1.99 -4.06
N LEU A 179 -0.31 1.77 -5.20
CA LEU A 179 0.16 2.82 -6.10
C LEU A 179 -1.01 3.58 -6.68
N ALA A 180 -2.03 2.84 -7.13
CA ALA A 180 -3.24 3.46 -7.66
C ALA A 180 -3.98 4.28 -6.61
N LYS A 181 -4.20 3.69 -5.43
CA LYS A 181 -4.79 4.42 -4.27
C LYS A 181 -4.03 5.70 -3.90
N ALA A 182 -2.70 5.65 -3.99
CA ALA A 182 -1.86 6.85 -3.75
C ALA A 182 -2.16 7.90 -4.83
N GLY A 183 -2.33 7.45 -6.07
CA GLY A 183 -2.82 8.30 -7.16
C GLY A 183 -4.18 8.93 -6.86
N VAL A 184 -5.14 8.13 -6.40
CA VAL A 184 -6.46 8.68 -5.98
C VAL A 184 -6.33 9.72 -4.86
N LYS A 185 -5.53 9.40 -3.83
CA LYS A 185 -5.27 10.33 -2.71
C LYS A 185 -4.86 11.70 -3.24
N ASN A 186 -4.01 11.67 -4.28
CA ASN A 186 -3.44 12.87 -4.86
C ASN A 186 -4.09 13.37 -6.16
N GLY A 187 -5.36 13.01 -6.40
CA GLY A 187 -6.17 13.68 -7.43
C GLY A 187 -6.41 12.94 -8.74
N ILE A 188 -5.85 11.75 -8.89
CA ILE A 188 -6.05 11.03 -10.14
C ILE A 188 -7.04 9.89 -9.95
N PRO A 189 -8.14 9.91 -10.74
CA PRO A 189 -9.18 8.86 -10.75
C PRO A 189 -8.61 7.45 -10.73
N LYS A 190 -9.26 6.58 -9.95
CA LYS A 190 -8.85 5.20 -9.78
C LYS A 190 -8.53 4.45 -11.08
N ALA A 191 -9.47 4.42 -12.03
CA ALA A 191 -9.30 3.65 -13.27
C ALA A 191 -8.09 4.12 -14.07
N LYS A 192 -7.93 5.44 -14.16
CA LYS A 192 -6.82 6.08 -14.83
C LYS A 192 -5.50 5.76 -14.11
N ALA A 193 -5.46 5.89 -12.79
CA ALA A 193 -4.23 5.59 -12.02
C ALA A 193 -3.82 4.14 -12.22
N LEU A 194 -4.82 3.25 -12.20
CA LEU A 194 -4.61 1.83 -12.40
C LEU A 194 -4.11 1.52 -13.82
N GLU A 195 -4.60 2.27 -14.80
CA GLU A 195 -4.15 2.08 -16.18
C GLU A 195 -2.66 2.45 -16.28
N ILE A 196 -2.32 3.63 -15.77
CA ILE A 196 -0.95 4.17 -15.80
C ILE A 196 0.02 3.24 -15.05
N VAL A 197 -0.39 2.83 -13.86
CA VAL A 197 0.43 2.00 -12.99
C VAL A 197 0.68 0.60 -13.56
N THR A 198 -0.39 -0.03 -14.06
CA THR A 198 -0.29 -1.37 -14.66
C THR A 198 0.61 -1.39 -15.89
N GLN A 199 0.43 -0.41 -16.76
CA GLN A 199 1.27 -0.23 -17.95
C GLN A 199 2.74 -0.04 -17.56
N THR A 200 2.99 0.80 -16.55
CA THR A 200 4.35 0.98 -16.02
C THR A 200 4.95 -0.31 -15.45
N VAL A 201 4.16 -1.07 -14.68
CA VAL A 201 4.61 -2.36 -14.12
C VAL A 201 4.99 -3.31 -15.26
N LEU A 202 4.06 -3.48 -16.19
CA LEU A 202 4.28 -4.28 -17.38
C LEU A 202 5.58 -3.94 -18.13
N ALA A 203 5.79 -2.64 -18.40
CA ALA A 203 6.97 -2.21 -19.14
C ALA A 203 8.27 -2.41 -18.37
N SER A 204 8.24 -2.07 -17.07
CA SER A 204 9.39 -2.18 -16.20
C SER A 204 9.85 -3.64 -16.13
N ALA A 205 8.89 -4.54 -15.98
CA ALA A 205 9.20 -5.96 -15.88
C ALA A 205 9.76 -6.50 -17.21
N SER A 206 9.24 -5.96 -18.31
CA SER A 206 9.71 -6.37 -19.63
C SER A 206 11.11 -5.82 -19.87
N ASN A 207 11.34 -4.59 -19.46
CA ASN A 207 12.67 -3.99 -19.58
C ASN A 207 13.74 -4.77 -18.76
N LEU A 208 13.37 -5.19 -17.56
CA LEU A 208 14.25 -6.01 -16.74
C LEU A 208 14.59 -7.35 -17.38
N LYS A 209 13.55 -8.06 -17.84
CA LYS A 209 13.68 -9.35 -18.52
C LYS A 209 14.70 -9.36 -19.68
N THR A 210 14.68 -8.31 -20.50
CA THR A 210 15.49 -8.28 -21.71
C THR A 210 16.82 -7.57 -21.50
N SER A 211 17.08 -7.15 -20.26
CA SER A 211 18.32 -6.45 -19.95
C SER A 211 19.30 -7.35 -19.18
N SER A 212 20.57 -6.97 -19.19
CA SER A 212 21.57 -7.63 -18.34
C SER A 212 21.71 -6.89 -17.00
N GLN A 213 21.20 -5.67 -16.94
CA GLN A 213 21.14 -4.90 -15.69
C GLN A 213 20.25 -5.52 -14.60
N SER A 214 20.69 -5.35 -13.36
CA SER A 214 19.94 -5.81 -12.19
C SER A 214 18.86 -4.80 -11.81
N PRO A 215 17.88 -5.20 -10.99
CA PRO A 215 16.92 -4.20 -10.49
C PRO A 215 17.60 -3.02 -9.82
N HIS A 216 18.64 -3.30 -9.01
CA HIS A 216 19.44 -2.23 -8.39
C HIS A 216 20.24 -1.37 -9.36
N ASP A 217 20.67 -1.94 -10.49
CA ASP A 217 21.28 -1.14 -11.58
C ASP A 217 20.24 -0.16 -12.16
N PHE A 218 19.02 -0.64 -12.40
CA PHE A 218 17.91 0.19 -12.85
C PHE A 218 17.56 1.29 -11.84
N ILE A 219 17.53 0.94 -10.56
CA ILE A 219 17.22 1.93 -9.53
C ILE A 219 18.20 3.10 -9.63
N ASP A 220 19.49 2.77 -9.72
CA ASP A 220 20.55 3.76 -9.90
C ASP A 220 20.32 4.70 -11.09
N ALA A 221 19.89 4.14 -12.22
CA ALA A 221 19.66 4.90 -13.43
C ALA A 221 18.47 5.87 -13.27
N ILE A 222 17.46 5.42 -12.53
CA ILE A 222 16.22 6.18 -12.37
C ILE A 222 16.37 7.29 -11.30
N CYS A 223 17.20 7.04 -10.29
CA CYS A 223 17.38 8.00 -9.21
C CYS A 223 18.35 9.15 -9.52
N SER A 224 17.85 10.16 -10.23
CA SER A 224 18.54 11.45 -10.42
C SER A 224 18.94 12.10 -9.10
N PRO A 225 20.21 12.58 -8.98
CA PRO A 225 20.68 13.19 -7.73
C PRO A 225 19.83 14.39 -7.37
N GLY A 226 19.39 14.47 -6.11
CA GLY A 226 18.52 15.55 -5.70
C GLY A 226 17.10 15.48 -6.25
N GLY A 227 16.75 14.37 -6.89
CA GLY A 227 15.43 14.19 -7.55
C GLY A 227 14.30 13.61 -6.71
N THR A 228 13.20 13.26 -7.38
CA THR A 228 11.98 12.82 -6.74
C THR A 228 12.04 11.31 -6.38
N THR A 229 12.59 10.50 -7.28
CA THR A 229 12.67 9.04 -7.08
C THR A 229 13.47 8.65 -5.86
N ILE A 230 14.63 9.31 -5.65
CA ILE A 230 15.46 8.99 -4.50
C ILE A 230 14.77 9.41 -3.20
N ALA A 231 14.05 10.52 -3.21
CA ALA A 231 13.18 10.89 -2.08
C ALA A 231 12.18 9.79 -1.71
N GLY A 232 11.53 9.20 -2.72
CA GLY A 232 10.53 8.20 -2.46
C GLY A 232 11.15 6.85 -2.10
N LEU A 233 12.29 6.54 -2.72
CA LEU A 233 13.02 5.32 -2.42
C LEU A 233 13.50 5.29 -0.96
N MET A 234 14.04 6.41 -0.48
CA MET A 234 14.48 6.48 0.93
C MET A 234 13.26 6.36 1.89
N GLU A 235 12.10 6.87 1.47
CA GLU A 235 10.87 6.63 2.23
C GLU A 235 10.49 5.13 2.32
N LEU A 236 10.58 4.41 1.21
CA LEU A 236 10.36 2.95 1.16
C LEU A 236 11.33 2.17 2.07
N GLU A 237 12.56 2.66 2.17
CA GLU A 237 13.58 2.16 3.10
C GLU A 237 13.22 2.48 4.53
N ARG A 238 12.80 3.72 4.78
CA ARG A 238 12.40 4.12 6.12
C ARG A 238 11.27 3.21 6.63
N LEU A 239 10.31 2.90 5.76
CA LEU A 239 9.10 2.20 6.22
C LEU A 239 9.16 0.68 6.03
N GLY A 240 10.29 0.21 5.51
CA GLY A 240 10.60 -1.21 5.46
C GLY A 240 9.99 -1.99 4.30
N LEU A 241 9.91 -1.39 3.11
CA LEU A 241 9.32 -2.13 1.98
C LEU A 241 9.90 -3.57 1.79
N THR A 242 11.22 -3.68 1.73
CA THR A 242 11.89 -4.95 1.49
C THR A 242 11.63 -5.95 2.63
N ALA A 243 11.82 -5.51 3.86
CA ALA A 243 11.55 -6.33 5.04
C ALA A 243 10.11 -6.82 5.08
N THR A 244 9.18 -5.97 4.67
CA THR A 244 7.75 -6.29 4.69
C THR A 244 7.43 -7.42 3.75
N VAL A 245 7.96 -7.33 2.52
CA VAL A 245 7.79 -8.33 1.48
C VAL A 245 8.41 -9.66 1.92
N SER A 246 9.58 -9.56 2.54
CA SER A 246 10.31 -10.74 2.93
C SER A 246 9.61 -11.48 4.07
N SER A 247 9.09 -10.71 5.01
CA SER A 247 8.33 -11.29 6.13
C SER A 247 7.01 -11.92 5.66
N ALA A 248 6.33 -11.29 4.70
CA ALA A 248 5.14 -11.88 4.07
C ALA A 248 5.47 -13.19 3.35
N ILE A 249 6.62 -13.23 2.68
CA ILE A 249 7.03 -14.45 1.99
C ILE A 249 7.25 -15.57 3.01
N ASP A 250 8.00 -15.27 4.09
CA ASP A 250 8.22 -16.17 5.20
C ASP A 250 6.90 -16.72 5.80
N LYS A 251 5.90 -15.85 5.97
CA LYS A 251 4.59 -16.28 6.48
C LYS A 251 3.85 -17.19 5.52
N THR A 252 3.99 -16.92 4.23
CA THR A 252 3.40 -17.77 3.18
C THR A 252 4.01 -19.19 3.27
N ILE A 253 5.33 -19.23 3.43
CA ILE A 253 6.12 -20.47 3.53
C ILE A 253 5.82 -21.25 4.82
N ASP A 254 5.80 -20.56 5.99
CA ASP A 254 5.34 -21.16 7.25
C ASP A 254 3.99 -21.84 7.11
N LYS A 255 3.04 -21.16 6.47
CA LYS A 255 1.69 -21.71 6.28
C LYS A 255 1.71 -22.94 5.37
N ALA A 256 2.44 -22.84 4.25
CA ALA A 256 2.65 -23.99 3.38
C ALA A 256 3.21 -25.21 4.15
N LYS A 257 4.17 -24.97 5.05
CA LYS A 257 4.76 -26.01 5.86
C LYS A 257 3.75 -26.64 6.83
N SER A 258 2.96 -25.82 7.51
CA SER A 258 2.01 -26.35 8.49
C SER A 258 0.80 -27.06 7.87
N LEU A 259 0.50 -26.76 6.60
CA LEU A 259 -0.55 -27.49 5.89
C LEU A 259 -0.16 -28.94 5.63
N ALA B 3 -45.19 -30.85 18.65
CA ALA B 3 -45.05 -29.86 19.77
C ALA B 3 -44.41 -30.55 20.96
N MET B 4 -43.11 -30.30 21.15
CA MET B 4 -42.36 -30.99 22.20
C MET B 4 -42.19 -30.16 23.47
N LYS B 5 -41.62 -30.76 24.50
CA LYS B 5 -41.25 -30.04 25.71
C LYS B 5 -39.75 -29.78 25.67
N ILE B 6 -39.36 -28.52 25.76
CA ILE B 6 -37.95 -28.14 25.75
C ILE B 6 -37.54 -27.68 27.14
N GLY B 7 -36.52 -28.32 27.69
CA GLY B 7 -35.93 -27.91 28.95
C GLY B 7 -34.63 -27.14 28.75
N ILE B 8 -34.48 -26.05 29.50
CA ILE B 8 -33.29 -25.21 29.42
C ILE B 8 -32.53 -25.27 30.74
N ILE B 9 -31.33 -25.84 30.69
CA ILE B 9 -30.49 -25.92 31.89
C ILE B 9 -29.51 -24.74 31.94
N GLY B 10 -29.76 -23.81 32.85
CA GLY B 10 -28.92 -22.63 33.01
C GLY B 10 -29.40 -21.53 32.09
N VAL B 11 -29.78 -20.41 32.67
CA VAL B 11 -30.37 -19.32 31.90
C VAL B 11 -29.56 -18.05 32.14
N GLY B 12 -28.64 -17.80 31.23
CA GLY B 12 -27.83 -16.58 31.29
C GLY B 12 -28.34 -15.56 30.30
N LYS B 13 -27.46 -14.65 29.92
CA LYS B 13 -27.75 -13.62 28.92
C LYS B 13 -28.18 -14.22 27.56
N MET B 14 -27.39 -15.16 27.05
CA MET B 14 -27.64 -15.77 25.74
C MET B 14 -28.90 -16.62 25.74
N ALA B 15 -29.06 -17.48 26.75
CA ALA B 15 -30.25 -18.33 26.85
C ALA B 15 -31.54 -17.51 27.03
N SER B 16 -31.48 -16.42 27.81
CA SER B 16 -32.64 -15.53 27.94
C SER B 16 -33.00 -14.93 26.60
N ALA B 17 -32.00 -14.48 25.85
CA ALA B 17 -32.20 -13.91 24.51
C ALA B 17 -32.97 -14.83 23.55
N ILE B 18 -32.61 -16.11 23.51
CA ILE B 18 -33.27 -17.03 22.60
C ILE B 18 -34.68 -17.46 23.04
N ILE B 19 -34.98 -17.28 24.32
CA ILE B 19 -36.25 -17.67 24.89
C ILE B 19 -37.40 -16.90 24.24
N LYS B 20 -37.18 -15.62 23.98
CA LYS B 20 -38.14 -14.77 23.31
C LYS B 20 -38.64 -15.37 21.99
N GLY B 21 -37.71 -15.91 21.21
CA GLY B 21 -38.02 -16.61 19.97
C GLY B 21 -38.72 -17.94 20.22
N LEU B 22 -38.24 -18.70 21.22
CA LEU B 22 -38.84 -20.01 21.55
C LEU B 22 -40.29 -19.92 22.03
N LYS B 23 -40.62 -18.85 22.75
CA LYS B 23 -42.00 -18.55 23.13
C LYS B 23 -42.92 -18.39 21.91
N GLN B 24 -42.35 -18.08 20.75
CA GLN B 24 -43.14 -17.91 19.54
C GLN B 24 -43.32 -19.21 18.75
N THR B 25 -42.73 -20.27 19.25
CA THR B 25 -42.93 -21.59 18.67
C THR B 25 -44.09 -22.26 19.42
N PRO B 26 -44.65 -23.34 18.84
CA PRO B 26 -45.71 -24.04 19.59
C PRO B 26 -45.24 -24.81 20.83
N HIS B 27 -43.93 -24.88 21.07
CA HIS B 27 -43.42 -25.81 22.08
C HIS B 27 -43.56 -25.30 23.51
N GLU B 28 -43.48 -26.23 24.45
CA GLU B 28 -43.56 -25.91 25.87
C GLU B 28 -42.15 -25.84 26.49
N LEU B 29 -41.94 -24.84 27.34
CA LEU B 29 -40.61 -24.52 27.81
C LEU B 29 -40.48 -24.58 29.33
N ILE B 30 -39.49 -25.30 29.82
CA ILE B 30 -39.22 -25.35 31.26
C ILE B 30 -37.75 -25.02 31.53
N ILE B 31 -37.50 -24.32 32.62
CA ILE B 31 -36.15 -23.89 32.95
C ILE B 31 -35.66 -24.49 34.26
N SER B 32 -34.35 -24.52 34.40
CA SER B 32 -33.70 -24.86 35.64
C SER B 32 -32.42 -24.07 35.70
N GLY B 33 -32.22 -23.35 36.81
CA GLY B 33 -31.03 -22.52 36.99
C GLY B 33 -30.01 -23.12 37.94
N SER B 34 -29.02 -22.33 38.31
CA SER B 34 -27.90 -22.78 39.15
C SER B 34 -28.29 -23.18 40.58
N SER B 35 -29.43 -22.67 41.05
CA SER B 35 -30.02 -23.11 42.30
C SER B 35 -31.54 -23.10 42.18
N LEU B 36 -32.23 -23.68 43.16
CA LEU B 36 -33.68 -23.62 43.17
C LEU B 36 -34.16 -22.17 43.36
N GLU B 37 -33.41 -21.40 44.14
CA GLU B 37 -33.70 -19.99 44.35
C GLU B 37 -33.67 -19.25 43.02
N ARG B 38 -32.53 -19.33 42.33
CA ARG B 38 -32.37 -18.75 41.00
C ARG B 38 -33.43 -19.27 40.03
N SER B 39 -33.72 -20.56 40.09
CA SER B 39 -34.78 -21.15 39.27
C SER B 39 -36.11 -20.38 39.36
N LYS B 40 -36.50 -20.04 40.58
CA LYS B 40 -37.75 -19.33 40.86
C LYS B 40 -37.72 -17.86 40.42
N GLU B 41 -36.58 -17.21 40.61
CA GLU B 41 -36.36 -15.84 40.15
C GLU B 41 -36.48 -15.76 38.63
N ILE B 42 -35.82 -16.67 37.92
CA ILE B 42 -35.81 -16.70 36.46
C ILE B 42 -37.20 -17.01 35.89
N ALA B 43 -37.88 -17.99 36.49
CA ALA B 43 -39.22 -18.40 36.07
C ALA B 43 -40.22 -17.24 36.18
N GLU B 44 -40.09 -16.46 37.25
CA GLU B 44 -40.89 -15.27 37.49
C GLU B 44 -40.56 -14.15 36.47
N GLN B 45 -39.28 -13.84 36.31
CA GLN B 45 -38.81 -12.89 35.29
C GLN B 45 -39.30 -13.24 33.87
N LEU B 46 -39.24 -14.54 33.52
CA LEU B 46 -39.58 -15.00 32.17
C LEU B 46 -41.03 -15.46 31.98
N ALA B 47 -41.78 -15.57 33.08
CA ALA B 47 -43.14 -16.15 33.08
C ALA B 47 -43.18 -17.55 32.46
N LEU B 48 -42.28 -18.42 32.93
CA LEU B 48 -42.20 -19.80 32.46
C LEU B 48 -42.14 -20.76 33.64
N PRO B 49 -42.62 -22.00 33.44
CA PRO B 49 -42.47 -23.05 34.45
C PRO B 49 -41.00 -23.39 34.76
N TYR B 50 -40.73 -23.76 36.01
CA TYR B 50 -39.42 -24.23 36.43
C TYR B 50 -39.52 -25.68 36.93
N ALA B 51 -38.38 -26.36 36.96
CA ALA B 51 -38.23 -27.71 37.52
C ALA B 51 -37.45 -27.67 38.83
N MET B 52 -37.61 -28.71 39.66
CA MET B 52 -37.02 -28.74 41.00
C MET B 52 -35.49 -28.91 40.97
N SER B 53 -35.01 -29.54 39.90
CA SER B 53 -33.61 -29.87 39.69
C SER B 53 -33.38 -30.15 38.21
N HIS B 54 -32.12 -30.13 37.78
CA HIS B 54 -31.75 -30.51 36.41
C HIS B 54 -32.28 -31.92 36.06
N GLN B 55 -32.05 -32.88 36.96
CA GLN B 55 -32.54 -34.24 36.73
C GLN B 55 -34.06 -34.32 36.55
N ASP B 56 -34.83 -33.64 37.40
CA ASP B 56 -36.29 -33.73 37.26
C ASP B 56 -36.73 -33.03 35.96
N LEU B 57 -36.02 -31.97 35.57
CA LEU B 57 -36.18 -31.35 34.25
C LEU B 57 -35.94 -32.34 33.10
N ILE B 58 -34.78 -33.00 33.13
CA ILE B 58 -34.42 -34.06 32.17
C ILE B 58 -35.52 -35.11 32.08
N ASP B 59 -36.08 -35.47 33.24
CA ASP B 59 -37.10 -36.49 33.31
C ASP B 59 -38.42 -36.12 32.64
N GLN B 60 -38.65 -34.81 32.44
CA GLN B 60 -39.89 -34.26 31.86
C GLN B 60 -39.83 -33.86 30.39
N VAL B 61 -38.62 -33.64 29.86
CA VAL B 61 -38.49 -32.93 28.59
C VAL B 61 -38.11 -33.80 27.39
N ASP B 62 -38.45 -33.33 26.20
CA ASP B 62 -38.15 -34.05 24.96
C ASP B 62 -36.82 -33.66 24.38
N LEU B 63 -36.42 -32.41 24.65
CA LEU B 63 -35.18 -31.84 24.15
C LEU B 63 -34.59 -30.95 25.24
N VAL B 64 -33.27 -30.92 25.34
CA VAL B 64 -32.54 -30.09 26.30
C VAL B 64 -31.64 -29.07 25.59
N ILE B 65 -31.73 -27.83 26.03
CA ILE B 65 -30.80 -26.78 25.62
C ILE B 65 -29.94 -26.42 26.84
N LEU B 66 -28.63 -26.42 26.66
CA LEU B 66 -27.72 -26.02 27.74
C LEU B 66 -27.41 -24.54 27.60
N GLY B 67 -27.68 -23.77 28.65
CA GLY B 67 -27.39 -22.34 28.64
C GLY B 67 -26.24 -21.96 29.54
N ILE B 68 -25.56 -22.96 30.09
CA ILE B 68 -24.41 -22.74 30.97
C ILE B 68 -23.14 -22.40 30.18
N LYS B 69 -22.19 -21.73 30.84
CA LYS B 69 -20.93 -21.38 30.18
C LYS B 69 -20.02 -22.61 30.00
N PRO B 70 -19.19 -22.60 28.94
CA PRO B 70 -18.33 -23.77 28.62
C PRO B 70 -17.51 -24.30 29.81
N GLN B 71 -16.96 -23.39 30.62
CA GLN B 71 -16.16 -23.75 31.78
C GLN B 71 -16.91 -24.62 32.80
N LEU B 72 -18.24 -24.52 32.81
CA LEU B 72 -19.04 -25.28 33.77
C LEU B 72 -19.53 -26.65 33.28
N PHE B 73 -19.30 -26.96 32.01
CA PHE B 73 -19.85 -28.18 31.41
C PHE B 73 -19.54 -29.44 32.22
N GLU B 74 -18.25 -29.71 32.41
CA GLU B 74 -17.81 -30.92 33.10
C GLU B 74 -18.49 -31.12 34.47
N THR B 75 -18.39 -30.13 35.35
CA THR B 75 -18.91 -30.30 36.71
C THR B 75 -20.43 -30.39 36.76
N VAL B 76 -21.12 -29.70 35.86
CA VAL B 76 -22.58 -29.68 35.85
C VAL B 76 -23.21 -30.94 35.24
N LEU B 77 -22.61 -31.46 34.18
CA LEU B 77 -23.28 -32.46 33.35
C LEU B 77 -23.02 -33.93 33.72
N LYS B 78 -21.84 -34.21 34.29
CA LYS B 78 -21.44 -35.60 34.51
C LYS B 78 -22.33 -36.39 35.48
N PRO B 79 -22.68 -35.79 36.66
CA PRO B 79 -23.66 -36.40 37.56
C PRO B 79 -25.10 -36.56 37.02
N LEU B 80 -25.40 -36.01 35.86
CA LEU B 80 -26.76 -36.05 35.33
C LEU B 80 -27.01 -37.24 34.41
N HIS B 81 -28.27 -37.66 34.27
CA HIS B 81 -28.59 -38.79 33.41
C HIS B 81 -29.55 -38.42 32.29
N PHE B 82 -28.95 -38.06 31.15
CA PHE B 82 -29.69 -37.54 29.99
C PHE B 82 -30.37 -38.64 29.20
N LYS B 83 -31.51 -38.27 28.60
CA LYS B 83 -32.45 -39.25 28.07
C LYS B 83 -33.05 -38.76 26.75
N GLN B 84 -32.45 -37.72 26.19
CA GLN B 84 -33.00 -37.01 25.02
C GLN B 84 -31.90 -36.24 24.29
N PRO B 85 -32.17 -35.84 23.03
CA PRO B 85 -31.21 -35.01 22.31
C PRO B 85 -30.84 -33.74 23.08
N ILE B 86 -29.60 -33.30 22.95
CA ILE B 86 -29.13 -32.08 23.63
C ILE B 86 -28.53 -31.08 22.64
N ILE B 87 -28.87 -29.81 22.85
CA ILE B 87 -28.28 -28.66 22.13
C ILE B 87 -27.36 -27.86 23.06
N SER B 88 -26.10 -27.77 22.66
CA SER B 88 -25.10 -26.92 23.32
C SER B 88 -24.91 -25.62 22.53
N MET B 89 -24.86 -24.48 23.24
CA MET B 89 -24.52 -23.20 22.59
C MET B 89 -23.11 -22.70 22.97
N ALA B 90 -22.32 -23.57 23.59
CA ALA B 90 -21.05 -23.17 24.20
C ALA B 90 -19.97 -23.06 23.15
N ALA B 91 -19.12 -22.04 23.33
CA ALA B 91 -17.98 -21.81 22.46
C ALA B 91 -16.91 -22.83 22.80
N GLY B 92 -16.23 -23.29 21.76
CA GLY B 92 -15.04 -24.10 21.88
C GLY B 92 -15.15 -25.53 22.38
N ILE B 93 -16.38 -26.02 22.62
CA ILE B 93 -16.58 -27.40 23.12
C ILE B 93 -17.17 -28.27 22.02
N SER B 94 -16.39 -29.25 21.59
CA SER B 94 -16.77 -30.08 20.45
C SER B 94 -17.88 -31.05 20.84
N LEU B 95 -18.57 -31.58 19.82
CA LEU B 95 -19.64 -32.55 20.00
C LEU B 95 -19.09 -33.84 20.59
N GLN B 96 -17.90 -34.22 20.13
CA GLN B 96 -17.20 -35.41 20.64
C GLN B 96 -16.92 -35.25 22.14
N ARG B 97 -16.42 -34.07 22.52
CA ARG B 97 -16.17 -33.74 23.90
C ARG B 97 -17.47 -33.76 24.71
N LEU B 98 -18.52 -33.16 24.17
CA LEU B 98 -19.85 -33.18 24.82
C LEU B 98 -20.29 -34.63 25.07
N ALA B 99 -20.12 -35.49 24.07
CA ALA B 99 -20.45 -36.91 24.17
C ALA B 99 -19.76 -37.61 25.35
N THR B 100 -18.51 -37.24 25.64
CA THR B 100 -17.84 -37.80 26.82
C THR B 100 -18.47 -37.32 28.14
N PHE B 101 -19.05 -36.11 28.15
CA PHE B 101 -19.74 -35.61 29.36
C PHE B 101 -21.12 -36.23 29.57
N VAL B 102 -21.82 -36.52 28.48
CA VAL B 102 -23.25 -36.88 28.57
C VAL B 102 -23.63 -38.27 28.04
N GLY B 103 -22.80 -38.83 27.17
CA GLY B 103 -23.09 -40.16 26.65
C GLY B 103 -22.88 -40.30 25.16
N GLN B 104 -22.62 -41.55 24.74
CA GLN B 104 -22.37 -41.86 23.33
C GLN B 104 -23.64 -42.28 22.58
N ASP B 105 -24.74 -42.40 23.32
CA ASP B 105 -25.99 -42.87 22.75
C ASP B 105 -26.98 -41.74 22.43
N LEU B 106 -26.54 -40.50 22.62
CA LEU B 106 -27.43 -39.33 22.40
C LEU B 106 -27.17 -38.57 21.10
N PRO B 107 -28.25 -38.19 20.40
CA PRO B 107 -28.09 -37.20 19.33
C PRO B 107 -27.72 -35.87 19.96
N LEU B 108 -26.63 -35.25 19.48
CA LEU B 108 -26.14 -33.99 20.04
C LEU B 108 -25.97 -32.96 18.94
N LEU B 109 -26.41 -31.74 19.23
CA LEU B 109 -26.29 -30.63 18.29
C LEU B 109 -25.55 -29.48 18.93
N ARG B 110 -24.86 -28.71 18.10
CA ARG B 110 -24.24 -27.47 18.53
C ARG B 110 -24.87 -26.32 17.79
N ILE B 111 -25.12 -25.24 18.52
CA ILE B 111 -25.45 -23.95 17.90
C ILE B 111 -24.45 -22.86 18.31
N MET B 112 -24.27 -21.87 17.44
CA MET B 112 -23.57 -20.65 17.84
C MET B 112 -24.41 -19.44 17.46
N PRO B 113 -25.18 -18.93 18.42
CA PRO B 113 -26.04 -17.75 18.20
C PRO B 113 -25.33 -16.47 18.62
N ASN B 114 -26.01 -15.34 18.49
CA ASN B 114 -25.48 -14.10 19.05
C ASN B 114 -26.58 -13.26 19.71
N MET B 115 -26.19 -12.22 20.44
CA MET B 115 -27.11 -11.37 21.20
C MET B 115 -28.24 -10.75 20.36
N ASN B 116 -28.10 -10.76 19.04
CA ASN B 116 -29.15 -10.26 18.17
C ASN B 116 -30.39 -11.17 18.17
N ALA B 117 -30.26 -12.34 18.77
CA ALA B 117 -31.41 -13.19 19.08
C ALA B 117 -32.51 -12.40 19.82
N GLN B 118 -32.14 -11.36 20.57
CA GLN B 118 -33.13 -10.60 21.35
C GLN B 118 -34.02 -9.68 20.50
N ILE B 119 -33.64 -9.48 19.24
CA ILE B 119 -34.54 -8.89 18.27
C ILE B 119 -34.88 -9.90 17.18
N LEU B 120 -34.70 -11.17 17.50
CA LEU B 120 -34.94 -12.28 16.56
C LEU B 120 -34.12 -12.16 15.26
N GLN B 121 -32.88 -11.70 15.38
CA GLN B 121 -32.00 -11.52 14.22
C GLN B 121 -30.58 -12.07 14.43
N SER B 122 -30.49 -13.11 15.25
CA SER B 122 -29.27 -13.91 15.39
C SER B 122 -28.77 -14.46 14.04
N SER B 123 -27.46 -14.61 13.94
CA SER B 123 -26.85 -15.36 12.86
C SER B 123 -26.29 -16.63 13.50
N THR B 124 -27.02 -17.73 13.36
CA THR B 124 -26.79 -18.94 14.15
C THR B 124 -26.26 -20.11 13.36
N ALA B 125 -25.08 -20.57 13.76
CA ALA B 125 -24.50 -21.78 13.20
C ALA B 125 -25.20 -22.99 13.79
N LEU B 126 -25.39 -24.03 12.97
CA LEU B 126 -26.00 -25.27 13.42
C LEU B 126 -25.29 -26.49 12.85
N THR B 127 -24.98 -27.44 13.72
CA THR B 127 -24.44 -28.73 13.30
C THR B 127 -24.83 -29.82 14.30
N GLY B 128 -24.77 -31.08 13.87
CA GLY B 128 -25.12 -32.20 14.73
C GLY B 128 -24.15 -33.37 14.57
N ASN B 129 -24.17 -34.28 15.54
CA ASN B 129 -23.36 -35.50 15.43
C ASN B 129 -23.98 -36.54 14.50
N ALA B 130 -23.26 -37.65 14.29
CA ALA B 130 -23.71 -38.73 13.41
C ALA B 130 -25.09 -39.27 13.80
N LEU B 131 -25.45 -39.12 15.08
CA LEU B 131 -26.73 -39.61 15.62
C LEU B 131 -27.93 -38.73 15.35
N VAL B 132 -27.69 -37.53 14.85
CA VAL B 132 -28.79 -36.60 14.57
C VAL B 132 -29.43 -36.94 13.24
N SER B 133 -30.68 -37.38 13.29
CA SER B 133 -31.44 -37.65 12.08
C SER B 133 -31.67 -36.37 11.25
N GLN B 134 -31.45 -36.50 9.95
CA GLN B 134 -31.92 -35.55 8.93
C GLN B 134 -33.09 -34.68 9.41
N GLU B 135 -34.15 -35.32 9.91
CA GLU B 135 -35.35 -34.62 10.38
C GLU B 135 -35.23 -33.93 11.74
N LEU B 136 -34.42 -34.50 12.64
CA LEU B 136 -34.20 -33.88 13.95
C LEU B 136 -33.47 -32.56 13.79
N GLN B 137 -32.49 -32.54 12.88
CA GLN B 137 -31.78 -31.31 12.52
C GLN B 137 -32.74 -30.27 11.95
N ALA B 138 -33.68 -30.74 11.12
CA ALA B 138 -34.70 -29.87 10.52
C ALA B 138 -35.63 -29.29 11.57
N ARG B 139 -35.90 -30.08 12.60
CA ARG B 139 -36.70 -29.64 13.74
C ARG B 139 -35.95 -28.59 14.58
N VAL B 140 -34.65 -28.80 14.78
CA VAL B 140 -33.83 -27.85 15.54
C VAL B 140 -33.60 -26.57 14.74
N ARG B 141 -33.53 -26.69 13.41
CA ARG B 141 -33.45 -25.53 12.55
C ARG B 141 -34.70 -24.64 12.63
N ASP B 142 -35.87 -25.24 12.83
CA ASP B 142 -37.08 -24.43 13.06
C ASP B 142 -36.95 -23.64 14.36
N LEU B 143 -36.29 -24.22 15.35
CA LEU B 143 -36.03 -23.51 16.61
C LEU B 143 -35.10 -22.31 16.43
N THR B 144 -34.01 -22.50 15.66
CA THR B 144 -32.99 -21.46 15.53
C THR B 144 -33.55 -20.35 14.65
N ASP B 145 -34.32 -20.74 13.63
CA ASP B 145 -35.07 -19.80 12.79
C ASP B 145 -36.06 -18.95 13.58
N SER B 146 -36.49 -19.43 14.74
CA SER B 146 -37.41 -18.63 15.56
C SER B 146 -36.74 -17.37 16.13
N PHE B 147 -35.40 -17.36 16.23
CA PHE B 147 -34.72 -16.16 16.75
C PHE B 147 -33.66 -15.53 15.82
N GLY B 148 -33.76 -15.83 14.52
CA GLY B 148 -32.92 -15.21 13.53
C GLY B 148 -32.77 -16.07 12.31
N SER B 149 -31.58 -16.07 11.71
CA SER B 149 -31.26 -16.99 10.61
C SER B 149 -30.32 -18.11 11.07
N THR B 150 -30.18 -19.12 10.23
CA THR B 150 -29.47 -20.33 10.58
C THR B 150 -28.49 -20.69 9.47
N PHE B 151 -27.26 -21.03 9.87
CA PHE B 151 -26.22 -21.46 8.93
C PHE B 151 -25.78 -22.90 9.15
N ASP B 152 -25.81 -23.71 8.08
CA ASP B 152 -25.30 -25.07 8.13
C ASP B 152 -23.80 -24.97 7.99
N ILE B 153 -23.13 -25.00 9.13
CA ILE B 153 -21.69 -24.84 9.24
C ILE B 153 -21.14 -26.18 9.75
N SER B 154 -20.07 -26.68 9.13
CA SER B 154 -19.38 -27.86 9.64
C SER B 154 -18.72 -27.50 10.95
N GLU B 155 -18.59 -28.49 11.84
CA GLU B 155 -18.05 -28.25 13.18
C GLU B 155 -16.61 -27.74 13.18
N LYS B 156 -15.82 -28.18 12.20
CA LYS B 156 -14.45 -27.71 12.05
C LYS B 156 -14.41 -26.19 11.88
N ASP B 157 -15.53 -25.60 11.42
CA ASP B 157 -15.62 -24.14 11.18
C ASP B 157 -16.30 -23.36 12.30
N PHE B 158 -16.67 -24.06 13.39
CA PHE B 158 -17.38 -23.43 14.52
C PHE B 158 -16.64 -22.34 15.29
N ASP B 159 -15.34 -22.55 15.56
CA ASP B 159 -14.50 -21.53 16.24
C ASP B 159 -14.40 -20.22 15.42
N THR B 160 -14.25 -20.35 14.09
CA THR B 160 -14.23 -19.21 13.20
C THR B 160 -15.59 -18.52 13.15
N PHE B 161 -16.65 -19.31 13.03
CA PHE B 161 -18.00 -18.75 13.06
C PHE B 161 -18.24 -18.02 14.38
N THR B 162 -17.81 -18.63 15.49
CA THR B 162 -17.91 -17.96 16.81
C THR B 162 -17.37 -16.53 16.71
N ALA B 163 -16.20 -16.36 16.11
CA ALA B 163 -15.56 -15.05 16.01
C ALA B 163 -16.28 -14.14 15.04
N LEU B 164 -16.64 -14.66 13.87
CA LEU B 164 -17.29 -13.85 12.85
C LEU B 164 -18.70 -13.41 13.18
N ALA B 165 -19.41 -14.19 13.99
CA ALA B 165 -20.85 -13.96 14.22
C ALA B 165 -21.23 -13.84 15.70
N GLY B 166 -20.63 -14.68 16.54
CA GLY B 166 -20.89 -14.68 17.99
C GLY B 166 -20.26 -13.49 18.70
N SER B 167 -18.95 -13.31 18.46
CA SER B 167 -18.17 -12.28 19.16
C SER B 167 -18.20 -10.93 18.49
N SER B 168 -18.38 -10.92 17.18
CA SER B 168 -18.26 -9.68 16.40
C SER B 168 -19.28 -8.57 16.69
N PRO B 169 -20.49 -8.91 17.19
CA PRO B 169 -21.37 -7.78 17.52
C PRO B 169 -20.67 -6.78 18.44
N ALA B 170 -19.89 -7.30 19.38
CA ALA B 170 -19.12 -6.47 20.32
C ALA B 170 -18.09 -5.61 19.59
N TYR B 171 -17.49 -6.16 18.52
CA TYR B 171 -16.41 -5.47 17.79
C TYR B 171 -17.05 -4.42 16.92
N ILE B 172 -18.20 -4.77 16.34
CA ILE B 172 -19.04 -3.82 15.63
C ILE B 172 -19.43 -2.65 16.53
N TYR B 173 -19.86 -2.93 17.76
CA TYR B 173 -20.19 -1.86 18.71
C TYR B 173 -19.00 -0.96 19.03
N LEU B 174 -17.81 -1.55 19.23
CA LEU B 174 -16.60 -0.75 19.58
C LEU B 174 -16.23 0.23 18.47
N PHE B 175 -16.33 -0.25 17.23
CA PHE B 175 -16.15 0.53 16.02
C PHE B 175 -17.17 1.66 15.93
N ILE B 176 -18.45 1.33 16.07
CA ILE B 176 -19.52 2.34 16.10
C ILE B 176 -19.26 3.37 17.23
N GLU B 177 -18.90 2.88 18.40
CA GLU B 177 -18.53 3.76 19.51
C GLU B 177 -17.35 4.70 19.15
N ALA B 178 -16.36 4.16 18.43
CA ALA B 178 -15.17 4.92 18.04
C ALA B 178 -15.52 6.04 17.09
N LEU B 179 -16.38 5.74 16.13
CA LEU B 179 -16.86 6.74 15.21
C LEU B 179 -17.61 7.85 15.96
N ALA B 180 -18.48 7.47 16.87
CA ALA B 180 -19.28 8.42 17.60
C ALA B 180 -18.45 9.27 18.56
N LYS B 181 -17.48 8.66 19.23
CA LYS B 181 -16.54 9.42 20.08
C LYS B 181 -15.74 10.46 19.30
N ALA B 182 -15.39 10.11 18.04
CA ALA B 182 -14.68 11.02 17.13
C ALA B 182 -15.56 12.20 16.75
N GLY B 183 -16.85 11.92 16.53
CA GLY B 183 -17.89 12.94 16.44
C GLY B 183 -17.91 13.83 17.67
N VAL B 184 -17.94 13.23 18.86
CA VAL B 184 -17.88 14.04 20.10
C VAL B 184 -16.62 14.92 20.12
N LYS B 185 -15.46 14.36 19.79
CA LYS B 185 -14.21 15.13 19.80
C LYS B 185 -14.30 16.37 18.91
N ASN B 186 -15.03 16.21 17.81
CA ASN B 186 -15.17 17.21 16.78
C ASN B 186 -16.47 18.04 16.85
N GLY B 187 -17.12 18.04 18.01
CA GLY B 187 -18.17 19.04 18.29
C GLY B 187 -19.62 18.58 18.24
N ILE B 188 -19.85 17.30 17.99
CA ILE B 188 -21.21 16.79 17.84
C ILE B 188 -21.60 15.91 19.03
N PRO B 189 -22.73 16.22 19.68
CA PRO B 189 -23.21 15.44 20.82
C PRO B 189 -23.19 13.92 20.62
N LYS B 190 -22.83 13.21 21.69
CA LYS B 190 -22.75 11.74 21.63
C LYS B 190 -23.99 11.03 21.04
N ALA B 191 -25.19 11.41 21.51
CA ALA B 191 -26.45 10.80 21.09
C ALA B 191 -26.77 11.06 19.62
N LYS B 192 -26.52 12.28 19.18
CA LYS B 192 -26.65 12.66 17.78
C LYS B 192 -25.63 11.97 16.87
N ALA B 193 -24.36 11.93 17.29
CA ALA B 193 -23.32 11.21 16.54
C ALA B 193 -23.68 9.73 16.45
N LEU B 194 -24.10 9.13 17.57
CA LEU B 194 -24.54 7.71 17.55
C LEU B 194 -25.71 7.47 16.59
N GLU B 195 -26.61 8.44 16.49
CA GLU B 195 -27.77 8.29 15.62
C GLU B 195 -27.31 8.30 14.16
N ILE B 196 -26.44 9.24 13.83
CA ILE B 196 -25.96 9.41 12.46
C ILE B 196 -25.17 8.17 12.03
N VAL B 197 -24.19 7.73 12.83
CA VAL B 197 -23.38 6.59 12.37
C VAL B 197 -24.12 5.25 12.34
N THR B 198 -24.92 4.99 13.37
CA THR B 198 -25.73 3.77 13.42
C THR B 198 -26.62 3.65 12.17
N GLN B 199 -27.19 4.77 11.76
CA GLN B 199 -28.07 4.81 10.60
C GLN B 199 -27.27 4.63 9.33
N THR B 200 -26.05 5.16 9.31
CA THR B 200 -25.13 4.98 8.19
C THR B 200 -24.58 3.54 8.12
N VAL B 201 -24.31 2.94 9.26
CA VAL B 201 -23.90 1.51 9.28
C VAL B 201 -25.03 0.67 8.66
N LEU B 202 -26.24 0.85 9.17
CA LEU B 202 -27.41 0.13 8.69
C LEU B 202 -27.59 0.24 7.19
N ALA B 203 -27.54 1.46 6.67
CA ALA B 203 -27.75 1.71 5.26
C ALA B 203 -26.62 1.11 4.43
N SER B 204 -25.38 1.25 4.91
CA SER B 204 -24.20 0.72 4.24
C SER B 204 -24.22 -0.80 4.16
N ALA B 205 -24.48 -1.45 5.29
CA ALA B 205 -24.57 -2.91 5.32
C ALA B 205 -25.70 -3.43 4.43
N SER B 206 -26.82 -2.71 4.40
CA SER B 206 -27.96 -3.11 3.59
C SER B 206 -27.66 -2.97 2.10
N ASN B 207 -26.98 -1.88 1.73
CA ASN B 207 -26.55 -1.65 0.36
C ASN B 207 -25.60 -2.75 -0.12
N LEU B 208 -24.63 -3.10 0.71
CA LEU B 208 -23.70 -4.19 0.37
C LEU B 208 -24.45 -5.50 0.09
N LYS B 209 -25.37 -5.85 1.00
CA LYS B 209 -26.18 -7.05 0.89
C LYS B 209 -26.94 -7.22 -0.44
N THR B 210 -27.47 -6.13 -0.98
CA THR B 210 -28.33 -6.23 -2.15
C THR B 210 -27.59 -5.90 -3.44
N SER B 211 -26.32 -5.55 -3.31
CA SER B 211 -25.49 -5.15 -4.44
C SER B 211 -24.70 -6.36 -4.93
N SER B 212 -24.26 -6.32 -6.17
CA SER B 212 -23.32 -7.33 -6.64
C SER B 212 -21.89 -6.83 -6.44
N GLN B 213 -21.74 -5.58 -6.01
CA GLN B 213 -20.43 -5.00 -5.75
C GLN B 213 -19.80 -5.48 -4.45
N SER B 214 -18.48 -5.61 -4.46
CA SER B 214 -17.71 -5.97 -3.27
C SER B 214 -17.53 -4.76 -2.35
N PRO B 215 -17.14 -5.01 -1.08
CA PRO B 215 -16.75 -3.86 -0.26
C PRO B 215 -15.69 -2.93 -0.91
N HIS B 216 -14.65 -3.48 -1.52
CA HIS B 216 -13.64 -2.65 -2.19
C HIS B 216 -14.18 -1.93 -3.41
N ASP B 217 -15.17 -2.54 -4.10
CA ASP B 217 -15.89 -1.83 -5.17
C ASP B 217 -16.56 -0.54 -4.65
N PHE B 218 -17.28 -0.66 -3.53
CA PHE B 218 -17.89 0.49 -2.87
C PHE B 218 -16.86 1.52 -2.40
N ILE B 219 -15.78 1.06 -1.79
CA ILE B 219 -14.70 1.99 -1.38
C ILE B 219 -14.20 2.84 -2.56
N ASP B 220 -13.96 2.20 -3.70
CA ASP B 220 -13.62 2.92 -4.95
C ASP B 220 -14.63 4.02 -5.34
N ALA B 221 -15.93 3.67 -5.30
CA ALA B 221 -16.99 4.64 -5.60
C ALA B 221 -16.99 5.83 -4.64
N ILE B 222 -16.79 5.57 -3.35
CA ILE B 222 -16.84 6.62 -2.32
C ILE B 222 -15.57 7.50 -2.26
N CYS B 223 -14.41 6.95 -2.60
CA CYS B 223 -13.19 7.76 -2.54
C CYS B 223 -13.01 8.71 -3.74
N SER B 224 -13.72 9.85 -3.68
CA SER B 224 -13.50 10.93 -4.65
C SER B 224 -12.02 11.26 -4.70
N PRO B 225 -11.46 11.38 -5.93
CA PRO B 225 -10.04 11.67 -6.10
C PRO B 225 -9.69 13.00 -5.45
N GLY B 226 -8.66 12.98 -4.61
CA GLY B 226 -8.22 14.18 -3.90
C GLY B 226 -9.21 14.59 -2.80
N GLY B 227 -10.09 13.66 -2.41
CA GLY B 227 -11.18 13.97 -1.49
C GLY B 227 -10.90 13.65 -0.04
N THR B 228 -11.93 13.76 0.79
CA THR B 228 -11.78 13.57 2.23
C THR B 228 -11.69 12.08 2.64
N THR B 229 -12.35 11.22 1.87
CA THR B 229 -12.50 9.80 2.21
C THR B 229 -11.22 9.01 1.99
N ILE B 230 -10.56 9.26 0.85
CA ILE B 230 -9.26 8.66 0.61
C ILE B 230 -8.20 9.14 1.64
N ALA B 231 -8.34 10.35 2.15
CA ALA B 231 -7.44 10.80 3.22
C ALA B 231 -7.66 9.95 4.48
N GLY B 232 -8.91 9.80 4.89
CA GLY B 232 -9.23 8.95 6.03
C GLY B 232 -8.89 7.49 5.79
N LEU B 233 -9.14 6.99 4.58
CA LEU B 233 -8.81 5.59 4.26
C LEU B 233 -7.30 5.30 4.36
N MET B 234 -6.47 6.18 3.81
CA MET B 234 -5.02 6.01 3.91
C MET B 234 -4.53 6.14 5.36
N GLU B 235 -5.23 6.89 6.20
CA GLU B 235 -4.90 6.90 7.63
C GLU B 235 -5.26 5.56 8.32
N LEU B 236 -6.36 4.93 7.90
CA LEU B 236 -6.72 3.59 8.38
C LEU B 236 -5.66 2.55 7.99
N GLU B 237 -5.13 2.68 6.77
CA GLU B 237 -4.05 1.86 6.26
C GLU B 237 -2.80 2.09 7.08
N ARG B 238 -2.45 3.35 7.27
CA ARG B 238 -1.27 3.69 8.05
C ARG B 238 -1.30 3.02 9.43
N LEU B 239 -2.43 3.10 10.11
CA LEU B 239 -2.51 2.65 11.50
C LEU B 239 -2.96 1.17 11.63
N GLY B 240 -3.24 0.51 10.51
CA GLY B 240 -3.41 -0.94 10.50
C GLY B 240 -4.80 -1.41 10.89
N LEU B 241 -5.84 -0.67 10.50
CA LEU B 241 -7.23 -1.14 10.76
C LEU B 241 -7.48 -2.63 10.45
N THR B 242 -7.14 -3.07 9.24
CA THR B 242 -7.47 -4.41 8.76
C THR B 242 -6.68 -5.46 9.55
N ALA B 243 -5.40 -5.17 9.75
CA ALA B 243 -4.53 -6.06 10.49
C ALA B 243 -4.98 -6.16 11.96
N THR B 244 -5.46 -5.05 12.50
CA THR B 244 -5.96 -5.00 13.90
C THR B 244 -7.19 -5.90 14.09
N VAL B 245 -8.13 -5.80 13.15
CA VAL B 245 -9.35 -6.61 13.15
C VAL B 245 -9.00 -8.10 12.97
N SER B 246 -8.11 -8.39 12.02
CA SER B 246 -7.73 -9.76 11.75
C SER B 246 -7.04 -10.41 12.96
N SER B 247 -6.15 -9.65 13.60
CA SER B 247 -5.46 -10.16 14.79
C SER B 247 -6.42 -10.38 15.95
N ALA B 248 -7.41 -9.51 16.09
CA ALA B 248 -8.48 -9.70 17.07
C ALA B 248 -9.33 -10.97 16.82
N ILE B 249 -9.61 -11.27 15.55
CA ILE B 249 -10.32 -12.46 15.19
C ILE B 249 -9.46 -13.69 15.52
N ASP B 250 -8.16 -13.61 15.24
CA ASP B 250 -7.22 -14.67 15.60
C ASP B 250 -7.17 -14.93 17.11
N LYS B 251 -7.08 -13.87 17.91
CA LYS B 251 -7.14 -14.02 19.37
C LYS B 251 -8.47 -14.66 19.85
N THR B 252 -9.57 -14.26 19.21
CA THR B 252 -10.90 -14.79 19.54
C THR B 252 -10.93 -16.30 19.33
N ILE B 253 -10.40 -16.72 18.19
CA ILE B 253 -10.39 -18.12 17.77
C ILE B 253 -9.43 -18.94 18.62
N ASP B 254 -8.20 -18.45 18.81
CA ASP B 254 -7.29 -19.05 19.81
C ASP B 254 -7.98 -19.26 21.16
N LYS B 255 -8.82 -18.32 21.58
CA LYS B 255 -9.48 -18.50 22.88
C LYS B 255 -10.51 -19.62 22.78
N ALA B 256 -11.32 -19.61 21.73
CA ALA B 256 -12.26 -20.72 21.46
C ALA B 256 -11.55 -22.09 21.49
N LYS B 257 -10.40 -22.17 20.83
CA LYS B 257 -9.54 -23.38 20.84
C LYS B 257 -9.09 -23.81 22.23
N SER B 258 -8.56 -22.89 23.03
CA SER B 258 -8.04 -23.29 24.34
C SER B 258 -9.17 -23.66 25.31
N LEU B 259 -10.36 -23.12 25.09
CA LEU B 259 -11.56 -23.54 25.82
C LEU B 259 -11.95 -25.01 25.54
N MET C 4 -41.64 22.18 -10.28
CA MET C 4 -40.22 22.57 -10.07
C MET C 4 -39.23 21.75 -10.93
N LYS C 5 -38.53 22.43 -11.83
CA LYS C 5 -37.49 21.79 -12.65
C LYS C 5 -36.13 21.85 -11.94
N ILE C 6 -35.40 20.75 -11.96
CA ILE C 6 -34.08 20.64 -11.31
C ILE C 6 -32.95 20.30 -12.29
N GLY C 7 -31.97 21.20 -12.38
CA GLY C 7 -30.78 21.01 -13.21
C GLY C 7 -29.58 20.54 -12.41
N ILE C 8 -28.76 19.68 -13.01
CA ILE C 8 -27.59 19.11 -12.34
C ILE C 8 -26.30 19.38 -13.13
N ILE C 9 -25.40 20.12 -12.50
CA ILE C 9 -24.12 20.47 -13.11
C ILE C 9 -23.00 19.60 -12.54
N GLY C 10 -22.39 18.80 -13.42
CA GLY C 10 -21.39 17.81 -13.03
C GLY C 10 -22.06 16.57 -12.47
N VAL C 11 -21.80 15.43 -13.10
CA VAL C 11 -22.49 14.19 -12.75
C VAL C 11 -21.48 13.06 -12.62
N GLY C 12 -20.86 12.98 -11.44
CA GLY C 12 -20.03 11.85 -11.09
C GLY C 12 -20.85 10.84 -10.32
N LYS C 13 -20.15 10.04 -9.51
CA LYS C 13 -20.76 8.91 -8.78
C LYS C 13 -21.80 9.32 -7.74
N MET C 14 -21.50 10.36 -6.97
CA MET C 14 -22.40 10.82 -5.91
C MET C 14 -23.68 11.45 -6.49
N ALA C 15 -23.51 12.32 -7.48
CA ALA C 15 -24.63 12.92 -8.22
C ALA C 15 -25.48 11.86 -8.92
N SER C 16 -24.84 10.84 -9.51
CA SER C 16 -25.58 9.72 -10.11
C SER C 16 -26.48 8.98 -9.13
N ALA C 17 -25.98 8.80 -7.90
CA ALA C 17 -26.71 8.08 -6.85
C ALA C 17 -27.99 8.83 -6.43
N ILE C 18 -27.87 10.14 -6.24
CA ILE C 18 -29.00 11.01 -5.87
C ILE C 18 -30.07 11.08 -6.96
N ILE C 19 -29.64 11.10 -8.22
CA ILE C 19 -30.54 11.14 -9.36
C ILE C 19 -31.60 10.02 -9.28
N LYS C 20 -31.13 8.79 -9.11
CA LYS C 20 -31.99 7.67 -8.74
C LYS C 20 -33.18 8.09 -7.85
N GLY C 21 -32.90 8.84 -6.77
CA GLY C 21 -33.92 9.30 -5.83
C GLY C 21 -34.79 10.38 -6.45
N LEU C 22 -34.15 11.33 -7.13
CA LEU C 22 -34.82 12.48 -7.72
C LEU C 22 -35.89 12.08 -8.74
N LYS C 23 -35.66 10.99 -9.47
CA LYS C 23 -36.61 10.50 -10.47
C LYS C 23 -37.95 10.13 -9.85
N GLN C 24 -37.90 9.63 -8.62
CA GLN C 24 -39.09 9.19 -7.90
C GLN C 24 -39.91 10.34 -7.29
N THR C 25 -39.35 11.55 -7.31
CA THR C 25 -40.14 12.76 -7.02
C THR C 25 -40.90 13.11 -8.30
N PRO C 26 -41.96 13.94 -8.19
CA PRO C 26 -42.65 14.20 -9.45
C PRO C 26 -41.94 15.31 -10.27
N HIS C 27 -40.75 15.70 -9.84
CA HIS C 27 -40.00 16.78 -10.50
C HIS C 27 -39.29 16.30 -11.76
N GLU C 28 -39.29 17.15 -12.78
CA GLU C 28 -38.54 16.89 -14.01
C GLU C 28 -37.09 17.34 -13.84
N LEU C 29 -36.17 16.55 -14.40
CA LEU C 29 -34.73 16.76 -14.23
C LEU C 29 -33.99 16.91 -15.56
N ILE C 30 -32.84 17.59 -15.49
CA ILE C 30 -31.98 17.81 -16.65
C ILE C 30 -30.53 17.87 -16.15
N ILE C 31 -29.63 17.21 -16.89
CA ILE C 31 -28.23 17.13 -16.48
C ILE C 31 -27.33 17.91 -17.44
N SER C 32 -26.18 18.32 -16.94
CA SER C 32 -25.16 18.96 -17.76
C SER C 32 -23.81 18.50 -17.24
N GLY C 33 -23.15 17.66 -18.02
CA GLY C 33 -21.93 16.99 -17.59
C GLY C 33 -20.65 17.76 -17.84
N SER C 34 -19.53 17.03 -17.84
CA SER C 34 -18.18 17.57 -18.05
C SER C 34 -17.99 18.16 -19.46
N SER C 35 -18.37 17.38 -20.48
CA SER C 35 -18.35 17.80 -21.89
C SER C 35 -19.77 17.89 -22.42
N LEU C 36 -19.91 18.32 -23.67
CA LEU C 36 -21.14 18.06 -24.41
C LEU C 36 -21.21 16.55 -24.68
N GLU C 37 -20.07 15.99 -25.08
CA GLU C 37 -19.95 14.56 -25.32
C GLU C 37 -20.32 13.74 -24.08
N ARG C 38 -19.70 14.10 -22.95
CA ARG C 38 -19.96 13.44 -21.67
C ARG C 38 -21.43 13.59 -21.25
N SER C 39 -22.02 14.76 -21.48
CA SER C 39 -23.45 14.96 -21.26
C SER C 39 -24.29 13.91 -21.98
N LYS C 40 -23.99 13.68 -23.26
CA LYS C 40 -24.69 12.69 -24.09
C LYS C 40 -24.54 11.27 -23.53
N GLU C 41 -23.30 10.91 -23.20
CA GLU C 41 -22.99 9.61 -22.61
C GLU C 41 -23.81 9.37 -21.35
N ILE C 42 -23.83 10.37 -20.46
CA ILE C 42 -24.51 10.30 -19.17
C ILE C 42 -26.05 10.38 -19.32
N ALA C 43 -26.52 11.27 -20.20
CA ALA C 43 -27.96 11.45 -20.46
C ALA C 43 -28.63 10.16 -20.93
N GLU C 44 -27.93 9.38 -21.75
CA GLU C 44 -28.45 8.10 -22.19
C GLU C 44 -28.31 7.06 -21.08
N GLN C 45 -27.17 7.08 -20.39
CA GLN C 45 -26.92 6.20 -19.25
C GLN C 45 -28.00 6.32 -18.17
N LEU C 46 -28.45 7.55 -17.92
CA LEU C 46 -29.44 7.80 -16.89
C LEU C 46 -30.86 8.01 -17.41
N ALA C 47 -31.04 7.91 -18.73
CA ALA C 47 -32.35 8.13 -19.38
C ALA C 47 -32.98 9.48 -19.00
N LEU C 48 -32.18 10.54 -19.13
CA LEU C 48 -32.60 11.89 -18.77
C LEU C 48 -32.16 12.93 -19.79
N PRO C 49 -32.94 14.03 -19.93
CA PRO C 49 -32.53 15.11 -20.83
C PRO C 49 -31.20 15.71 -20.39
N TYR C 50 -30.32 15.97 -21.35
CA TYR C 50 -29.12 16.76 -21.09
C TYR C 50 -29.35 18.19 -21.59
N ALA C 51 -28.42 19.08 -21.27
CA ALA C 51 -28.48 20.45 -21.76
C ALA C 51 -27.20 20.79 -22.54
N MET C 52 -27.32 21.75 -23.47
CA MET C 52 -26.23 22.11 -24.39
C MET C 52 -25.01 22.71 -23.68
N SER C 53 -25.24 23.41 -22.58
CA SER C 53 -24.20 23.98 -21.73
C SER C 53 -24.74 24.20 -20.31
N HIS C 54 -23.87 24.53 -19.36
CA HIS C 54 -24.31 24.83 -18.00
C HIS C 54 -25.21 26.08 -17.96
N GLN C 55 -24.89 27.07 -18.80
CA GLN C 55 -25.70 28.29 -18.91
C GLN C 55 -27.04 28.02 -19.61
N ASP C 56 -27.05 27.07 -20.54
CA ASP C 56 -28.28 26.55 -21.11
C ASP C 56 -29.10 25.86 -20.02
N LEU C 57 -28.41 25.17 -19.12
CA LEU C 57 -29.01 24.43 -18.02
C LEU C 57 -29.68 25.41 -17.06
N ILE C 58 -28.96 26.48 -16.71
CA ILE C 58 -29.43 27.48 -15.74
C ILE C 58 -30.69 28.15 -16.23
N ASP C 59 -30.61 28.72 -17.43
CA ASP C 59 -31.70 29.47 -18.07
C ASP C 59 -33.07 28.78 -18.09
N GLN C 60 -33.08 27.46 -17.97
CA GLN C 60 -34.34 26.71 -18.05
C GLN C 60 -34.72 25.96 -16.77
N VAL C 61 -34.07 26.26 -15.65
CA VAL C 61 -34.28 25.46 -14.44
C VAL C 61 -34.56 26.28 -13.16
N ASP C 62 -35.40 25.71 -12.28
CA ASP C 62 -35.88 26.40 -11.06
C ASP C 62 -34.95 26.27 -9.88
N LEU C 63 -34.24 25.14 -9.83
CA LEU C 63 -33.27 24.85 -8.79
C LEU C 63 -32.08 24.13 -9.41
N VAL C 64 -30.88 24.43 -8.91
CA VAL C 64 -29.66 23.79 -9.39
C VAL C 64 -29.01 22.93 -8.31
N ILE C 65 -28.54 21.76 -8.71
CA ILE C 65 -27.69 20.92 -7.87
C ILE C 65 -26.28 20.84 -8.47
N LEU C 66 -25.27 21.15 -7.68
CA LEU C 66 -23.87 21.04 -8.11
C LEU C 66 -23.24 19.69 -7.71
N GLY C 67 -22.67 18.99 -8.70
CA GLY C 67 -22.13 17.63 -8.53
C GLY C 67 -20.67 17.48 -8.93
N ILE C 68 -20.03 18.62 -9.21
CA ILE C 68 -18.59 18.70 -9.44
C ILE C 68 -17.78 18.62 -8.15
N LYS C 69 -16.52 18.21 -8.30
CA LYS C 69 -15.54 18.20 -7.22
C LYS C 69 -15.45 19.58 -6.56
N PRO C 70 -15.15 19.62 -5.24
CA PRO C 70 -14.81 20.87 -4.57
C PRO C 70 -13.70 21.62 -5.30
N GLN C 71 -12.74 20.88 -5.84
CA GLN C 71 -11.58 21.47 -6.49
C GLN C 71 -11.93 22.35 -7.70
N LEU C 72 -13.03 22.03 -8.39
CA LEU C 72 -13.44 22.73 -9.62
C LEU C 72 -14.52 23.80 -9.44
N PHE C 73 -14.89 24.11 -8.19
CA PHE C 73 -15.88 25.15 -7.93
C PHE C 73 -15.39 26.51 -8.48
N GLU C 74 -14.11 26.81 -8.25
CA GLU C 74 -13.47 28.01 -8.76
C GLU C 74 -13.74 28.17 -10.25
N THR C 75 -13.26 27.21 -11.02
CA THR C 75 -13.27 27.30 -12.48
C THR C 75 -14.67 27.33 -13.08
N VAL C 76 -15.45 26.28 -12.84
CA VAL C 76 -16.68 26.11 -13.61
C VAL C 76 -17.78 27.11 -13.21
N LEU C 77 -17.75 27.58 -11.96
CA LEU C 77 -18.82 28.44 -11.45
C LEU C 77 -18.72 29.92 -11.82
N LYS C 78 -17.50 30.46 -11.83
CA LYS C 78 -17.26 31.90 -12.02
C LYS C 78 -17.83 32.50 -13.33
N PRO C 79 -17.50 31.89 -14.49
CA PRO C 79 -17.99 32.42 -15.77
C PRO C 79 -19.46 32.12 -16.04
N LEU C 80 -20.26 31.87 -15.00
CA LEU C 80 -21.67 31.52 -15.17
C LEU C 80 -22.58 32.50 -14.45
N HIS C 81 -23.84 32.55 -14.87
CA HIS C 81 -24.80 33.49 -14.31
C HIS C 81 -26.04 32.77 -13.79
N PHE C 82 -26.06 32.55 -12.48
CA PHE C 82 -27.15 31.83 -11.82
C PHE C 82 -28.30 32.78 -11.47
N LYS C 83 -29.50 32.24 -11.37
CA LYS C 83 -30.71 33.05 -11.16
C LYS C 83 -31.77 32.29 -10.38
N GLN C 84 -31.31 31.29 -9.62
CA GLN C 84 -32.19 30.44 -8.81
C GLN C 84 -31.42 29.87 -7.62
N PRO C 85 -32.15 29.29 -6.65
CA PRO C 85 -31.49 28.56 -5.56
C PRO C 85 -30.53 27.49 -6.06
N ILE C 86 -29.41 27.33 -5.35
CA ILE C 86 -28.42 26.32 -5.66
C ILE C 86 -28.19 25.42 -4.43
N ILE C 87 -28.06 24.12 -4.68
CA ILE C 87 -27.63 23.20 -3.65
C ILE C 87 -26.24 22.70 -4.03
N SER C 88 -25.28 22.92 -3.13
CA SER C 88 -23.94 22.34 -3.22
C SER C 88 -23.86 21.07 -2.36
N MET C 89 -23.26 20.01 -2.93
CA MET C 89 -23.00 18.77 -2.16
C MET C 89 -21.54 18.57 -1.80
N ALA C 90 -20.69 19.56 -2.13
CA ALA C 90 -19.23 19.46 -1.99
C ALA C 90 -18.71 19.55 -0.56
N ALA C 91 -17.72 18.70 -0.26
CA ALA C 91 -17.03 18.73 1.03
C ALA C 91 -16.20 19.99 1.18
N GLY C 92 -16.28 20.57 2.36
CA GLY C 92 -15.38 21.62 2.79
C GLY C 92 -15.45 22.97 2.10
N ILE C 93 -16.52 23.26 1.36
CA ILE C 93 -16.70 24.61 0.80
C ILE C 93 -17.87 25.30 1.47
N SER C 94 -17.58 26.38 2.18
CA SER C 94 -18.58 27.12 2.95
C SER C 94 -19.62 27.80 2.06
N LEU C 95 -20.82 28.00 2.59
CA LEU C 95 -21.89 28.75 1.94
C LEU C 95 -21.48 30.19 1.63
N GLN C 96 -20.86 30.85 2.62
CA GLN C 96 -20.31 32.18 2.43
C GLN C 96 -19.32 32.19 1.26
N ARG C 97 -18.46 31.18 1.20
CA ARG C 97 -17.49 31.04 0.11
C ARG C 97 -18.18 30.76 -1.23
N LEU C 98 -19.27 29.97 -1.20
CA LEU C 98 -20.03 29.67 -2.42
C LEU C 98 -20.66 30.96 -2.98
N ALA C 99 -21.13 31.82 -2.09
CA ALA C 99 -21.74 33.09 -2.43
C ALA C 99 -20.75 34.01 -3.15
N THR C 100 -19.46 33.88 -2.82
CA THR C 100 -18.41 34.63 -3.53
C THR C 100 -17.98 33.93 -4.83
N PHE C 101 -18.84 33.06 -5.35
CA PHE C 101 -18.60 32.38 -6.64
C PHE C 101 -19.81 32.56 -7.54
N VAL C 102 -20.98 32.69 -6.92
CA VAL C 102 -22.26 32.60 -7.63
C VAL C 102 -23.18 33.80 -7.44
N GLY C 103 -22.96 34.55 -6.35
CA GLY C 103 -23.75 35.75 -6.05
C GLY C 103 -24.17 35.95 -4.61
N GLN C 104 -24.34 37.22 -4.22
CA GLN C 104 -24.79 37.58 -2.87
C GLN C 104 -26.32 37.73 -2.77
N ASP C 105 -27.03 37.42 -3.86
CA ASP C 105 -28.49 37.58 -3.92
C ASP C 105 -29.27 36.27 -4.06
N LEU C 106 -28.56 35.15 -4.02
CA LEU C 106 -29.16 33.81 -4.21
C LEU C 106 -29.34 33.08 -2.88
N PRO C 107 -30.51 32.44 -2.69
CA PRO C 107 -30.64 31.47 -1.61
C PRO C 107 -29.76 30.26 -1.91
N LEU C 108 -28.85 29.93 -0.99
CA LEU C 108 -27.92 28.82 -1.20
C LEU C 108 -28.02 27.77 -0.12
N LEU C 109 -28.00 26.51 -0.53
CA LEU C 109 -28.05 25.42 0.43
C LEU C 109 -26.88 24.48 0.28
N ARG C 110 -26.50 23.88 1.40
CA ARG C 110 -25.55 22.79 1.37
C ARG C 110 -26.21 21.52 1.83
N ILE C 111 -25.81 20.42 1.21
CA ILE C 111 -26.11 19.07 1.70
C ILE C 111 -24.84 18.20 1.80
N MET C 112 -24.84 17.27 2.74
CA MET C 112 -23.81 16.23 2.76
C MET C 112 -24.49 14.88 2.77
N PRO C 113 -24.60 14.25 1.58
CA PRO C 113 -25.22 12.94 1.38
C PRO C 113 -24.18 11.82 1.42
N ASN C 114 -24.63 10.57 1.32
CA ASN C 114 -23.67 9.50 1.12
C ASN C 114 -24.11 8.52 0.03
N MET C 115 -23.22 7.62 -0.37
CA MET C 115 -23.47 6.63 -1.44
C MET C 115 -24.73 5.74 -1.22
N ASN C 116 -25.23 5.67 0.02
CA ASN C 116 -26.47 4.95 0.33
C ASN C 116 -27.71 5.60 -0.29
N ALA C 117 -27.51 6.76 -0.92
CA ALA C 117 -28.52 7.34 -1.79
C ALA C 117 -28.92 6.36 -2.92
N GLN C 118 -28.03 5.41 -3.24
CA GLN C 118 -28.30 4.38 -4.26
C GLN C 118 -29.54 3.56 -3.92
N ILE C 119 -29.69 3.21 -2.65
CA ILE C 119 -30.84 2.44 -2.20
C ILE C 119 -31.81 3.35 -1.42
N LEU C 120 -31.71 4.65 -1.65
CA LEU C 120 -32.56 5.68 -1.03
C LEU C 120 -32.46 5.71 0.52
N GLN C 121 -31.25 5.48 1.05
CA GLN C 121 -31.06 5.50 2.51
C GLN C 121 -29.85 6.34 2.96
N SER C 122 -29.61 7.45 2.28
CA SER C 122 -28.57 8.39 2.66
C SER C 122 -28.82 9.01 4.05
N SER C 123 -27.74 9.34 4.76
CA SER C 123 -27.86 10.17 5.95
C SER C 123 -27.37 11.54 5.56
N THR C 124 -28.31 12.43 5.21
CA THR C 124 -27.97 13.68 4.52
C THR C 124 -28.14 14.92 5.42
N ALA C 125 -27.03 15.64 5.59
CA ALA C 125 -27.06 16.93 6.29
C ALA C 125 -27.59 18.00 5.34
N LEU C 126 -28.30 18.97 5.92
CA LEU C 126 -28.85 20.07 5.13
C LEU C 126 -28.81 21.36 5.93
N THR C 127 -28.35 22.43 5.26
CA THR C 127 -28.40 23.76 5.85
C THR C 127 -28.49 24.79 4.71
N GLY C 128 -28.97 25.99 5.01
CA GLY C 128 -29.12 27.06 4.02
C GLY C 128 -28.63 28.40 4.55
N ASN C 129 -28.18 29.27 3.65
CA ASN C 129 -27.82 30.64 4.05
C ASN C 129 -29.03 31.50 4.48
N ALA C 130 -28.77 32.77 4.78
CA ALA C 130 -29.80 33.71 5.27
C ALA C 130 -31.01 33.91 4.33
N LEU C 131 -30.77 33.77 3.03
CA LEU C 131 -31.78 34.01 1.99
C LEU C 131 -32.82 32.88 1.75
N VAL C 132 -32.64 31.76 2.43
CA VAL C 132 -33.52 30.59 2.27
C VAL C 132 -34.81 30.77 3.09
N SER C 133 -35.96 30.67 2.43
CA SER C 133 -37.25 30.80 3.12
C SER C 133 -37.59 29.55 3.95
N GLN C 134 -38.67 29.65 4.73
CA GLN C 134 -39.21 28.51 5.49
C GLN C 134 -39.70 27.39 4.58
N GLU C 135 -40.34 27.78 3.48
CA GLU C 135 -40.94 26.84 2.53
C GLU C 135 -39.96 26.31 1.49
N LEU C 136 -38.85 27.03 1.27
CA LEU C 136 -37.78 26.52 0.41
C LEU C 136 -36.96 25.46 1.14
N GLN C 137 -36.69 25.70 2.43
CA GLN C 137 -35.99 24.72 3.26
C GLN C 137 -36.80 23.41 3.39
N ALA C 138 -38.11 23.57 3.55
CA ALA C 138 -39.04 22.44 3.60
C ALA C 138 -39.14 21.71 2.26
N ARG C 139 -39.00 22.48 1.17
CA ARG C 139 -39.00 21.94 -0.19
C ARG C 139 -37.76 21.09 -0.44
N VAL C 140 -36.61 21.56 0.07
CA VAL C 140 -35.35 20.85 -0.10
C VAL C 140 -35.35 19.61 0.80
N ARG C 141 -35.83 19.73 2.03
CA ARG C 141 -35.98 18.57 2.90
C ARG C 141 -36.83 17.45 2.24
N ASP C 142 -37.93 17.81 1.57
CA ASP C 142 -38.72 16.85 0.76
C ASP C 142 -37.83 16.15 -0.27
N LEU C 143 -37.03 16.94 -0.97
CA LEU C 143 -36.01 16.47 -1.91
C LEU C 143 -34.98 15.51 -1.25
N THR C 144 -34.37 15.93 -0.15
CA THR C 144 -33.38 15.09 0.50
C THR C 144 -34.03 13.84 1.14
N ASP C 145 -35.25 13.99 1.65
CA ASP C 145 -36.00 12.83 2.17
C ASP C 145 -36.28 11.78 1.10
N SER C 146 -36.19 12.19 -0.17
CA SER C 146 -36.52 11.28 -1.27
C SER C 146 -35.46 10.20 -1.47
N PHE C 147 -34.22 10.50 -1.12
CA PHE C 147 -33.12 9.54 -1.29
C PHE C 147 -32.45 9.16 0.05
N GLY C 148 -33.15 9.39 1.15
CA GLY C 148 -32.70 8.97 2.48
C GLY C 148 -33.37 9.77 3.58
N SER C 149 -32.66 9.97 4.70
CA SER C 149 -33.10 10.83 5.78
C SER C 149 -32.38 12.19 5.72
N THR C 150 -32.92 13.16 6.46
CA THR C 150 -32.38 14.51 6.49
C THR C 150 -32.08 14.93 7.92
N PHE C 151 -30.91 15.56 8.12
CA PHE C 151 -30.51 16.09 9.41
C PHE C 151 -30.32 17.62 9.32
N ASP C 152 -30.90 18.35 10.28
CA ASP C 152 -30.67 19.80 10.42
C ASP C 152 -29.37 20.03 11.16
N ILE C 153 -28.32 20.32 10.39
CA ILE C 153 -26.98 20.51 10.95
C ILE C 153 -26.49 21.93 10.66
N SER C 154 -25.93 22.59 11.68
CA SER C 154 -25.28 23.88 11.50
C SER C 154 -24.11 23.71 10.57
N GLU C 155 -23.81 24.75 9.80
CA GLU C 155 -22.73 24.67 8.84
C GLU C 155 -21.36 24.46 9.51
N LYS C 156 -21.21 24.96 10.73
CA LYS C 156 -19.98 24.81 11.49
C LYS C 156 -19.69 23.33 11.75
N ASP C 157 -20.72 22.49 11.64
CA ASP C 157 -20.60 21.04 11.88
C ASP C 157 -20.51 20.21 10.61
N PHE C 158 -20.52 20.85 9.46
CA PHE C 158 -20.55 20.09 8.20
C PHE C 158 -19.32 19.23 7.94
N ASP C 159 -18.15 19.70 8.38
CA ASP C 159 -16.91 18.97 8.16
C ASP C 159 -16.89 17.66 8.93
N THR C 160 -17.27 17.72 10.20
CA THR C 160 -17.47 16.55 11.04
C THR C 160 -18.56 15.61 10.51
N PHE C 161 -19.70 16.15 10.05
CA PHE C 161 -20.76 15.32 9.45
C PHE C 161 -20.27 14.62 8.18
N THR C 162 -19.50 15.36 7.38
CA THR C 162 -18.86 14.79 6.19
C THR C 162 -18.09 13.51 6.51
N ALA C 163 -17.43 13.50 7.66
CA ALA C 163 -16.60 12.39 8.07
C ALA C 163 -17.46 11.30 8.67
N LEU C 164 -18.43 11.68 9.52
CA LEU C 164 -19.28 10.70 10.20
C LEU C 164 -20.26 10.03 9.27
N ALA C 165 -20.65 10.71 8.20
CA ALA C 165 -21.74 10.22 7.36
C ALA C 165 -21.39 10.05 5.89
N GLY C 166 -20.60 10.98 5.34
CA GLY C 166 -20.28 10.98 3.92
C GLY C 166 -19.14 10.02 3.67
N SER C 167 -18.09 10.11 4.49
CA SER C 167 -16.90 9.28 4.32
C SER C 167 -17.02 7.90 4.97
N SER C 168 -17.70 7.82 6.11
CA SER C 168 -17.74 6.59 6.91
C SER C 168 -18.19 5.30 6.21
N PRO C 169 -19.10 5.37 5.20
CA PRO C 169 -19.44 4.14 4.49
C PRO C 169 -18.22 3.32 4.04
N ALA C 170 -17.20 4.01 3.50
CA ALA C 170 -15.93 3.38 3.10
C ALA C 170 -15.19 2.75 4.27
N TYR C 171 -15.27 3.39 5.44
CA TYR C 171 -14.56 2.88 6.62
C TYR C 171 -15.29 1.64 7.18
N ILE C 172 -16.61 1.70 7.13
CA ILE C 172 -17.48 0.59 7.48
C ILE C 172 -17.23 -0.56 6.52
N TYR C 173 -17.10 -0.26 5.23
CA TYR C 173 -16.76 -1.30 4.27
C TYR C 173 -15.39 -1.94 4.51
N LEU C 174 -14.37 -1.13 4.75
CA LEU C 174 -13.06 -1.68 5.13
C LEU C 174 -13.10 -2.62 6.34
N PHE C 175 -13.94 -2.27 7.30
CA PHE C 175 -14.05 -3.02 8.55
C PHE C 175 -14.76 -4.34 8.29
N ILE C 176 -15.87 -4.27 7.57
CA ILE C 176 -16.55 -5.47 7.09
C ILE C 176 -15.62 -6.39 6.29
N GLU C 177 -14.89 -5.79 5.34
CA GLU C 177 -13.95 -6.53 4.52
C GLU C 177 -12.89 -7.21 5.39
N ALA C 178 -12.43 -6.49 6.42
CA ALA C 178 -11.43 -7.00 7.33
C ALA C 178 -11.95 -8.23 8.11
N LEU C 179 -13.22 -8.19 8.52
CA LEU C 179 -13.81 -9.34 9.21
C LEU C 179 -13.87 -10.53 8.27
N ALA C 180 -14.32 -10.30 7.03
CA ALA C 180 -14.43 -11.37 6.06
C ALA C 180 -13.08 -11.98 5.69
N LYS C 181 -12.09 -11.13 5.51
CA LYS C 181 -10.71 -11.56 5.23
C LYS C 181 -10.18 -12.44 6.36
N ALA C 182 -10.48 -12.05 7.61
CA ALA C 182 -10.12 -12.85 8.78
C ALA C 182 -10.81 -14.21 8.71
N GLY C 183 -12.05 -14.24 8.24
CA GLY C 183 -12.76 -15.49 8.01
C GLY C 183 -12.10 -16.32 6.93
N VAL C 184 -11.69 -15.69 5.83
CA VAL C 184 -10.94 -16.41 4.79
C VAL C 184 -9.62 -16.97 5.32
N LYS C 185 -8.91 -16.16 6.11
CA LYS C 185 -7.64 -16.61 6.70
C LYS C 185 -7.84 -17.92 7.46
N ASN C 186 -8.99 -18.00 8.16
CA ASN C 186 -9.34 -19.12 9.02
C ASN C 186 -10.33 -20.12 8.42
N GLY C 187 -10.46 -20.14 7.10
CA GLY C 187 -11.04 -21.29 6.40
C GLY C 187 -12.45 -21.19 5.87
N ILE C 188 -13.03 -20.00 5.98
CA ILE C 188 -14.38 -19.76 5.50
C ILE C 188 -14.28 -18.94 4.23
N PRO C 189 -14.93 -19.42 3.13
CA PRO C 189 -14.89 -18.74 1.84
C PRO C 189 -15.37 -17.30 1.96
N LYS C 190 -14.76 -16.43 1.15
CA LYS C 190 -15.05 -15.00 1.14
C LYS C 190 -16.55 -14.63 1.10
N ALA C 191 -17.29 -15.18 0.12
CA ALA C 191 -18.71 -14.85 -0.08
C ALA C 191 -19.53 -15.19 1.15
N LYS C 192 -19.33 -16.39 1.66
CA LYS C 192 -19.99 -16.87 2.85
C LYS C 192 -19.59 -16.03 4.06
N ALA C 193 -18.30 -15.73 4.20
CA ALA C 193 -17.85 -14.93 5.33
C ALA C 193 -18.45 -13.52 5.25
N LEU C 194 -18.58 -13.01 4.03
CA LEU C 194 -19.18 -11.69 3.81
C LEU C 194 -20.67 -11.71 4.17
N GLU C 195 -21.37 -12.78 3.78
CA GLU C 195 -22.78 -12.93 4.11
C GLU C 195 -22.99 -12.89 5.62
N ILE C 196 -22.21 -13.70 6.34
CA ILE C 196 -22.32 -13.79 7.79
C ILE C 196 -22.08 -12.44 8.49
N VAL C 197 -21.01 -11.73 8.14
CA VAL C 197 -20.74 -10.50 8.91
C VAL C 197 -21.67 -9.35 8.52
N THR C 198 -22.01 -9.24 7.25
CA THR C 198 -22.95 -8.20 6.79
C THR C 198 -24.28 -8.31 7.55
N GLN C 199 -24.77 -9.54 7.68
CA GLN C 199 -26.04 -9.83 8.36
C GLN C 199 -25.90 -9.55 9.86
N THR C 200 -24.75 -9.90 10.44
CA THR C 200 -24.49 -9.60 11.83
C THR C 200 -24.37 -8.07 12.04
N VAL C 201 -23.69 -7.38 11.13
CA VAL C 201 -23.61 -5.90 11.19
C VAL C 201 -25.00 -5.28 11.14
N LEU C 202 -25.78 -5.67 10.13
CA LEU C 202 -27.17 -5.23 10.02
C LEU C 202 -27.96 -5.39 11.34
N ALA C 203 -27.92 -6.59 11.91
CA ALA C 203 -28.71 -6.92 13.09
C ALA C 203 -28.23 -6.17 14.33
N SER C 204 -26.90 -6.08 14.48
CA SER C 204 -26.29 -5.37 15.61
C SER C 204 -26.67 -3.88 15.59
N ALA C 205 -26.52 -3.24 14.44
CA ALA C 205 -26.88 -1.83 14.31
C ALA C 205 -28.40 -1.62 14.56
N SER C 206 -29.19 -2.57 14.10
CA SER C 206 -30.63 -2.47 14.26
C SER C 206 -31.01 -2.64 15.75
N ASN C 207 -30.35 -3.59 16.41
CA ASN C 207 -30.48 -3.81 17.85
C ASN C 207 -30.12 -2.56 18.65
N LEU C 208 -28.97 -1.96 18.32
CA LEU C 208 -28.56 -0.70 18.93
C LEU C 208 -29.61 0.43 18.80
N LYS C 209 -30.08 0.65 17.56
CA LYS C 209 -31.10 1.66 17.23
C LYS C 209 -32.40 1.59 18.07
N THR C 210 -32.90 0.39 18.31
CA THR C 210 -34.18 0.19 19.01
C THR C 210 -33.99 0.02 20.53
N SER C 211 -32.73 0.02 20.98
CA SER C 211 -32.41 -0.23 22.38
C SER C 211 -32.16 1.05 23.16
N SER C 212 -32.39 0.98 24.46
CA SER C 212 -31.96 2.03 25.40
C SER C 212 -30.46 1.87 25.75
N GLN C 213 -29.93 0.65 25.61
CA GLN C 213 -28.53 0.32 25.89
C GLN C 213 -27.56 1.12 25.00
N SER C 214 -26.41 1.51 25.57
CA SER C 214 -25.31 2.09 24.82
C SER C 214 -24.47 0.99 24.14
N PRO C 215 -23.66 1.34 23.13
CA PRO C 215 -22.75 0.31 22.56
C PRO C 215 -21.91 -0.42 23.61
N HIS C 216 -21.40 0.33 24.59
CA HIS C 216 -20.63 -0.26 25.67
C HIS C 216 -21.42 -1.14 26.64
N ASP C 217 -22.71 -0.85 26.81
CA ASP C 217 -23.60 -1.74 27.57
C ASP C 217 -23.72 -3.12 26.87
N PHE C 218 -23.92 -3.08 25.55
CA PHE C 218 -23.91 -4.26 24.72
C PHE C 218 -22.62 -5.05 24.85
N ILE C 219 -21.49 -4.34 24.79
CA ILE C 219 -20.18 -4.98 24.87
C ILE C 219 -20.10 -5.78 26.16
N ASP C 220 -20.54 -5.15 27.25
CA ASP C 220 -20.62 -5.79 28.56
C ASP C 220 -21.49 -7.06 28.52
N ALA C 221 -22.65 -6.99 27.84
CA ALA C 221 -23.55 -8.13 27.75
C ALA C 221 -22.92 -9.30 27.00
N ILE C 222 -22.19 -9.00 25.94
CA ILE C 222 -21.58 -10.04 25.10
C ILE C 222 -20.29 -10.63 25.71
N CYS C 223 -19.52 -9.82 26.43
CA CYS C 223 -18.24 -10.29 26.96
C CYS C 223 -18.39 -11.23 28.14
N SER C 224 -18.72 -12.48 27.86
CA SER C 224 -18.74 -13.53 28.90
C SER C 224 -17.38 -13.58 29.58
N PRO C 225 -17.36 -13.62 30.93
CA PRO C 225 -16.08 -13.55 31.62
C PRO C 225 -15.22 -14.76 31.27
N GLY C 226 -13.95 -14.51 30.97
CA GLY C 226 -13.03 -15.58 30.59
C GLY C 226 -13.41 -16.21 29.25
N GLY C 227 -14.19 -15.49 28.44
CA GLY C 227 -14.68 -15.98 27.13
C GLY C 227 -13.91 -15.50 25.91
N THR C 228 -14.46 -15.78 24.73
CA THR C 228 -13.79 -15.51 23.45
C THR C 228 -13.88 -14.03 23.05
N THR C 229 -15.01 -13.39 23.35
CA THR C 229 -15.23 -11.99 22.97
C THR C 229 -14.30 -11.04 23.71
N ILE C 230 -14.18 -11.20 25.02
CA ILE C 230 -13.28 -10.35 25.78
C ILE C 230 -11.81 -10.50 25.32
N ALA C 231 -11.39 -11.70 24.93
CA ALA C 231 -10.05 -11.87 24.37
C ALA C 231 -9.86 -11.02 23.10
N GLY C 232 -10.82 -11.12 22.18
CA GLY C 232 -10.77 -10.35 20.96
C GLY C 232 -10.84 -8.86 21.22
N LEU C 233 -11.67 -8.44 22.17
CA LEU C 233 -11.79 -7.03 22.50
C LEU C 233 -10.48 -6.46 23.07
N MET C 234 -9.79 -7.20 23.95
CA MET C 234 -8.54 -6.69 24.53
C MET C 234 -7.43 -6.60 23.46
N GLU C 235 -7.47 -7.51 22.49
CA GLU C 235 -6.62 -7.39 21.29
C GLU C 235 -6.89 -6.12 20.46
N LEU C 236 -8.16 -5.79 20.25
CA LEU C 236 -8.55 -4.53 19.59
C LEU C 236 -7.99 -3.34 20.33
N GLU C 237 -8.10 -3.38 21.67
CA GLU C 237 -7.47 -2.38 22.54
C GLU C 237 -5.98 -2.36 22.37
N ARG C 238 -5.32 -3.51 22.49
CA ARG C 238 -3.87 -3.59 22.35
C ARG C 238 -3.40 -2.90 21.06
N LEU C 239 -4.14 -3.14 19.97
CA LEU C 239 -3.70 -2.71 18.65
C LEU C 239 -4.28 -1.35 18.25
N GLY C 240 -5.20 -0.85 19.07
CA GLY C 240 -5.65 0.55 18.98
C GLY C 240 -6.81 0.82 18.04
N LEU C 241 -7.79 -0.09 18.01
CA LEU C 241 -8.95 0.11 17.13
C LEU C 241 -9.58 1.53 17.24
N THR C 242 -9.91 1.96 18.45
CA THR C 242 -10.62 3.21 18.65
C THR C 242 -9.72 4.38 18.23
N ALA C 243 -8.44 4.37 18.65
CA ALA C 243 -7.47 5.40 18.23
C ALA C 243 -7.33 5.48 16.70
N THR C 244 -7.31 4.32 16.07
CA THR C 244 -7.17 4.24 14.62
C THR C 244 -8.35 4.93 13.91
N VAL C 245 -9.55 4.56 14.30
CA VAL C 245 -10.77 5.13 13.73
C VAL C 245 -10.82 6.64 13.98
N SER C 246 -10.54 7.06 15.21
CA SER C 246 -10.61 8.48 15.55
C SER C 246 -9.56 9.30 14.77
N SER C 247 -8.35 8.78 14.65
CA SER C 247 -7.31 9.45 13.87
C SER C 247 -7.71 9.57 12.39
N ALA C 248 -8.33 8.52 11.86
CA ALA C 248 -8.82 8.56 10.46
C ALA C 248 -9.94 9.59 10.26
N ILE C 249 -10.86 9.69 11.21
CA ILE C 249 -11.87 10.76 11.22
C ILE C 249 -11.19 12.14 11.25
N ASP C 250 -10.20 12.34 12.15
CA ASP C 250 -9.45 13.59 12.24
C ASP C 250 -8.79 13.98 10.90
N LYS C 251 -8.05 13.04 10.31
CA LYS C 251 -7.54 13.19 8.94
C LYS C 251 -8.61 13.52 7.90
N THR C 252 -9.80 12.95 8.05
CA THR C 252 -10.88 13.15 7.09
C THR C 252 -11.34 14.61 7.16
N ILE C 253 -11.42 15.12 8.39
CA ILE C 253 -11.85 16.47 8.71
C ILE C 253 -10.78 17.52 8.34
N ASP C 254 -9.51 17.22 8.66
CA ASP C 254 -8.36 18.00 8.20
C ASP C 254 -8.38 18.20 6.68
N LYS C 255 -8.69 17.14 5.94
CA LYS C 255 -8.83 17.27 4.48
C LYS C 255 -10.01 18.19 4.10
N ALA C 256 -11.16 18.02 4.78
CA ALA C 256 -12.32 18.88 4.52
C ALA C 256 -12.00 20.34 4.79
N LYS C 257 -11.31 20.61 5.92
CA LYS C 257 -10.85 21.94 6.27
C LYS C 257 -9.94 22.59 5.20
N SER C 258 -8.95 21.87 4.71
CA SER C 258 -8.01 22.43 3.73
C SER C 258 -8.59 22.62 2.32
N LEU C 259 -9.61 21.85 1.97
CA LEU C 259 -10.32 22.04 0.71
C LEU C 259 -11.09 23.36 0.73
N ASN D 2 6.34 18.20 -43.96
CA ASN D 2 5.81 18.10 -42.56
C ASN D 2 6.86 17.53 -41.57
N ALA D 3 8.14 17.51 -42.00
CA ALA D 3 9.22 16.99 -41.14
C ALA D 3 10.00 18.11 -40.47
N MET D 4 10.11 18.01 -39.14
CA MET D 4 10.81 19.00 -38.32
C MET D 4 12.27 18.64 -38.12
N LYS D 5 13.05 19.65 -37.78
CA LYS D 5 14.33 19.44 -37.13
C LYS D 5 14.13 19.62 -35.62
N ILE D 6 14.55 18.63 -34.83
CA ILE D 6 14.41 18.72 -33.38
C ILE D 6 15.76 18.76 -32.71
N GLY D 7 15.96 19.75 -31.86
CA GLY D 7 17.19 19.91 -31.09
C GLY D 7 17.05 19.58 -29.61
N ILE D 8 17.98 18.78 -29.11
CA ILE D 8 17.97 18.37 -27.69
C ILE D 8 19.09 19.07 -26.92
N ILE D 9 18.73 19.84 -25.89
CA ILE D 9 19.70 20.54 -25.05
C ILE D 9 19.85 19.84 -23.70
N GLY D 10 21.04 19.32 -23.42
CA GLY D 10 21.29 18.49 -22.26
C GLY D 10 20.87 17.07 -22.59
N VAL D 11 21.77 16.12 -22.44
CA VAL D 11 21.44 14.72 -22.71
C VAL D 11 21.86 13.84 -21.54
N GLY D 12 20.93 13.62 -20.62
CA GLY D 12 21.17 12.74 -19.47
C GLY D 12 20.67 11.36 -19.81
N LYS D 13 20.48 10.52 -18.79
CA LYS D 13 19.94 9.17 -18.99
C LYS D 13 18.55 9.18 -19.63
N MET D 14 17.68 10.08 -19.15
CA MET D 14 16.30 10.18 -19.66
C MET D 14 16.24 10.66 -21.13
N ALA D 15 16.97 11.73 -21.45
CA ALA D 15 17.07 12.20 -22.83
C ALA D 15 17.62 11.10 -23.78
N SER D 16 18.67 10.40 -23.36
CA SER D 16 19.22 9.26 -24.11
C SER D 16 18.17 8.17 -24.34
N ALA D 17 17.37 7.89 -23.32
CA ALA D 17 16.29 6.90 -23.42
C ALA D 17 15.20 7.21 -24.46
N ILE D 18 14.85 8.49 -24.66
CA ILE D 18 13.84 8.82 -25.70
C ILE D 18 14.43 8.89 -27.14
N ILE D 19 15.75 8.87 -27.26
CA ILE D 19 16.41 9.03 -28.56
C ILE D 19 16.04 7.93 -29.56
N LYS D 20 15.96 6.70 -29.05
CA LYS D 20 15.63 5.53 -29.84
C LYS D 20 14.30 5.69 -30.55
N GLY D 21 13.30 6.16 -29.81
CA GLY D 21 11.98 6.41 -30.37
C GLY D 21 12.03 7.56 -31.37
N LEU D 22 12.75 8.61 -31.01
CA LEU D 22 12.87 9.79 -31.86
C LEU D 22 13.51 9.46 -33.20
N LYS D 23 14.49 8.55 -33.17
CA LYS D 23 15.16 8.07 -34.38
C LYS D 23 14.26 7.32 -35.35
N GLN D 24 13.13 6.80 -34.87
CA GLN D 24 12.17 6.09 -35.69
C GLN D 24 11.12 7.03 -36.30
N THR D 25 11.23 8.31 -35.94
CA THR D 25 10.39 9.36 -36.54
C THR D 25 11.07 9.89 -37.81
N PRO D 26 10.30 10.54 -38.71
CA PRO D 26 10.84 11.11 -39.95
C PRO D 26 11.75 12.32 -39.70
N HIS D 27 11.67 12.86 -38.49
CA HIS D 27 12.32 14.13 -38.13
C HIS D 27 13.82 14.03 -38.07
N GLU D 28 14.47 15.17 -38.29
CA GLU D 28 15.91 15.28 -38.15
C GLU D 28 16.26 15.74 -36.74
N LEU D 29 17.33 15.19 -36.18
CA LEU D 29 17.69 15.44 -34.79
C LEU D 29 19.10 15.98 -34.68
N ILE D 30 19.32 16.77 -33.62
CA ILE D 30 20.63 17.32 -33.29
C ILE D 30 20.69 17.62 -31.78
N ILE D 31 21.88 17.54 -31.18
CA ILE D 31 22.05 17.64 -29.74
C ILE D 31 23.08 18.67 -29.30
N SER D 32 23.08 18.97 -28.00
CA SER D 32 24.05 19.88 -27.41
C SER D 32 24.14 19.61 -25.91
N GLY D 33 25.33 19.21 -25.45
CA GLY D 33 25.58 18.94 -24.04
C GLY D 33 26.14 20.12 -23.26
N SER D 34 26.59 19.86 -22.03
CA SER D 34 27.10 20.89 -21.11
C SER D 34 28.37 21.62 -21.59
N SER D 35 29.22 20.92 -22.34
CA SER D 35 30.36 21.56 -23.02
C SER D 35 30.45 21.09 -24.46
N LEU D 36 31.41 21.65 -25.20
CA LEU D 36 31.71 21.15 -26.55
C LEU D 36 32.28 19.73 -26.49
N GLU D 37 33.09 19.45 -25.46
CA GLU D 37 33.64 18.11 -25.26
C GLU D 37 32.55 17.07 -25.00
N ARG D 38 31.59 17.40 -24.12
CA ARG D 38 30.47 16.49 -23.85
C ARG D 38 29.62 16.27 -25.09
N SER D 39 29.35 17.34 -25.84
CA SER D 39 28.58 17.28 -27.09
C SER D 39 29.10 16.23 -28.08
N LYS D 40 30.43 16.17 -28.25
CA LYS D 40 31.04 15.22 -29.17
C LYS D 40 31.04 13.79 -28.63
N GLU D 41 31.14 13.65 -27.32
CA GLU D 41 31.04 12.35 -26.65
C GLU D 41 29.67 11.71 -26.80
N ILE D 42 28.62 12.52 -26.76
CA ILE D 42 27.27 12.00 -26.89
C ILE D 42 26.82 11.91 -28.34
N ALA D 43 27.39 12.75 -29.20
CA ALA D 43 27.23 12.59 -30.65
C ALA D 43 27.85 11.25 -31.10
N GLU D 44 29.04 10.96 -30.59
CA GLU D 44 29.73 9.68 -30.81
C GLU D 44 28.87 8.52 -30.30
N GLN D 45 28.45 8.61 -29.04
CA GLN D 45 27.58 7.61 -28.42
C GLN D 45 26.27 7.35 -29.16
N LEU D 46 25.64 8.41 -29.65
CA LEU D 46 24.28 8.33 -30.18
C LEU D 46 24.14 8.29 -31.71
N ALA D 47 25.26 8.45 -32.43
CA ALA D 47 25.25 8.57 -33.89
C ALA D 47 24.27 9.65 -34.32
N LEU D 48 24.44 10.83 -33.74
CA LEU D 48 23.61 11.99 -34.05
C LEU D 48 24.49 13.24 -34.12
N PRO D 49 24.18 14.16 -35.05
CA PRO D 49 24.99 15.36 -35.17
C PRO D 49 24.86 16.27 -33.96
N TYR D 50 25.91 17.04 -33.68
CA TYR D 50 25.91 18.00 -32.59
C TYR D 50 26.03 19.43 -33.12
N ALA D 51 25.57 20.38 -32.30
CA ALA D 51 25.75 21.80 -32.54
C ALA D 51 26.94 22.34 -31.74
N MET D 52 27.49 23.47 -32.20
CA MET D 52 28.66 24.09 -31.59
C MET D 52 28.33 24.80 -30.26
N SER D 53 27.04 25.09 -30.08
CA SER D 53 26.52 25.76 -28.88
C SER D 53 25.01 25.58 -28.83
N HIS D 54 24.43 25.92 -27.67
CA HIS D 54 23.01 25.87 -27.49
C HIS D 54 22.29 26.86 -28.42
N GLN D 55 22.85 28.08 -28.55
CA GLN D 55 22.30 29.06 -29.48
C GLN D 55 22.37 28.60 -30.95
N ASP D 56 23.52 28.03 -31.33
CA ASP D 56 23.69 27.39 -32.63
C ASP D 56 22.57 26.37 -32.91
N LEU D 57 22.30 25.56 -31.90
CA LEU D 57 21.19 24.59 -31.92
C LEU D 57 19.85 25.32 -32.10
N ILE D 58 19.56 26.26 -31.20
CA ILE D 58 18.34 27.08 -31.27
C ILE D 58 18.11 27.71 -32.66
N ASP D 59 19.19 28.18 -33.28
CA ASP D 59 19.12 28.95 -34.53
C ASP D 59 18.72 28.15 -35.76
N GLN D 60 18.81 26.83 -35.66
CA GLN D 60 18.62 25.94 -36.81
C GLN D 60 17.54 24.88 -36.62
N VAL D 61 16.68 25.07 -35.62
CA VAL D 61 15.80 24.01 -35.19
C VAL D 61 14.31 24.45 -35.08
N ASP D 62 13.40 23.53 -35.40
CA ASP D 62 11.96 23.83 -35.35
C ASP D 62 11.33 23.59 -33.99
N LEU D 63 12.00 22.79 -33.17
CA LEU D 63 11.49 22.36 -31.88
C LEU D 63 12.67 22.04 -30.97
N VAL D 64 12.58 22.48 -29.72
CA VAL D 64 13.59 22.19 -28.70
C VAL D 64 13.03 21.25 -27.61
N ILE D 65 13.75 20.16 -27.35
CA ILE D 65 13.54 19.32 -26.16
C ILE D 65 14.64 19.63 -25.13
N LEU D 66 14.24 19.94 -23.89
CA LEU D 66 15.21 20.13 -22.80
C LEU D 66 15.44 18.84 -22.01
N GLY D 67 16.70 18.37 -21.99
CA GLY D 67 17.08 17.18 -21.21
C GLY D 67 17.88 17.45 -19.94
N ILE D 68 18.10 18.72 -19.62
CA ILE D 68 18.86 19.13 -18.43
C ILE D 68 18.05 18.88 -17.15
N LYS D 69 18.75 18.76 -16.03
CA LYS D 69 18.06 18.55 -14.73
C LYS D 69 17.33 19.82 -14.28
N PRO D 70 16.17 19.67 -13.59
CA PRO D 70 15.39 20.83 -13.15
C PRO D 70 16.23 21.91 -12.45
N GLN D 71 17.15 21.48 -11.59
CA GLN D 71 18.01 22.40 -10.84
C GLN D 71 18.86 23.34 -11.70
N LEU D 72 19.09 22.98 -12.97
CA LEU D 72 19.92 23.78 -13.90
C LEU D 72 19.15 24.71 -14.86
N PHE D 73 17.82 24.72 -14.77
CA PHE D 73 17.00 25.47 -15.72
C PHE D 73 17.35 26.97 -15.77
N GLU D 74 17.29 27.62 -14.60
CA GLU D 74 17.56 29.04 -14.47
C GLU D 74 18.93 29.43 -15.05
N THR D 75 19.97 28.69 -14.65
CA THR D 75 21.36 28.97 -15.05
C THR D 75 21.59 28.81 -16.56
N VAL D 76 21.04 27.74 -17.13
CA VAL D 76 21.30 27.37 -18.52
C VAL D 76 20.39 28.11 -19.53
N LEU D 77 19.14 28.34 -19.15
CA LEU D 77 18.15 28.88 -20.10
C LEU D 77 18.11 30.41 -20.27
N LYS D 78 18.38 31.15 -19.19
CA LYS D 78 18.23 32.61 -19.21
C LYS D 78 19.13 33.35 -20.23
N PRO D 79 20.43 32.96 -20.32
CA PRO D 79 21.35 33.51 -21.36
C PRO D 79 20.91 33.27 -22.81
N LEU D 80 19.99 32.34 -23.03
CA LEU D 80 19.66 31.89 -24.38
C LEU D 80 18.49 32.65 -24.98
N HIS D 81 18.42 32.66 -26.30
CA HIS D 81 17.33 33.34 -27.01
C HIS D 81 16.54 32.33 -27.83
N PHE D 82 15.38 31.92 -27.32
CA PHE D 82 14.59 30.88 -27.97
C PHE D 82 13.62 31.46 -29.00
N LYS D 83 13.35 30.67 -30.04
CA LYS D 83 12.62 31.14 -31.19
C LYS D 83 11.67 30.06 -31.73
N GLN D 84 11.31 29.12 -30.86
CA GLN D 84 10.50 27.96 -31.24
C GLN D 84 9.84 27.31 -30.03
N PRO D 85 8.81 26.47 -30.27
CA PRO D 85 8.21 25.70 -29.17
C PRO D 85 9.23 24.87 -28.39
N ILE D 86 9.05 24.81 -27.07
CA ILE D 86 9.95 24.07 -26.19
C ILE D 86 9.20 22.98 -25.44
N ILE D 87 9.82 21.81 -25.36
CA ILE D 87 9.37 20.72 -24.50
C ILE D 87 10.34 20.54 -23.32
N SER D 88 9.81 20.69 -22.10
CA SER D 88 10.53 20.32 -20.87
C SER D 88 10.11 18.91 -20.39
N MET D 89 11.08 18.09 -19.96
CA MET D 89 10.77 16.79 -19.31
C MET D 89 11.04 16.83 -17.80
N ALA D 90 11.30 18.02 -17.26
CA ALA D 90 11.79 18.16 -15.90
C ALA D 90 10.65 18.03 -14.87
N ALA D 91 10.93 17.25 -13.82
CA ALA D 91 10.03 17.16 -12.68
C ALA D 91 9.90 18.48 -11.96
N GLY D 92 8.67 18.84 -11.62
CA GLY D 92 8.41 19.91 -10.65
C GLY D 92 8.53 21.37 -11.09
N ILE D 93 8.73 21.61 -12.38
CA ILE D 93 8.83 22.98 -12.92
C ILE D 93 7.66 23.26 -13.85
N SER D 94 6.82 24.21 -13.43
CA SER D 94 5.62 24.55 -14.16
C SER D 94 5.93 25.28 -15.46
N LEU D 95 5.00 25.19 -16.39
CA LEU D 95 5.04 25.92 -17.65
C LEU D 95 5.11 27.42 -17.41
N GLN D 96 4.38 27.89 -16.40
CA GLN D 96 4.42 29.30 -16.00
C GLN D 96 5.84 29.73 -15.65
N ARG D 97 6.48 28.93 -14.79
CA ARG D 97 7.84 29.15 -14.37
C ARG D 97 8.83 29.00 -15.54
N LEU D 98 8.53 28.08 -16.45
CA LEU D 98 9.34 27.91 -17.64
C LEU D 98 9.27 29.18 -18.53
N ALA D 99 8.06 29.74 -18.67
CA ALA D 99 7.83 30.96 -19.46
C ALA D 99 8.63 32.14 -18.94
N THR D 100 8.83 32.22 -17.63
CA THR D 100 9.65 33.29 -17.07
C THR D 100 11.15 33.10 -17.42
N PHE D 101 11.55 31.87 -17.75
CA PHE D 101 12.94 31.59 -18.14
C PHE D 101 13.21 31.79 -19.63
N VAL D 102 12.20 31.58 -20.47
CA VAL D 102 12.41 31.51 -21.94
C VAL D 102 11.61 32.53 -22.77
N GLY D 103 10.57 33.11 -22.17
CA GLY D 103 9.72 34.08 -22.87
C GLY D 103 8.24 33.75 -22.81
N GLN D 104 7.42 34.79 -22.83
CA GLN D 104 5.96 34.68 -22.74
C GLN D 104 5.29 34.51 -24.10
N ASP D 105 6.10 34.43 -25.14
CA ASP D 105 5.59 34.38 -26.51
C ASP D 105 5.74 33.01 -27.15
N LEU D 106 6.25 32.05 -26.38
CA LEU D 106 6.50 30.71 -26.90
C LEU D 106 5.44 29.69 -26.49
N PRO D 107 5.00 28.86 -27.45
CA PRO D 107 4.24 27.65 -27.07
C PRO D 107 5.19 26.74 -26.27
N LEU D 108 4.72 26.23 -25.13
CA LEU D 108 5.55 25.40 -24.27
C LEU D 108 4.77 24.18 -23.89
N LEU D 109 5.47 23.04 -23.89
CA LEU D 109 4.89 21.78 -23.49
C LEU D 109 5.72 21.13 -22.41
N ARG D 110 5.06 20.40 -21.54
CA ARG D 110 5.73 19.53 -20.59
C ARG D 110 5.41 18.09 -20.90
N ILE D 111 6.41 17.23 -20.75
CA ILE D 111 6.21 15.78 -20.74
C ILE D 111 6.78 15.16 -19.47
N MET D 112 6.23 14.03 -19.08
CA MET D 112 6.84 13.23 -18.02
C MET D 112 6.90 11.79 -18.49
N PRO D 113 8.08 11.38 -18.99
CA PRO D 113 8.36 10.02 -19.43
C PRO D 113 8.96 9.17 -18.32
N ASN D 114 9.26 7.91 -18.60
CA ASN D 114 10.05 7.09 -17.67
C ASN D 114 11.09 6.29 -18.42
N MET D 115 11.97 5.60 -17.68
CA MET D 115 13.05 4.81 -18.28
C MET D 115 12.60 3.73 -19.28
N ASN D 116 11.33 3.34 -19.25
CA ASN D 116 10.86 2.32 -20.18
C ASN D 116 10.79 2.81 -21.64
N ALA D 117 11.12 4.09 -21.85
CA ALA D 117 11.36 4.63 -23.17
C ALA D 117 12.46 3.84 -23.90
N GLN D 118 13.41 3.31 -23.12
CA GLN D 118 14.48 2.43 -23.65
C GLN D 118 13.97 1.30 -24.51
N ILE D 119 12.85 0.72 -24.11
CA ILE D 119 12.20 -0.33 -24.91
C ILE D 119 10.94 0.18 -25.63
N LEU D 120 10.84 1.51 -25.78
CA LEU D 120 9.70 2.16 -26.44
C LEU D 120 8.35 1.88 -25.75
N GLN D 121 8.37 1.89 -24.42
CA GLN D 121 7.19 1.54 -23.61
C GLN D 121 7.04 2.43 -22.37
N SER D 122 7.51 3.68 -22.49
CA SER D 122 7.22 4.74 -21.54
C SER D 122 5.71 4.98 -21.40
N SER D 123 5.34 5.41 -20.21
CA SER D 123 4.03 5.96 -19.94
C SER D 123 4.28 7.44 -19.70
N THR D 124 3.91 8.26 -20.69
CA THR D 124 4.33 9.67 -20.76
C THR D 124 3.14 10.61 -20.66
N ALA D 125 3.18 11.52 -19.68
CA ALA D 125 2.20 12.59 -19.59
C ALA D 125 2.55 13.69 -20.58
N LEU D 126 1.53 14.29 -21.19
CA LEU D 126 1.72 15.44 -22.05
C LEU D 126 0.73 16.56 -21.74
N THR D 127 1.24 17.79 -21.66
CA THR D 127 0.39 18.98 -21.52
C THR D 127 1.07 20.19 -22.15
N GLY D 128 0.30 21.22 -22.47
CA GLY D 128 0.86 22.41 -23.14
C GLY D 128 0.27 23.68 -22.57
N ASN D 129 0.96 24.80 -22.76
CA ASN D 129 0.43 26.08 -22.30
C ASN D 129 -0.64 26.66 -23.25
N ALA D 130 -1.15 27.86 -22.95
CA ALA D 130 -2.22 28.48 -23.75
C ALA D 130 -1.84 28.68 -25.22
N LEU D 131 -0.53 28.73 -25.48
CA LEU D 131 0.03 29.06 -26.79
C LEU D 131 0.21 27.85 -27.72
N VAL D 132 -0.07 26.64 -27.23
CA VAL D 132 0.04 25.43 -28.04
C VAL D 132 -1.26 25.17 -28.83
N SER D 133 -1.15 25.11 -30.16
CA SER D 133 -2.32 24.79 -30.98
C SER D 133 -2.78 23.35 -30.78
N GLN D 134 -4.03 23.07 -31.14
CA GLN D 134 -4.53 21.69 -31.22
C GLN D 134 -3.55 20.83 -32.02
N GLU D 135 -2.99 21.45 -33.06
CA GLU D 135 -2.18 20.80 -34.06
C GLU D 135 -0.76 20.53 -33.58
N LEU D 136 -0.18 21.48 -32.83
CA LEU D 136 1.16 21.28 -32.28
C LEU D 136 1.17 20.17 -31.24
N GLN D 137 0.14 20.12 -30.39
CA GLN D 137 0.07 19.08 -29.35
C GLN D 137 -0.08 17.70 -29.99
N ALA D 138 -0.73 17.63 -31.15
CA ALA D 138 -0.85 16.39 -31.94
C ALA D 138 0.48 15.98 -32.56
N ARG D 139 1.22 16.97 -33.06
CA ARG D 139 2.59 16.75 -33.53
C ARG D 139 3.49 16.19 -32.42
N VAL D 140 3.33 16.70 -31.20
CA VAL D 140 4.14 16.26 -30.05
C VAL D 140 3.66 14.91 -29.52
N ARG D 141 2.34 14.67 -29.49
CA ARG D 141 1.80 13.35 -29.16
C ARG D 141 2.40 12.29 -30.08
N ASP D 142 2.58 12.61 -31.36
CA ASP D 142 3.30 11.71 -32.27
C ASP D 142 4.74 11.44 -31.82
N LEU D 143 5.43 12.47 -31.34
CA LEU D 143 6.75 12.28 -30.75
C LEU D 143 6.72 11.30 -29.57
N THR D 144 5.81 11.52 -28.64
CA THR D 144 5.83 10.77 -27.38
C THR D 144 5.38 9.33 -27.62
N ASP D 145 4.46 9.15 -28.57
CA ASP D 145 4.06 7.81 -29.02
C ASP D 145 5.20 7.01 -29.63
N SER D 146 6.25 7.71 -30.08
CA SER D 146 7.41 7.02 -30.67
C SER D 146 8.21 6.24 -29.63
N PHE D 147 8.08 6.58 -28.34
CA PHE D 147 8.78 5.83 -27.29
C PHE D 147 7.86 5.25 -26.19
N GLY D 148 6.58 5.04 -26.52
CA GLY D 148 5.61 4.46 -25.59
C GLY D 148 4.20 4.97 -25.76
N SER D 149 3.49 5.15 -24.65
CA SER D 149 2.13 5.66 -24.73
C SER D 149 2.09 7.06 -24.17
N THR D 150 1.02 7.78 -24.51
CA THR D 150 0.90 9.17 -24.14
C THR D 150 -0.40 9.41 -23.40
N PHE D 151 -0.30 10.12 -22.28
CA PHE D 151 -1.46 10.49 -21.50
C PHE D 151 -1.67 12.01 -21.51
N ASP D 152 -2.88 12.42 -21.90
CA ASP D 152 -3.24 13.82 -21.90
C ASP D 152 -3.68 14.08 -20.49
N ILE D 153 -2.80 14.67 -19.68
CA ILE D 153 -3.17 14.97 -18.30
C ILE D 153 -2.92 16.45 -17.95
N SER D 154 -3.79 17.03 -17.15
CA SER D 154 -3.65 18.45 -16.82
C SER D 154 -2.44 18.69 -15.91
N GLU D 155 -1.91 19.91 -16.01
CA GLU D 155 -0.65 20.27 -15.37
C GLU D 155 -0.74 20.16 -13.87
N LYS D 156 -1.90 20.44 -13.31
CA LYS D 156 -2.09 20.34 -11.88
C LYS D 156 -1.85 18.90 -11.40
N ASP D 157 -1.94 17.93 -12.32
CA ASP D 157 -1.75 16.50 -12.03
C ASP D 157 -0.36 15.96 -12.35
N PHE D 158 0.52 16.81 -12.85
CA PHE D 158 1.85 16.36 -13.27
C PHE D 158 2.76 15.80 -12.18
N ASP D 159 2.75 16.41 -10.99
CA ASP D 159 3.55 15.91 -9.86
C ASP D 159 3.11 14.49 -9.42
N THR D 160 1.79 14.25 -9.35
CA THR D 160 1.27 12.91 -9.10
C THR D 160 1.66 11.93 -10.21
N PHE D 161 1.52 12.35 -11.46
CA PHE D 161 1.93 11.50 -12.59
C PHE D 161 3.42 11.21 -12.53
N THR D 162 4.23 12.19 -12.11
CA THR D 162 5.69 12.00 -11.92
C THR D 162 5.99 10.83 -10.96
N ALA D 163 5.23 10.75 -9.87
CA ALA D 163 5.36 9.69 -8.89
C ALA D 163 4.85 8.35 -9.41
N LEU D 164 3.65 8.36 -10.00
CA LEU D 164 3.01 7.14 -10.44
C LEU D 164 3.68 6.47 -11.62
N ALA D 165 4.35 7.25 -12.46
CA ALA D 165 4.87 6.70 -13.72
C ALA D 165 6.35 6.97 -13.92
N GLY D 166 6.82 8.14 -13.50
CA GLY D 166 8.21 8.52 -13.75
C GLY D 166 9.15 7.88 -12.75
N SER D 167 8.80 7.99 -11.46
CA SER D 167 9.58 7.44 -10.36
C SER D 167 9.27 5.98 -10.07
N SER D 168 8.04 5.55 -10.34
CA SER D 168 7.61 4.24 -9.88
C SER D 168 8.34 3.01 -10.41
N PRO D 169 8.92 3.07 -11.65
CA PRO D 169 9.72 1.91 -12.05
C PRO D 169 10.77 1.51 -10.97
N ALA D 170 11.41 2.49 -10.34
CA ALA D 170 12.31 2.22 -9.23
C ALA D 170 11.63 1.47 -8.08
N TYR D 171 10.41 1.88 -7.72
CA TYR D 171 9.65 1.23 -6.64
C TYR D 171 9.24 -0.19 -7.04
N ILE D 172 8.89 -0.34 -8.31
CA ILE D 172 8.61 -1.64 -8.89
C ILE D 172 9.82 -2.52 -8.83
N TYR D 173 10.98 -2.01 -9.25
CA TYR D 173 12.22 -2.77 -9.14
C TYR D 173 12.61 -3.14 -7.71
N LEU D 174 12.41 -2.24 -6.75
CA LEU D 174 12.75 -2.58 -5.35
C LEU D 174 11.85 -3.72 -4.82
N PHE D 175 10.57 -3.68 -5.22
CA PHE D 175 9.59 -4.72 -4.90
C PHE D 175 10.01 -6.05 -5.53
N ILE D 176 10.32 -6.06 -6.82
CA ILE D 176 10.80 -7.25 -7.50
C ILE D 176 12.03 -7.82 -6.78
N GLU D 177 13.01 -6.95 -6.54
CA GLU D 177 14.20 -7.33 -5.80
C GLU D 177 13.90 -7.91 -4.41
N ALA D 178 12.88 -7.37 -3.73
CA ALA D 178 12.53 -7.85 -2.37
C ALA D 178 11.97 -9.27 -2.42
N LEU D 179 11.11 -9.55 -3.41
CA LEU D 179 10.61 -10.90 -3.65
C LEU D 179 11.76 -11.87 -3.97
N ALA D 180 12.69 -11.45 -4.82
CA ALA D 180 13.81 -12.29 -5.22
C ALA D 180 14.78 -12.58 -4.05
N LYS D 181 15.09 -11.55 -3.26
CA LYS D 181 15.87 -11.76 -2.02
C LYS D 181 15.20 -12.69 -0.99
N ALA D 182 13.87 -12.66 -0.95
CA ALA D 182 13.13 -13.62 -0.11
C ALA D 182 13.34 -15.04 -0.62
N GLY D 183 13.38 -15.20 -1.95
CA GLY D 183 13.74 -16.49 -2.58
C GLY D 183 15.13 -16.99 -2.19
N VAL D 184 16.12 -16.11 -2.25
CA VAL D 184 17.49 -16.43 -1.82
C VAL D 184 17.53 -16.85 -0.35
N LYS D 185 16.84 -16.07 0.50
CA LYS D 185 16.79 -16.37 1.91
C LYS D 185 16.30 -17.80 2.10
N ASN D 186 15.35 -18.19 1.26
CA ASN D 186 14.70 -19.48 1.38
C ASN D 186 15.24 -20.56 0.43
N GLY D 187 16.44 -20.31 -0.12
CA GLY D 187 17.22 -21.37 -0.79
C GLY D 187 17.15 -21.37 -2.31
N ILE D 188 16.57 -20.34 -2.92
CA ILE D 188 16.53 -20.26 -4.38
C ILE D 188 17.55 -19.27 -4.92
N PRO D 189 18.45 -19.73 -5.84
CA PRO D 189 19.47 -18.85 -6.40
C PRO D 189 18.88 -17.55 -6.93
N LYS D 190 19.61 -16.46 -6.75
CA LYS D 190 19.16 -15.11 -7.16
C LYS D 190 18.68 -15.00 -8.62
N ALA D 191 19.49 -15.51 -9.57
CA ALA D 191 19.11 -15.48 -10.99
C ALA D 191 17.79 -16.19 -11.23
N LYS D 192 17.67 -17.40 -10.70
CA LYS D 192 16.46 -18.19 -10.81
C LYS D 192 15.26 -17.50 -10.14
N ALA D 193 15.45 -17.04 -8.89
CA ALA D 193 14.42 -16.34 -8.15
C ALA D 193 13.92 -15.12 -8.95
N LEU D 194 14.85 -14.37 -9.51
CA LEU D 194 14.52 -13.19 -10.29
C LEU D 194 13.77 -13.53 -11.58
N GLU D 195 14.16 -14.65 -12.22
CA GLU D 195 13.48 -15.10 -13.43
C GLU D 195 12.00 -15.40 -13.11
N ILE D 196 11.77 -16.22 -12.09
CA ILE D 196 10.41 -16.61 -11.69
C ILE D 196 9.55 -15.38 -11.38
N VAL D 197 10.03 -14.46 -10.54
CA VAL D 197 9.16 -13.37 -10.10
C VAL D 197 8.91 -12.29 -11.17
N THR D 198 9.93 -12.02 -11.98
CA THR D 198 9.81 -11.07 -13.08
C THR D 198 8.76 -11.56 -14.08
N GLN D 199 8.80 -12.86 -14.38
CA GLN D 199 7.83 -13.52 -15.27
C GLN D 199 6.43 -13.48 -14.64
N THR D 200 6.35 -13.64 -13.31
CA THR D 200 5.07 -13.60 -12.60
C THR D 200 4.53 -12.18 -12.57
N VAL D 201 5.39 -11.19 -12.34
CA VAL D 201 4.97 -9.77 -12.36
C VAL D 201 4.38 -9.37 -13.71
N LEU D 202 5.09 -9.74 -14.77
CA LEU D 202 4.73 -9.46 -16.14
C LEU D 202 3.38 -10.10 -16.53
N ALA D 203 3.22 -11.38 -16.22
CA ALA D 203 1.96 -12.05 -16.47
C ALA D 203 0.80 -11.50 -15.63
N SER D 204 1.09 -11.19 -14.35
CA SER D 204 0.06 -10.68 -13.45
C SER D 204 -0.46 -9.33 -13.96
N ALA D 205 0.47 -8.42 -14.26
CA ALA D 205 0.09 -7.14 -14.85
C ALA D 205 -0.72 -7.33 -16.17
N SER D 206 -0.29 -8.26 -17.01
CA SER D 206 -0.95 -8.48 -18.29
C SER D 206 -2.38 -9.00 -18.09
N ASN D 207 -2.56 -9.98 -17.21
CA ASN D 207 -3.88 -10.47 -16.85
C ASN D 207 -4.80 -9.36 -16.29
N LEU D 208 -4.25 -8.50 -15.43
CA LEU D 208 -5.03 -7.38 -14.89
C LEU D 208 -5.54 -6.44 -16.02
N LYS D 209 -4.63 -6.07 -16.92
CA LYS D 209 -4.92 -5.18 -18.04
C LYS D 209 -6.09 -5.64 -18.92
N THR D 210 -6.13 -6.93 -19.25
CA THR D 210 -7.12 -7.47 -20.19
C THR D 210 -8.36 -8.00 -19.48
N SER D 211 -8.32 -8.05 -18.16
CA SER D 211 -9.45 -8.54 -17.40
C SER D 211 -10.33 -7.37 -16.97
N SER D 212 -11.57 -7.65 -16.63
CA SER D 212 -12.47 -6.65 -16.09
C SER D 212 -12.44 -6.66 -14.56
N GLN D 213 -11.82 -7.68 -14.00
CA GLN D 213 -11.63 -7.78 -12.54
C GLN D 213 -10.64 -6.74 -11.99
N SER D 214 -10.92 -6.23 -10.79
CA SER D 214 -10.04 -5.31 -10.10
C SER D 214 -8.88 -6.05 -9.45
N PRO D 215 -7.83 -5.31 -9.03
CA PRO D 215 -6.80 -5.94 -8.21
C PRO D 215 -7.36 -6.70 -7.01
N HIS D 216 -8.30 -6.08 -6.28
CA HIS D 216 -8.89 -6.77 -5.15
C HIS D 216 -9.72 -8.02 -5.51
N ASP D 217 -10.35 -8.00 -6.68
CA ASP D 217 -11.06 -9.17 -7.22
C ASP D 217 -10.11 -10.36 -7.43
N PHE D 218 -8.96 -10.10 -8.02
CA PHE D 218 -7.93 -11.12 -8.19
C PHE D 218 -7.42 -11.67 -6.86
N ILE D 219 -7.15 -10.77 -5.92
CA ILE D 219 -6.74 -11.19 -4.59
C ILE D 219 -7.76 -12.18 -3.99
N ASP D 220 -9.04 -11.85 -4.05
CA ASP D 220 -10.08 -12.81 -3.64
C ASP D 220 -9.95 -14.18 -4.32
N ALA D 221 -9.64 -14.19 -5.63
CA ALA D 221 -9.56 -15.45 -6.37
C ALA D 221 -8.37 -16.30 -5.95
N ILE D 222 -7.26 -15.65 -5.64
CA ILE D 222 -6.01 -16.31 -5.35
C ILE D 222 -5.96 -16.78 -3.89
N CYS D 223 -6.60 -16.01 -3.01
CA CYS D 223 -6.65 -16.33 -1.59
C CYS D 223 -7.59 -17.49 -1.27
N SER D 224 -7.13 -18.72 -1.48
CA SER D 224 -7.84 -19.91 -1.02
C SER D 224 -8.09 -19.83 0.47
N PRO D 225 -9.32 -20.17 0.91
CA PRO D 225 -9.61 -20.16 2.34
C PRO D 225 -8.66 -21.06 3.12
N GLY D 226 -8.09 -20.55 4.22
CA GLY D 226 -7.16 -21.34 5.04
C GLY D 226 -5.87 -21.68 4.29
N GLY D 227 -5.57 -20.92 3.23
CA GLY D 227 -4.37 -21.14 2.43
C GLY D 227 -3.15 -20.30 2.80
N THR D 228 -2.17 -20.36 1.90
CA THR D 228 -0.89 -19.68 2.07
C THR D 228 -0.95 -18.17 1.71
N THR D 229 -1.70 -17.81 0.67
CA THR D 229 -1.75 -16.42 0.16
C THR D 229 -2.40 -15.48 1.18
N ILE D 230 -3.54 -15.88 1.72
CA ILE D 230 -4.17 -15.11 2.78
C ILE D 230 -3.26 -14.93 4.02
N ALA D 231 -2.48 -15.96 4.38
CA ALA D 231 -1.44 -15.81 5.41
C ALA D 231 -0.45 -14.67 5.08
N GLY D 232 0.09 -14.68 3.86
CA GLY D 232 1.07 -13.68 3.48
C GLY D 232 0.42 -12.32 3.29
N LEU D 233 -0.82 -12.32 2.80
CA LEU D 233 -1.59 -11.10 2.63
C LEU D 233 -1.82 -10.35 3.96
N MET D 234 -2.21 -11.09 5.01
CA MET D 234 -2.40 -10.48 6.33
C MET D 234 -1.07 -10.01 6.96
N GLU D 235 0.05 -10.61 6.55
CA GLU D 235 1.35 -10.14 7.01
C GLU D 235 1.72 -8.79 6.36
N LEU D 236 1.41 -8.63 5.06
CA LEU D 236 1.53 -7.36 4.36
C LEU D 236 0.64 -6.27 4.96
N GLU D 237 -0.58 -6.64 5.38
CA GLU D 237 -1.45 -5.74 6.13
C GLU D 237 -0.84 -5.37 7.48
N ARG D 238 -0.35 -6.36 8.21
CA ARG D 238 0.23 -6.12 9.53
C ARG D 238 1.39 -5.13 9.47
N LEU D 239 2.24 -5.28 8.44
CA LEU D 239 3.50 -4.52 8.34
C LEU D 239 3.35 -3.22 7.55
N GLY D 240 2.18 -3.00 6.94
CA GLY D 240 1.82 -1.74 6.27
C GLY D 240 2.27 -1.57 4.82
N LEU D 241 2.21 -2.63 4.02
CA LEU D 241 2.60 -2.50 2.60
C LEU D 241 1.96 -1.25 1.95
N THR D 242 0.63 -1.16 2.02
CA THR D 242 -0.12 -0.08 1.37
C THR D 242 0.25 1.30 1.94
N ALA D 243 0.24 1.42 3.25
CA ALA D 243 0.66 2.67 3.90
C ALA D 243 2.08 3.13 3.48
N THR D 244 2.99 2.14 3.40
CA THR D 244 4.38 2.36 3.01
C THR D 244 4.49 2.89 1.60
N VAL D 245 3.83 2.23 0.64
CA VAL D 245 3.79 2.70 -0.75
C VAL D 245 3.18 4.11 -0.85
N SER D 246 2.09 4.32 -0.12
CA SER D 246 1.39 5.59 -0.21
C SER D 246 2.25 6.74 0.36
N SER D 247 2.93 6.46 1.47
CA SER D 247 3.82 7.44 2.07
C SER D 247 4.98 7.78 1.13
N ALA D 248 5.53 6.76 0.46
CA ALA D 248 6.60 6.97 -0.54
C ALA D 248 6.14 7.83 -1.71
N ILE D 249 4.94 7.58 -2.20
CA ILE D 249 4.41 8.43 -3.23
C ILE D 249 4.23 9.87 -2.73
N ASP D 250 3.68 10.05 -1.53
CA ASP D 250 3.59 11.37 -0.92
C ASP D 250 4.95 12.08 -0.86
N LYS D 251 6.00 11.38 -0.44
CA LYS D 251 7.36 11.96 -0.39
C LYS D 251 7.89 12.38 -1.78
N THR D 252 7.60 11.55 -2.77
CA THR D 252 7.96 11.81 -4.17
C THR D 252 7.30 13.10 -4.64
N ILE D 253 6.02 13.23 -4.31
CA ILE D 253 5.23 14.40 -4.69
C ILE D 253 5.69 15.65 -3.95
N ASP D 254 5.84 15.58 -2.61
CA ASP D 254 6.50 16.66 -1.84
C ASP D 254 7.82 17.17 -2.47
N LYS D 255 8.67 16.23 -2.88
CA LYS D 255 9.94 16.61 -3.51
C LYS D 255 9.70 17.33 -4.83
N ALA D 256 8.75 16.85 -5.62
CA ALA D 256 8.44 17.49 -6.89
C ALA D 256 7.95 18.92 -6.63
N LYS D 257 7.04 19.08 -5.67
CA LYS D 257 6.55 20.38 -5.27
C LYS D 257 7.70 21.31 -4.86
N SER D 258 8.66 20.78 -4.10
CA SER D 258 9.75 21.64 -3.61
C SER D 258 10.75 22.02 -4.71
N LEU D 259 10.86 21.20 -5.75
CA LEU D 259 11.74 21.53 -6.89
C LEU D 259 11.21 22.73 -7.70
N SER E 1 61.41 32.13 -3.59
CA SER E 1 61.37 30.74 -4.12
C SER E 1 59.94 30.29 -4.42
N ASN E 2 59.75 28.98 -4.63
CA ASN E 2 58.42 28.38 -4.64
C ASN E 2 57.82 28.31 -3.23
N ALA E 3 58.66 28.53 -2.23
CA ALA E 3 58.22 28.49 -0.83
C ALA E 3 57.43 29.74 -0.48
N MET E 4 56.26 29.54 0.11
CA MET E 4 55.49 30.65 0.66
C MET E 4 55.41 30.52 2.17
N LYS E 5 54.99 31.58 2.85
CA LYS E 5 54.78 31.50 4.30
C LYS E 5 53.29 31.29 4.57
N ILE E 6 52.98 30.23 5.34
CA ILE E 6 51.59 29.89 5.65
C ILE E 6 51.34 30.02 7.14
N GLY E 7 50.33 30.82 7.47
CA GLY E 7 49.89 31.01 8.84
C GLY E 7 48.56 30.35 9.14
N ILE E 8 48.48 29.75 10.31
CA ILE E 8 47.27 29.05 10.73
C ILE E 8 46.70 29.74 11.96
N ILE E 9 45.48 30.25 11.84
CA ILE E 9 44.80 30.85 12.98
C ILE E 9 43.84 29.84 13.58
N GLY E 10 44.09 29.48 14.84
CA GLY E 10 43.30 28.46 15.53
C GLY E 10 43.79 27.09 15.11
N VAL E 11 44.14 26.29 16.10
CA VAL E 11 44.67 24.96 15.82
C VAL E 11 44.05 23.97 16.79
N GLY E 12 42.95 23.39 16.34
CA GLY E 12 42.36 22.31 17.09
C GLY E 12 42.80 21.00 16.49
N LYS E 13 41.93 20.02 16.59
CA LYS E 13 42.24 18.67 16.15
C LYS E 13 42.45 18.56 14.63
N MET E 14 41.58 19.21 13.86
CA MET E 14 41.61 19.13 12.39
C MET E 14 42.82 19.90 11.84
N ALA E 15 43.03 21.13 12.32
CA ALA E 15 44.21 21.89 11.94
C ALA E 15 45.52 21.16 12.28
N SER E 16 45.58 20.52 13.45
CA SER E 16 46.76 19.73 13.85
C SER E 16 47.00 18.59 12.87
N ALA E 17 45.93 17.87 12.53
CA ALA E 17 46.01 16.76 11.59
C ALA E 17 46.61 17.14 10.23
N ILE E 18 46.34 18.33 9.71
CA ILE E 18 46.91 18.73 8.40
C ILE E 18 48.35 19.28 8.45
N ILE E 19 48.81 19.63 9.65
CA ILE E 19 50.16 20.15 9.87
C ILE E 19 51.21 19.17 9.34
N LYS E 20 51.07 17.92 9.75
CA LYS E 20 51.99 16.87 9.33
C LYS E 20 52.19 16.86 7.81
N GLY E 21 51.10 16.99 7.07
CA GLY E 21 51.17 17.03 5.61
C GLY E 21 51.84 18.30 5.14
N LEU E 22 51.51 19.41 5.78
CA LEU E 22 52.07 20.72 5.42
C LEU E 22 53.58 20.78 5.68
N LYS E 23 54.05 20.04 6.68
CA LYS E 23 55.49 19.89 6.94
C LYS E 23 56.24 19.22 5.79
N GLN E 24 55.56 18.37 5.03
CA GLN E 24 56.20 17.68 3.89
C GLN E 24 56.16 18.55 2.63
N THR E 25 55.67 19.77 2.75
CA THR E 25 55.75 20.75 1.66
C THR E 25 56.98 21.66 1.83
N PRO E 26 57.33 22.42 0.77
CA PRO E 26 58.50 23.31 0.88
C PRO E 26 58.22 24.59 1.67
N HIS E 27 57.00 24.76 2.16
CA HIS E 27 56.60 26.04 2.76
C HIS E 27 56.98 26.23 4.23
N GLU E 28 57.03 27.50 4.63
CA GLU E 28 57.30 27.90 6.01
C GLU E 28 55.97 28.06 6.73
N LEU E 29 55.88 27.53 7.94
CA LEU E 29 54.64 27.53 8.69
C LEU E 29 54.75 28.31 10.00
N ILE E 30 53.63 28.90 10.41
CA ILE E 30 53.54 29.65 11.67
C ILE E 30 52.10 29.53 12.18
N ILE E 31 51.92 29.51 13.50
CA ILE E 31 50.60 29.27 14.07
C ILE E 31 50.15 30.39 14.99
N SER E 32 48.86 30.41 15.31
CA SER E 32 48.31 31.35 16.27
C SER E 32 47.12 30.74 17.01
N GLY E 33 47.29 30.55 18.31
CA GLY E 33 46.27 29.91 19.15
C GLY E 33 45.18 30.86 19.61
N SER E 34 44.28 30.38 20.46
CA SER E 34 43.19 31.20 21.03
C SER E 34 43.68 32.19 22.09
N SER E 35 44.93 31.98 22.53
CA SER E 35 45.61 32.89 23.45
C SER E 35 47.11 32.74 23.26
N LEU E 36 47.86 33.77 23.65
CA LEU E 36 49.32 33.71 23.58
C LEU E 36 49.87 32.48 24.33
N GLU E 37 49.27 32.15 25.46
CA GLU E 37 49.64 30.94 26.22
C GLU E 37 49.41 29.67 25.41
N ARG E 38 48.19 29.52 24.89
CA ARG E 38 47.84 28.41 24.00
C ARG E 38 48.80 28.30 22.80
N SER E 39 49.16 29.44 22.22
CA SER E 39 50.08 29.51 21.07
C SER E 39 51.45 28.85 21.32
N LYS E 40 52.11 29.28 22.41
CA LYS E 40 53.40 28.73 22.84
C LYS E 40 53.32 27.22 23.12
N GLU E 41 52.26 26.85 23.82
CA GLU E 41 51.96 25.48 24.21
C GLU E 41 51.94 24.55 23.00
N ILE E 42 51.20 24.96 21.96
CA ILE E 42 51.00 24.09 20.80
C ILE E 42 52.10 24.22 19.76
N ALA E 43 52.78 25.36 19.74
CA ALA E 43 53.98 25.53 18.92
C ALA E 43 55.07 24.57 19.39
N GLU E 44 55.06 24.28 20.69
CA GLU E 44 55.98 23.32 21.27
C GLU E 44 55.61 21.89 20.81
N GLN E 45 54.34 21.54 20.93
CA GLN E 45 53.83 20.22 20.55
C GLN E 45 54.12 19.88 19.08
N LEU E 46 54.03 20.89 18.22
CA LEU E 46 54.17 20.72 16.77
C LEU E 46 55.56 21.07 16.25
N ALA E 47 56.40 21.67 17.11
CA ALA E 47 57.75 22.12 16.76
C ALA E 47 57.76 23.24 15.71
N LEU E 48 56.83 24.19 15.87
CA LEU E 48 56.66 25.26 14.89
C LEU E 48 56.70 26.63 15.55
N PRO E 49 57.07 27.67 14.76
CA PRO E 49 56.98 29.04 15.25
C PRO E 49 55.55 29.44 15.59
N TYR E 50 55.38 30.32 16.57
CA TYR E 50 54.09 30.96 16.82
C TYR E 50 54.21 32.45 16.59
N ALA E 51 53.06 33.12 16.45
CA ALA E 51 53.00 34.58 16.34
C ALA E 51 52.49 35.17 17.65
N MET E 52 52.75 36.46 17.87
CA MET E 52 52.34 37.12 19.10
C MET E 52 50.83 37.40 19.12
N SER E 53 50.23 37.51 17.94
CA SER E 53 48.78 37.69 17.77
C SER E 53 48.37 37.24 16.37
N HIS E 54 47.06 37.12 16.14
CA HIS E 54 46.53 36.82 14.81
C HIS E 54 46.96 37.86 13.80
N GLN E 55 46.90 39.14 14.18
CA GLN E 55 47.31 40.24 13.27
C GLN E 55 48.82 40.22 13.00
N ASP E 56 49.60 39.82 13.98
CA ASP E 56 51.04 39.67 13.80
C ASP E 56 51.34 38.59 12.76
N LEU E 57 50.65 37.45 12.90
CA LEU E 57 50.61 36.37 11.92
C LEU E 57 50.22 36.89 10.54
N ILE E 58 49.11 37.62 10.46
CA ILE E 58 48.61 38.17 9.20
C ILE E 58 49.65 39.05 8.49
N ASP E 59 50.35 39.87 9.27
CA ASP E 59 51.31 40.84 8.71
C ASP E 59 52.53 40.22 8.01
N GLN E 60 52.83 38.95 8.27
CA GLN E 60 54.05 38.32 7.71
C GLN E 60 53.81 37.17 6.72
N VAL E 61 52.56 36.76 6.60
CA VAL E 61 52.19 35.51 5.95
C VAL E 61 51.67 35.73 4.51
N ASP E 62 51.90 34.75 3.63
CA ASP E 62 51.39 34.82 2.24
C ASP E 62 50.01 34.20 2.04
N LEU E 63 49.59 33.39 3.03
CA LEU E 63 48.38 32.59 2.95
C LEU E 63 47.96 32.28 4.37
N VAL E 64 46.68 32.50 4.67
CA VAL E 64 46.11 32.14 5.97
C VAL E 64 45.22 30.91 5.84
N ILE E 65 45.40 29.94 6.75
CA ILE E 65 44.45 28.82 6.89
C ILE E 65 43.70 29.02 8.21
N LEU E 66 42.38 28.99 8.17
CA LEU E 66 41.59 29.11 9.41
C LEU E 66 41.25 27.75 10.00
N GLY E 67 41.69 27.51 11.24
CA GLY E 67 41.37 26.26 11.92
C GLY E 67 40.40 26.41 13.10
N ILE E 68 39.78 27.60 13.20
CA ILE E 68 38.78 27.87 14.23
C ILE E 68 37.43 27.24 13.85
N LYS E 69 36.58 27.00 14.85
CA LYS E 69 35.27 26.42 14.61
C LYS E 69 34.30 27.43 14.00
N PRO E 70 33.32 26.95 13.21
CA PRO E 70 32.38 27.87 12.55
C PRO E 70 31.74 28.92 13.49
N GLN E 71 31.36 28.50 14.70
CA GLN E 71 30.69 29.38 15.69
C GLN E 71 31.50 30.64 16.10
N LEU E 72 32.80 30.60 15.89
CA LEU E 72 33.71 31.67 16.32
C LEU E 72 34.18 32.63 15.22
N PHE E 73 33.79 32.34 13.98
CA PHE E 73 34.22 33.12 12.81
C PHE E 73 33.96 34.63 12.95
N GLU E 74 32.71 35.01 13.20
CA GLU E 74 32.33 36.41 13.38
C GLU E 74 33.16 37.13 14.46
N THR E 75 33.13 36.60 15.68
CA THR E 75 33.87 37.13 16.82
C THR E 75 35.37 37.30 16.53
N VAL E 76 36.01 36.25 16.03
CA VAL E 76 37.46 36.24 15.87
C VAL E 76 37.95 37.02 14.63
N LEU E 77 37.19 36.97 13.54
CA LEU E 77 37.67 37.50 12.24
C LEU E 77 37.44 39.00 12.00
N LYS E 78 36.34 39.53 12.51
CA LYS E 78 35.90 40.88 12.18
C LYS E 78 36.92 41.99 12.54
N PRO E 79 37.49 41.97 13.77
CA PRO E 79 38.58 42.87 14.20
C PRO E 79 39.91 42.79 13.43
N LEU E 80 40.12 41.70 12.71
CA LEU E 80 41.40 41.49 12.01
C LEU E 80 41.41 42.21 10.66
N HIS E 81 42.60 42.52 10.16
CA HIS E 81 42.72 43.07 8.82
C HIS E 81 43.55 42.14 7.94
N PHE E 82 42.87 41.45 7.04
CA PHE E 82 43.53 40.46 6.18
C PHE E 82 44.09 41.07 4.90
N LYS E 83 45.17 40.47 4.41
CA LYS E 83 45.95 41.05 3.32
C LYS E 83 46.35 40.00 2.27
N GLN E 84 45.76 38.81 2.34
CA GLN E 84 46.20 37.66 1.54
C GLN E 84 45.05 36.66 1.38
N PRO E 85 45.20 35.68 0.46
CA PRO E 85 44.17 34.67 0.29
C PRO E 85 43.95 33.89 1.58
N ILE E 86 42.70 33.52 1.84
CA ILE E 86 42.37 32.76 3.04
C ILE E 86 41.69 31.43 2.67
N ILE E 87 42.07 30.37 3.37
CA ILE E 87 41.42 29.07 3.27
C ILE E 87 40.67 28.80 4.57
N SER E 88 39.37 28.57 4.44
CA SER E 88 38.53 28.14 5.57
C SER E 88 38.27 26.63 5.49
N MET E 89 38.32 25.95 6.64
CA MET E 89 37.97 24.52 6.69
C MET E 89 36.63 24.26 7.39
N ALA E 90 35.90 25.35 7.67
CA ALA E 90 34.71 25.30 8.52
C ALA E 90 33.50 24.76 7.78
N ALA E 91 32.77 23.89 8.48
CA ALA E 91 31.52 23.35 8.00
C ALA E 91 30.47 24.43 8.03
N GLY E 92 29.67 24.47 6.97
CA GLY E 92 28.47 25.29 6.92
C GLY E 92 28.61 26.79 6.68
N ILE E 93 29.82 27.27 6.41
CA ILE E 93 30.01 28.71 6.20
C ILE E 93 30.44 28.96 4.77
N SER E 94 29.61 29.69 4.03
CA SER E 94 29.85 29.98 2.62
C SER E 94 31.00 30.96 2.43
N LEU E 95 31.53 30.95 1.22
CA LEU E 95 32.53 31.91 0.77
C LEU E 95 31.95 33.32 0.76
N GLN E 96 30.64 33.41 0.49
CA GLN E 96 29.94 34.69 0.52
C GLN E 96 29.92 35.26 1.93
N ARG E 97 29.54 34.45 2.91
CA ARG E 97 29.58 34.87 4.32
C ARG E 97 30.98 35.21 4.76
N LEU E 98 31.97 34.39 4.38
CA LEU E 98 33.36 34.64 4.79
C LEU E 98 33.82 36.03 4.31
N ALA E 99 33.50 36.37 3.06
CA ALA E 99 33.82 37.68 2.50
C ALA E 99 33.21 38.84 3.27
N THR E 100 32.03 38.65 3.85
CA THR E 100 31.40 39.72 4.67
C THR E 100 32.16 39.91 5.99
N PHE E 101 32.82 38.86 6.46
CA PHE E 101 33.60 38.95 7.71
C PHE E 101 34.98 39.55 7.46
N VAL E 102 35.50 39.35 6.27
CA VAL E 102 36.95 39.40 6.01
C VAL E 102 37.32 40.40 4.90
N GLY E 103 36.37 40.67 3.99
CA GLY E 103 36.61 41.56 2.86
C GLY E 103 36.20 41.02 1.51
N GLN E 104 35.73 41.92 0.65
CA GLN E 104 35.32 41.61 -0.72
C GLN E 104 36.49 41.67 -1.69
N ASP E 105 37.68 41.98 -1.19
CA ASP E 105 38.84 42.14 -2.07
C ASP E 105 39.81 40.97 -2.03
N LEU E 106 39.45 39.90 -1.31
CA LEU E 106 40.36 38.76 -1.14
C LEU E 106 39.95 37.50 -1.90
N PRO E 107 40.95 36.79 -2.48
CA PRO E 107 40.71 35.40 -2.91
C PRO E 107 40.42 34.54 -1.66
N LEU E 108 39.32 33.80 -1.69
CA LEU E 108 38.94 32.93 -0.57
C LEU E 108 38.66 31.56 -1.08
N LEU E 109 39.07 30.56 -0.30
CA LEU E 109 38.89 29.17 -0.66
C LEU E 109 38.28 28.39 0.47
N ARG E 110 37.49 27.38 0.12
CA ARG E 110 37.00 26.48 1.15
C ARG E 110 37.56 25.09 0.97
N ILE E 111 37.92 24.47 2.07
CA ILE E 111 38.22 23.04 2.06
C ILE E 111 37.35 22.27 3.06
N MET E 112 37.13 20.99 2.78
CA MET E 112 36.48 20.13 3.75
C MET E 112 37.30 18.86 3.83
N PRO E 113 38.21 18.80 4.82
CA PRO E 113 39.10 17.66 5.08
C PRO E 113 38.44 16.69 6.09
N ASN E 114 39.12 15.60 6.39
CA ASN E 114 38.69 14.72 7.47
C ASN E 114 39.91 14.25 8.25
N MET E 115 39.66 13.61 9.39
CA MET E 115 40.71 13.22 10.32
C MET E 115 41.76 12.27 9.74
N ASN E 116 41.46 11.64 8.60
CA ASN E 116 42.43 10.79 7.93
C ASN E 116 43.67 11.55 7.37
N ALA E 117 43.56 12.88 7.32
CA ALA E 117 44.71 13.75 7.14
C ALA E 117 45.88 13.34 8.05
N GLN E 118 45.55 12.75 9.21
CA GLN E 118 46.54 12.22 10.18
C GLN E 118 47.56 11.24 9.57
N ILE E 119 47.08 10.43 8.64
CA ILE E 119 47.90 9.46 7.95
C ILE E 119 48.02 9.86 6.48
N LEU E 120 47.77 11.15 6.20
CA LEU E 120 47.89 11.72 4.86
C LEU E 120 46.93 11.10 3.83
N GLN E 121 45.71 10.75 4.28
CA GLN E 121 44.70 10.10 3.43
C GLN E 121 43.31 10.73 3.59
N SER E 122 43.31 12.03 3.84
CA SER E 122 42.07 12.80 3.85
C SER E 122 41.38 12.72 2.49
N SER E 123 40.06 12.82 2.53
CA SER E 123 39.29 12.98 1.30
C SER E 123 38.75 14.40 1.39
N THR E 124 39.38 15.32 0.66
CA THR E 124 39.23 16.77 0.86
C THR E 124 38.61 17.46 -0.35
N ALA E 125 37.50 18.13 -0.10
CA ALA E 125 36.85 18.96 -1.11
C ALA E 125 37.54 20.32 -1.21
N LEU E 126 37.53 20.90 -2.39
CA LEU E 126 38.18 22.19 -2.60
C LEU E 126 37.36 23.07 -3.51
N THR E 127 37.14 24.30 -3.11
CA THR E 127 36.49 25.26 -3.98
C THR E 127 37.01 26.68 -3.70
N GLY E 128 36.87 27.59 -4.66
CA GLY E 128 37.31 28.99 -4.49
C GLY E 128 36.32 30.00 -5.00
N ASN E 129 36.38 31.22 -4.48
CA ASN E 129 35.54 32.29 -5.03
C ASN E 129 36.05 32.83 -6.36
N ALA E 130 35.28 33.76 -6.94
CA ALA E 130 35.59 34.35 -8.26
C ALA E 130 36.98 35.01 -8.32
N LEU E 131 37.48 35.44 -7.17
CA LEU E 131 38.81 36.04 -7.06
C LEU E 131 40.01 35.07 -7.15
N VAL E 132 39.76 33.77 -7.02
CA VAL E 132 40.83 32.77 -7.06
C VAL E 132 41.24 32.44 -8.49
N SER E 133 42.50 32.74 -8.83
CA SER E 133 43.05 32.40 -10.14
C SER E 133 43.36 30.89 -10.23
N GLN E 134 43.55 30.41 -11.47
CA GLN E 134 44.00 29.03 -11.73
C GLN E 134 45.29 28.70 -11.01
N GLU E 135 46.24 29.63 -11.00
CA GLU E 135 47.54 29.41 -10.35
C GLU E 135 47.37 29.17 -8.86
N LEU E 136 46.59 30.04 -8.22
CA LEU E 136 46.30 29.92 -6.79
C LEU E 136 45.58 28.63 -6.43
N GLN E 137 44.53 28.26 -7.17
CA GLN E 137 43.80 27.03 -6.87
C GLN E 137 44.73 25.80 -6.98
N ALA E 138 45.58 25.79 -8.00
CA ALA E 138 46.57 24.73 -8.19
C ALA E 138 47.58 24.68 -7.05
N ARG E 139 48.02 25.85 -6.59
CA ARG E 139 48.88 25.95 -5.40
C ARG E 139 48.20 25.40 -4.13
N VAL E 140 46.89 25.68 -3.99
CA VAL E 140 46.15 25.17 -2.84
C VAL E 140 45.89 23.67 -2.98
N ARG E 141 45.54 23.21 -4.18
CA ARG E 141 45.42 21.79 -4.45
C ARG E 141 46.71 21.02 -4.08
N ASP E 142 47.86 21.58 -4.42
CA ASP E 142 49.13 21.04 -3.97
C ASP E 142 49.22 20.91 -2.45
N LEU E 143 48.73 21.91 -1.74
CA LEU E 143 48.63 21.82 -0.27
C LEU E 143 47.71 20.68 0.18
N THR E 144 46.51 20.61 -0.40
CA THR E 144 45.56 19.60 0.05
C THR E 144 46.04 18.18 -0.32
N ASP E 145 46.73 18.07 -1.46
CA ASP E 145 47.28 16.79 -1.93
C ASP E 145 48.37 16.30 -0.99
N SER E 146 48.92 17.20 -0.18
CA SER E 146 49.94 16.79 0.79
C SER E 146 49.41 15.97 1.98
N PHE E 147 48.09 15.97 2.22
CA PHE E 147 47.53 15.21 3.36
C PHE E 147 46.35 14.31 2.96
N GLY E 148 46.26 14.03 1.66
CA GLY E 148 45.26 13.10 1.15
C GLY E 148 45.01 13.32 -0.33
N SER E 149 43.78 13.04 -0.75
CA SER E 149 43.31 13.35 -2.08
C SER E 149 42.46 14.62 -2.04
N THR E 150 42.16 15.13 -3.22
CA THR E 150 41.46 16.42 -3.35
C THR E 150 40.35 16.29 -4.39
N PHE E 151 39.14 16.74 -4.04
CA PHE E 151 38.00 16.68 -4.96
C PHE E 151 37.58 18.11 -5.34
N ASP E 152 37.40 18.33 -6.64
CA ASP E 152 36.85 19.59 -7.14
C ASP E 152 35.33 19.50 -6.99
N ILE E 153 34.82 20.13 -5.94
CA ILE E 153 33.41 20.07 -5.58
C ILE E 153 32.79 21.49 -5.64
N SER E 154 31.64 21.65 -6.29
CA SER E 154 30.92 22.92 -6.28
C SER E 154 30.53 23.29 -4.87
N GLU E 155 30.48 24.58 -4.60
CA GLU E 155 30.15 25.01 -3.25
C GLU E 155 28.77 24.54 -2.81
N LYS E 156 27.81 24.48 -3.73
CA LYS E 156 26.44 24.06 -3.41
C LYS E 156 26.41 22.61 -2.86
N ASP E 157 27.46 21.85 -3.14
CA ASP E 157 27.58 20.45 -2.69
C ASP E 157 28.45 20.29 -1.44
N PHE E 158 28.93 21.40 -0.87
CA PHE E 158 29.82 21.30 0.29
C PHE E 158 29.20 20.70 1.56
N ASP E 159 27.90 20.97 1.82
CA ASP E 159 27.28 20.43 3.05
C ASP E 159 27.15 18.90 2.98
N THR E 160 26.74 18.41 1.82
CA THR E 160 26.67 17.00 1.52
C THR E 160 28.04 16.30 1.61
N PHE E 161 29.06 16.92 1.02
CA PHE E 161 30.42 16.40 1.13
C PHE E 161 30.88 16.36 2.59
N THR E 162 30.57 17.41 3.35
CA THR E 162 30.82 17.43 4.78
C THR E 162 30.29 16.14 5.45
N ALA E 163 29.07 15.74 5.09
CA ALA E 163 28.49 14.52 5.65
C ALA E 163 29.14 13.25 5.15
N LEU E 164 29.31 13.15 3.82
CA LEU E 164 29.88 11.96 3.19
C LEU E 164 31.36 11.71 3.48
N ALA E 165 32.13 12.77 3.70
CA ALA E 165 33.59 12.59 3.85
C ALA E 165 34.15 13.11 5.16
N GLY E 166 33.55 14.18 5.70
CA GLY E 166 34.08 14.86 6.89
C GLY E 166 33.60 14.23 8.18
N SER E 167 32.30 13.94 8.23
CA SER E 167 31.65 13.36 9.40
C SER E 167 31.63 11.84 9.38
N SER E 168 31.60 11.24 8.17
CA SER E 168 31.40 9.79 8.02
C SER E 168 32.47 8.91 8.66
N PRO E 169 33.72 9.39 8.79
CA PRO E 169 34.62 8.53 9.55
C PRO E 169 34.06 8.13 10.91
N ALA E 170 33.42 9.06 11.61
CA ALA E 170 32.81 8.72 12.91
C ALA E 170 31.71 7.66 12.75
N TYR E 171 30.96 7.73 11.64
CA TYR E 171 29.89 6.77 11.42
C TYR E 171 30.43 5.39 11.07
N ILE E 172 31.50 5.38 10.29
CA ILE E 172 32.27 4.19 9.97
C ILE E 172 32.85 3.55 11.23
N TYR E 173 33.45 4.36 12.10
CA TYR E 173 33.92 3.84 13.40
C TYR E 173 32.83 3.20 14.25
N LEU E 174 31.65 3.82 14.29
CA LEU E 174 30.54 3.29 15.10
C LEU E 174 30.11 1.93 14.57
N PHE E 175 30.01 1.82 13.25
CA PHE E 175 29.69 0.60 12.54
C PHE E 175 30.75 -0.48 12.80
N ILE E 176 32.02 -0.13 12.69
CA ILE E 176 33.09 -1.07 13.01
C ILE E 176 33.00 -1.54 14.48
N GLU E 177 32.79 -0.59 15.38
CA GLU E 177 32.67 -0.89 16.81
C GLU E 177 31.45 -1.79 17.07
N ALA E 178 30.36 -1.55 16.33
CA ALA E 178 29.16 -2.41 16.43
C ALA E 178 29.42 -3.88 16.08
N LEU E 179 30.14 -4.11 14.98
CA LEU E 179 30.52 -5.46 14.57
C LEU E 179 31.43 -6.12 15.62
N ALA E 180 32.43 -5.40 16.09
CA ALA E 180 33.34 -5.92 17.11
C ALA E 180 32.62 -6.24 18.42
N LYS E 181 31.69 -5.37 18.81
CA LYS E 181 30.93 -5.56 20.02
C LYS E 181 30.04 -6.81 19.88
N ALA E 182 29.51 -7.04 18.67
CA ALA E 182 28.72 -8.23 18.35
C ALA E 182 29.60 -9.50 18.46
N GLY E 183 30.87 -9.38 18.07
CA GLY E 183 31.88 -10.40 18.34
C GLY E 183 32.11 -10.64 19.82
N VAL E 184 32.25 -9.58 20.62
CA VAL E 184 32.36 -9.77 22.07
C VAL E 184 31.13 -10.52 22.64
N LYS E 185 29.93 -10.09 22.23
CA LYS E 185 28.70 -10.71 22.72
C LYS E 185 28.76 -12.22 22.52
N ASN E 186 29.30 -12.61 21.36
CA ASN E 186 29.35 -13.99 20.95
C ASN E 186 30.70 -14.68 21.17
N GLY E 187 31.47 -14.21 22.15
CA GLY E 187 32.63 -14.95 22.62
C GLY E 187 34.01 -14.61 22.08
N ILE E 188 34.14 -13.56 21.26
CA ILE E 188 35.46 -13.17 20.75
C ILE E 188 35.98 -11.88 21.41
N PRO E 189 37.19 -11.94 22.02
CA PRO E 189 37.80 -10.79 22.68
C PRO E 189 37.77 -9.52 21.82
N LYS E 190 37.51 -8.38 22.45
CA LYS E 190 37.35 -7.10 21.72
C LYS E 190 38.48 -6.82 20.71
N ALA E 191 39.73 -6.95 21.18
CA ALA E 191 40.93 -6.62 20.39
C ALA E 191 40.97 -7.44 19.10
N LYS E 192 40.78 -8.75 19.26
CA LYS E 192 40.75 -9.72 18.19
C LYS E 192 39.56 -9.50 17.24
N ALA E 193 38.38 -9.26 17.82
CA ALA E 193 37.20 -8.89 17.03
C ALA E 193 37.49 -7.63 16.19
N LEU E 194 38.15 -6.62 16.79
CA LEU E 194 38.47 -5.38 16.03
C LEU E 194 39.51 -5.61 14.92
N GLU E 195 40.48 -6.48 15.17
CA GLU E 195 41.50 -6.81 14.20
C GLU E 195 40.85 -7.46 12.96
N ILE E 196 39.99 -8.44 13.19
CA ILE E 196 39.31 -9.18 12.13
C ILE E 196 38.39 -8.26 11.30
N VAL E 197 37.58 -7.44 11.97
CA VAL E 197 36.62 -6.63 11.22
C VAL E 197 37.29 -5.49 10.46
N THR E 198 38.26 -4.84 11.08
CA THR E 198 39.00 -3.73 10.44
C THR E 198 39.69 -4.22 9.17
N GLN E 199 40.29 -5.40 9.26
CA GLN E 199 40.96 -6.02 8.13
C GLN E 199 39.96 -6.36 7.04
N THR E 200 38.80 -6.88 7.43
CA THR E 200 37.72 -7.17 6.49
C THR E 200 37.17 -5.89 5.87
N VAL E 201 37.06 -4.84 6.66
CA VAL E 201 36.56 -3.56 6.13
C VAL E 201 37.54 -3.00 5.09
N LEU E 202 38.82 -2.91 5.46
CA LEU E 202 39.88 -2.54 4.52
C LEU E 202 39.86 -3.32 3.21
N ALA E 203 39.87 -4.66 3.32
CA ALA E 203 39.89 -5.53 2.16
C ALA E 203 38.65 -5.37 1.29
N SER E 204 37.47 -5.32 1.93
CA SER E 204 36.21 -5.14 1.22
C SER E 204 36.19 -3.83 0.44
N ALA E 205 36.60 -2.74 1.09
CA ALA E 205 36.60 -1.46 0.38
C ALA E 205 37.60 -1.43 -0.82
N SER E 206 38.77 -2.09 -0.70
CA SER E 206 39.75 -2.12 -1.78
C SER E 206 39.18 -2.93 -2.92
N ASN E 207 38.54 -4.03 -2.59
CA ASN E 207 37.92 -4.88 -3.59
C ASN E 207 36.90 -4.08 -4.41
N LEU E 208 36.00 -3.38 -3.70
CA LEU E 208 35.02 -2.49 -4.33
C LEU E 208 35.70 -1.46 -5.25
N LYS E 209 36.74 -0.80 -4.74
CA LYS E 209 37.43 0.26 -5.46
C LYS E 209 37.99 -0.19 -6.81
N THR E 210 38.53 -1.42 -6.86
CA THR E 210 39.22 -1.83 -8.05
C THR E 210 38.32 -2.70 -8.94
N SER E 211 37.07 -2.85 -8.53
CA SER E 211 36.13 -3.67 -9.29
C SER E 211 35.17 -2.82 -10.11
N SER E 212 34.58 -3.41 -11.14
CA SER E 212 33.50 -2.75 -11.87
C SER E 212 32.13 -3.10 -11.27
N GLN E 213 32.12 -4.07 -10.36
CA GLN E 213 30.89 -4.48 -9.68
C GLN E 213 30.40 -3.43 -8.70
N SER E 214 29.08 -3.30 -8.59
CA SER E 214 28.47 -2.43 -7.59
C SER E 214 28.49 -3.07 -6.20
N PRO E 215 28.30 -2.26 -5.14
CA PRO E 215 28.06 -2.87 -3.82
C PRO E 215 26.99 -3.96 -3.84
N HIS E 216 25.85 -3.68 -4.48
CA HIS E 216 24.79 -4.69 -4.58
C HIS E 216 25.16 -5.94 -5.36
N ASP E 217 25.98 -5.80 -6.42
CA ASP E 217 26.55 -6.94 -7.14
C ASP E 217 27.34 -7.85 -6.19
N PHE E 218 28.22 -7.26 -5.38
CA PHE E 218 28.96 -8.01 -4.38
C PHE E 218 28.06 -8.71 -3.36
N ILE E 219 26.99 -8.02 -2.96
CA ILE E 219 26.03 -8.61 -2.02
C ILE E 219 25.40 -9.86 -2.60
N ASP E 220 24.98 -9.81 -3.86
CA ASP E 220 24.49 -11.02 -4.55
C ASP E 220 25.52 -12.16 -4.54
N ALA E 221 26.79 -11.82 -4.78
CA ALA E 221 27.86 -12.83 -4.81
C ALA E 221 28.04 -13.56 -3.46
N ILE E 222 27.95 -12.80 -2.36
CA ILE E 222 28.24 -13.27 -1.03
C ILE E 222 27.06 -14.02 -0.41
N CYS E 223 25.85 -13.63 -0.79
CA CYS E 223 24.64 -14.22 -0.25
C CYS E 223 24.31 -15.60 -0.82
N SER E 224 25.07 -16.62 -0.44
CA SER E 224 24.75 -18.00 -0.77
C SER E 224 23.28 -18.27 -0.44
N PRO E 225 22.54 -18.90 -1.38
CA PRO E 225 21.10 -19.17 -1.18
C PRO E 225 20.88 -20.05 0.04
N GLY E 226 19.92 -19.68 0.90
CA GLY E 226 19.67 -20.40 2.15
C GLY E 226 20.85 -20.32 3.11
N GLY E 227 21.68 -19.29 2.96
CA GLY E 227 22.92 -19.19 3.74
C GLY E 227 22.88 -18.26 4.92
N THR E 228 24.05 -17.98 5.51
CA THR E 228 24.14 -17.17 6.72
C THR E 228 24.07 -15.63 6.42
N THR E 229 24.71 -15.21 5.33
CA THR E 229 24.74 -13.79 4.92
C THR E 229 23.36 -13.20 4.60
N ILE E 230 22.56 -13.93 3.81
CA ILE E 230 21.22 -13.48 3.46
C ILE E 230 20.32 -13.37 4.73
N ALA E 231 20.52 -14.25 5.69
CA ALA E 231 19.80 -14.15 6.98
C ALA E 231 20.17 -12.87 7.70
N GLY E 232 21.46 -12.57 7.80
CA GLY E 232 21.89 -11.33 8.43
C GLY E 232 21.47 -10.11 7.63
N LEU E 233 21.47 -10.21 6.30
CA LEU E 233 21.09 -9.09 5.44
C LEU E 233 19.60 -8.78 5.59
N MET E 234 18.74 -9.80 5.66
CA MET E 234 17.31 -9.53 5.83
C MET E 234 17.02 -8.91 7.21
N GLU E 235 17.87 -9.22 8.20
CA GLU E 235 17.76 -8.58 9.53
C GLU E 235 18.18 -7.10 9.50
N LEU E 236 19.17 -6.78 8.67
CA LEU E 236 19.59 -5.41 8.42
C LEU E 236 18.44 -4.60 7.82
N GLU E 237 17.79 -5.18 6.80
CA GLU E 237 16.55 -4.68 6.21
C GLU E 237 15.43 -4.51 7.20
N ARG E 238 15.09 -5.57 7.93
CA ARG E 238 14.04 -5.46 8.93
C ARG E 238 14.26 -4.28 9.87
N LEU E 239 15.48 -4.14 10.40
CA LEU E 239 15.74 -3.13 11.43
C LEU E 239 16.13 -1.77 10.83
N GLY E 240 16.28 -1.71 9.51
CA GLY E 240 16.37 -0.42 8.78
C GLY E 240 17.75 0.21 8.70
N LEU E 241 18.77 -0.61 8.49
CA LEU E 241 20.14 -0.09 8.40
C LEU E 241 20.31 1.10 7.43
N THR E 242 19.81 0.93 6.20
CA THR E 242 19.95 1.91 5.15
C THR E 242 19.21 3.21 5.51
N ALA E 243 17.98 3.07 5.97
CA ALA E 243 17.18 4.20 6.44
C ALA E 243 17.88 4.94 7.59
N THR E 244 18.52 4.19 8.48
CA THR E 244 19.21 4.80 9.63
C THR E 244 20.38 5.68 9.19
N VAL E 245 21.23 5.11 8.34
CA VAL E 245 22.39 5.82 7.81
C VAL E 245 21.98 7.10 7.10
N SER E 246 20.98 6.96 6.23
CA SER E 246 20.50 8.06 5.39
C SER E 246 19.90 9.17 6.25
N SER E 247 19.08 8.77 7.22
CA SER E 247 18.56 9.74 8.19
C SER E 247 19.67 10.46 8.97
N ALA E 248 20.74 9.75 9.36
CA ALA E 248 21.88 10.37 10.05
C ALA E 248 22.65 11.37 9.16
N ILE E 249 22.79 11.06 7.87
CA ILE E 249 23.38 11.97 6.92
C ILE E 249 22.52 13.23 6.75
N ASP E 250 21.20 13.09 6.66
CA ASP E 250 20.27 14.23 6.62
C ASP E 250 20.40 15.15 7.84
N LYS E 251 20.48 14.57 9.03
CA LYS E 251 20.71 15.36 10.25
C LYS E 251 22.06 16.08 10.23
N THR E 252 23.08 15.42 9.70
CA THR E 252 24.42 16.00 9.58
C THR E 252 24.36 17.25 8.70
N ILE E 253 23.70 17.09 7.55
CA ILE E 253 23.52 18.14 6.59
C ILE E 253 22.60 19.26 7.10
N ASP E 254 21.51 18.93 7.79
CA ASP E 254 20.66 19.95 8.43
C ASP E 254 21.53 20.80 9.37
N LYS E 255 22.39 20.13 10.15
CA LYS E 255 23.26 20.86 11.06
C LYS E 255 24.18 21.80 10.28
N ALA E 256 24.85 21.27 9.25
CA ALA E 256 25.72 22.09 8.41
C ALA E 256 24.96 23.32 7.89
N LYS E 257 23.73 23.13 7.39
CA LYS E 257 22.87 24.22 6.90
C LYS E 257 22.59 25.28 7.97
N SER E 258 22.29 24.86 9.19
CA SER E 258 21.96 25.83 10.24
C SER E 258 23.18 26.55 10.81
N LEU E 259 24.37 25.95 10.70
CA LEU E 259 25.61 26.65 11.08
C LEU E 259 25.90 27.87 10.18
NA NA F . 3.16 -28.83 4.37
N PRO G . 13.71 9.50 -15.54
CA PRO G . 13.50 10.91 -15.20
C PRO G . 12.30 11.65 -15.89
O PRO G . 11.27 11.02 -16.18
CB PRO G . 14.87 11.54 -15.47
CG PRO G . 15.87 10.35 -15.11
CD PRO G . 15.06 9.06 -15.12
OXT PRO G . 12.29 12.87 -16.11
N PRO H . 13.34 10.30 -12.37
CA PRO H . 13.41 11.76 -12.11
C PRO H . 13.79 12.05 -10.65
O PRO H . 14.11 11.10 -9.91
CB PRO H . 11.97 12.25 -12.40
CG PRO H . 11.10 11.02 -12.26
CD PRO H . 11.96 9.83 -12.63
OXT PRO H . 13.75 13.21 -10.22
NA NA I . -11.99 -25.62 22.21
N PRO J . -20.01 10.48 -1.54
CA PRO J . -19.42 11.80 -1.67
C PRO J . -20.30 13.02 -1.24
O PRO J . -20.07 14.17 -1.67
CB PRO J . -18.96 11.84 -3.14
CG PRO J . -18.58 10.35 -3.41
CD PRO J . -19.20 9.49 -2.30
OXT PRO J . -21.24 12.87 -0.44
N PRO K . -17.09 11.36 -0.40
CA PRO K . -16.51 12.67 -0.74
C PRO K . -14.98 12.68 -0.61
O PRO K . -14.39 13.75 -0.71
CB PRO K . -17.14 13.62 0.31
CG PRO K . -17.59 12.74 1.45
CD PRO K . -17.72 11.33 0.94
OXT PRO K . -14.35 11.61 -0.40
NA NA L . -12.64 23.72 3.74
N PRO M . -23.44 -14.23 23.18
CA PRO M . -22.72 -15.48 23.41
C PRO M . -23.04 -16.70 22.49
O PRO M . -23.20 -17.86 22.90
CB PRO M . -22.98 -15.74 24.89
CG PRO M . -22.97 -14.28 25.48
CD PRO M . -23.31 -13.32 24.33
OXT PRO M . -23.10 -16.54 21.27
N PRO N . -20.08 -14.60 23.60
CA PRO N . -19.46 -15.81 24.14
C PRO N . -18.05 -15.51 24.64
O PRO N . -17.34 -16.42 25.09
CB PRO N . -19.41 -16.75 22.93
CG PRO N . -19.33 -15.83 21.72
CD PRO N . -20.05 -14.54 22.13
OXT PRO N . -17.62 -14.34 24.61
NA NA O . 7.71 22.27 -8.14
N PRO P . -3.59 -20.23 -7.39
CA PRO P . -3.43 -21.32 -6.43
C PRO P . -2.52 -22.48 -6.84
O PRO P . -2.68 -23.67 -6.49
CB PRO P . -4.89 -21.74 -6.16
CG PRO P . -5.67 -20.41 -6.33
CD PRO P . -4.75 -19.40 -7.03
OXT PRO P . -1.53 -22.22 -7.51
N PRO Q . -3.22 -19.97 -4.00
CA PRO Q . -3.12 -21.11 -3.07
C PRO Q . -3.24 -20.67 -1.60
O PRO Q . -3.14 -21.52 -0.70
CB PRO Q . -1.73 -21.69 -3.37
CG PRO Q . -0.90 -20.47 -3.86
CD PRO Q . -1.89 -19.43 -4.39
OXT PRO Q . -3.44 -19.47 -1.32
NA NA R . 25.32 26.86 7.04
N PRO S . 37.32 16.61 11.31
CA PRO S . 36.57 17.84 11.20
C PRO S . 36.63 18.67 9.90
O PRO S . 36.61 18.15 8.78
CB PRO S . 37.01 18.62 12.45
CG PRO S . 37.26 17.48 13.49
CD PRO S . 37.35 16.16 12.70
OXT PRO S . 36.66 19.90 9.91
N PRO T . 34.07 17.31 12.05
CA PRO T . 33.42 18.63 12.04
C PRO T . 32.09 18.60 12.76
O PRO T . 31.67 17.56 13.31
CB PRO T . 33.21 18.93 10.54
CG PRO T . 33.03 17.54 9.93
CD PRO T . 33.84 16.57 10.80
OXT PRO T . 31.41 19.64 12.83
#